data_9F2B
#
_entry.id   9F2B
#
_cell.length_a   1.00
_cell.length_b   1.00
_cell.length_c   1.00
_cell.angle_alpha   90.00
_cell.angle_beta   90.00
_cell.angle_gamma   90.00
#
_symmetry.space_group_name_H-M   'P 1'
#
loop_
_entity.id
_entity.type
_entity.pdbx_description
1 polymer 'Synaptic vesicle glycoprotein 2B'
2 polymer 'Botulinum neurotoxin type A'
3 branched alpha-L-fucopyranose-(1-6)-2-acetamido-2-deoxy-beta-D-glucopyranose
4 branched alpha-D-mannopyranose-(1-6)-beta-D-mannopyranose-(1-4)-2-acetamido-2-deoxy-beta-D-glucopyranose-(1-4)-[alpha-L-fucopyranose-(1-6)]2-acetamido-2-deoxy-beta-D-glucopyranose
5 non-polymer 2-acetamido-2-deoxy-beta-D-glucopyranose
#
loop_
_entity_poly.entity_id
_entity_poly.type
_entity_poly.pdbx_seq_one_letter_code
_entity_poly.pdbx_strand_id
1 'polypeptide(L)'
;MDDYKYQDNYGGYAPSDGYYRGNESNPEEDAQSDVTEGHDEEDEIYEGEYQGIPHPDDVKAKQAKMAPSRMDSLRGQTDL
MAERLEDEEQLAHQYETIMDECGHGRFQWILFFVLGLALMADGVEVFVVSFALPSAEKDMCLSSSKKGMLGMIVYLGMMA
GAFILGGLADKLGRKRVLSMSLAVNASFASLSSFVQGYGAFLFCRLISGIGIGGALPIVFAYFSEFLSREKRGEHLSWLG
IFWMTGGLYASAMAWSIIPHYGWGFSMGTNYHFHSWRVFVIVCALPCTVSMVALKFMPESPRFLLEMGKHDEAWMILKQV
HDTNMRAKGTPEKVFTVSNIKTPKQMDEFIEIQSSTGTWYQRWLVRFKTIFKQVWDNALYCVMGPYRMNTLILAVVWFAM
AFSYYGLTVWFPDMIRYFQDEEYKSKMKVFFGEHVYGATINFTMENQIHQHGKLVNDKFTRMYFKHVLFEDTFFDECYFE
DVTSTDTYFKNCTIESTIFYNTDLYEHKFINCRFINSTFLEQKEGCHMDLEQDNDFLIYLVSFLGSLSVLPGNIISALLM
DRIGRLKMIGGSMLISAVCCFFLFFGNSESAMIGWQCLFCGTSIAAWNALDVITVELYPTNQRATAFGILNGLCKFGAIL
GNTIFASFVGITKVVPILLAAASLVGGGLIALRLPETREQVLM
;
A
2 'polypeptide(L)'
;MRGSHHHHHHGSLVPRGSPFVNKQFNYKDPVNGVDIAYIKIPNAGQMQPVKAFKIHNKIWVIPERDTFTNPEEGDLNPPP
EAKQVPVSYYDSTYLSTDNEKDNYLKGVTKLFERIYSTDLGRMLLTSIVRGIPFWGGSTIDTELKVIDTNCINVIQPDGS
YRSEELNLVIIGPSADIIQFECKSFGHEVLNLTRNGYGSTQYIRFSPDFTFGFEESLEVDTNPLLGAGKFATDPAVTLAH
QLIHAGHRLYGIAINPNRVFKVNTNAYYEMSGLEVSFEELRTFGGHDAKFIDSLQENEFRLYYYNKFKDIASTLNKAKSI
VGTTASLQYMKNVFKEKYLLSEDTSGKFSVDKLKFDKLYKMLTEIYTEDNFVKFFKVLNAKTFLNFDKAVFKINIVPKVN
YTIYDGFNLRNTNLAANFNGQNTEINNMNFTKLKNFTGLFEFYKLLCVRGIITSKTKSLDKGYNKALNDLCIKVNNWDLF
FSPSEDNFTNDLNKGEEITSDTNIEAAEENISLDLIQQYYLTFNFDNEPENISIENLSSDIIGQLELMPNIERFPNGKKY
ELDKYTMFHYLRAQEFEHGKSRIALTNSVNEALLNPSRVYTFFSSDYVKKVNKATEAAMFLGWVEQLVYDFTDETSEVST
TDKIADITIIIPYIGPALNIGNMLYKDDFVGALIFSGAVILLEFIPEIAIPVLGTFALVSYIANKVLTVQTIDNALSKRN
EKWDEVYKYIVTNWLAKVNTQIDLIRKKMKEALENQAEATKAIINYQYNQYTEEEKNNINFNIDDLSSKLNESINKAMIN
INKFLNQCSVSYLMNSMIPYGVKRLEDFDASLKDALLKYIYDNRGTLIGQVDRLKDKVNNTLSTDIPFQLSKYVDNQRLL
STFTEYIKNIINTSILNLRYESNHLIDLSRYASKINIGSKVNFDPIDKNQIQLFNLESSKIEVILKNAIVYNSMYENFST
SFWIRIPKYFNSISLNNEYTIINCMENNSGWKVSLNYGEIIWTLQDTQEIKQRVVFKYSQMINISDYINRWIFVTITNNR
LNNSKIYINGRLIDQKPISNLGNIHASNNIMFKLDGCRDTHRYIWIKYFNLFDKELNEKEIKDLYDNQSNSGILKDFWGD
YLQYDKPYYMLNLYDPNKYVDVNNVGIRGYMYLKGPRGSVMTTNIYLNSSLYRGAKFIIKKYASGNKDNIVRNNDRVYIN
VVVKNKEYRLATNASQAGVEKILSALEIPDVGNLSQVVVMKSKNDQGITNKCKMNLQDNNGNDIGFIGFHQFNNIAKLVA
SNWYNRQIERSSRTLGCSWEFIPVDDGWGERPLVPPTPGSAWSHPQFEK
;
B
#
# COMPACT_ATOMS: atom_id res chain seq x y z
N TYR A 423 78.11 -38.64 30.24
CA TYR A 423 76.90 -38.45 29.45
C TYR A 423 77.11 -37.41 28.34
N LYS A 424 77.58 -36.23 28.72
CA LYS A 424 77.71 -35.12 27.77
C LYS A 424 78.70 -35.42 26.66
N SER A 425 79.65 -36.31 26.89
CA SER A 425 80.58 -36.67 25.82
C SER A 425 79.85 -37.29 24.64
N LYS A 426 78.85 -38.14 24.90
CA LYS A 426 78.13 -38.82 23.84
C LYS A 426 76.94 -37.99 23.35
N MET A 427 77.18 -36.75 22.94
CA MET A 427 76.13 -35.89 22.42
C MET A 427 76.16 -35.97 20.90
N LYS A 428 75.01 -36.25 20.29
CA LYS A 428 74.91 -36.42 18.85
C LYS A 428 74.37 -35.13 18.23
N VAL A 429 75.17 -34.52 17.37
CA VAL A 429 74.79 -33.30 16.67
C VAL A 429 74.22 -33.69 15.31
N PHE A 430 73.07 -33.12 14.97
CA PHE A 430 72.38 -33.44 13.73
C PHE A 430 72.20 -32.16 12.93
N PHE A 431 72.57 -32.20 11.65
CA PHE A 431 72.55 -31.04 10.78
C PHE A 431 71.93 -31.41 9.45
N GLY A 432 70.97 -30.62 9.00
CA GLY A 432 70.38 -30.81 7.67
C GLY A 432 69.67 -32.13 7.47
N GLU A 433 68.66 -32.41 8.29
CA GLU A 433 67.91 -33.64 8.15
C GLU A 433 66.64 -33.42 7.34
N HIS A 434 66.17 -34.51 6.73
CA HIS A 434 64.94 -34.48 5.90
C HIS A 434 64.22 -35.79 6.21
N VAL A 435 63.40 -35.84 7.26
CA VAL A 435 62.76 -37.06 7.75
C VAL A 435 61.34 -37.07 7.21
N TYR A 436 61.06 -37.98 6.30
CA TYR A 436 59.80 -38.01 5.55
C TYR A 436 58.99 -39.24 5.94
N GLY A 437 57.76 -39.02 6.39
CA GLY A 437 56.82 -40.10 6.61
C GLY A 437 57.30 -41.17 7.58
N ALA A 438 57.96 -40.76 8.65
CA ALA A 438 58.54 -41.69 9.62
C ALA A 438 57.70 -41.71 10.88
N THR A 439 57.35 -42.91 11.33
CA THR A 439 56.66 -43.10 12.60
C THR A 439 57.69 -43.47 13.65
N ILE A 440 57.75 -42.70 14.73
CA ILE A 440 58.73 -42.91 15.79
C ILE A 440 58.05 -43.58 16.96
N ASN A 441 58.65 -44.69 17.40
CA ASN A 441 58.05 -45.56 18.42
C ASN A 441 58.97 -45.80 19.61
N PHE A 442 60.28 -45.61 19.46
CA PHE A 442 61.29 -45.84 20.47
C PHE A 442 61.61 -44.54 21.20
N THR A 443 62.69 -44.54 21.98
CA THR A 443 63.14 -43.38 22.74
C THR A 443 64.48 -42.90 22.17
N MET A 444 64.55 -41.62 21.81
CA MET A 444 65.80 -41.00 21.40
C MET A 444 66.25 -40.02 22.48
N GLU A 445 67.52 -40.06 22.84
CA GLU A 445 68.04 -39.29 23.96
C GLU A 445 69.38 -38.69 23.61
N ASN A 446 69.68 -37.55 24.23
CA ASN A 446 70.97 -36.87 24.13
C ASN A 446 71.33 -36.57 22.67
N GLN A 447 70.51 -35.72 22.06
CA GLN A 447 70.70 -35.30 20.68
C GLN A 447 70.35 -33.83 20.55
N ILE A 448 70.96 -33.17 19.57
CA ILE A 448 70.54 -31.84 19.16
C ILE A 448 70.31 -31.86 17.65
N HIS A 449 69.24 -31.21 17.21
CA HIS A 449 68.90 -31.09 15.80
C HIS A 449 68.98 -29.62 15.41
N GLN A 450 69.60 -29.35 14.26
CA GLN A 450 69.72 -27.99 13.75
C GLN A 450 69.36 -27.98 12.27
N HIS A 451 68.54 -27.01 11.87
CA HIS A 451 68.06 -26.87 10.50
C HIS A 451 67.35 -28.14 10.02
N GLY A 452 66.72 -28.86 10.95
CA GLY A 452 65.99 -30.04 10.56
C GLY A 452 64.71 -29.69 9.82
N LYS A 453 64.24 -30.58 8.94
CA LYS A 453 62.95 -30.35 8.22
C LYS A 453 62.12 -31.61 8.40
N LEU A 454 61.47 -31.74 9.54
CA LEU A 454 60.67 -32.91 9.91
C LEU A 454 59.31 -32.77 9.24
N VAL A 455 59.12 -33.48 8.13
CA VAL A 455 57.91 -33.37 7.31
C VAL A 455 57.12 -34.65 7.44
N ASN A 456 55.85 -34.51 7.83
CA ASN A 456 54.91 -35.63 7.92
C ASN A 456 55.44 -36.74 8.84
N ASP A 457 55.96 -36.33 10.00
CA ASP A 457 56.45 -37.28 10.97
C ASP A 457 55.34 -37.65 11.95
N LYS A 458 55.66 -38.51 12.91
CA LYS A 458 54.68 -38.97 13.89
C LYS A 458 55.41 -39.51 15.09
N PHE A 459 55.23 -38.87 16.25
CA PHE A 459 55.83 -39.30 17.50
C PHE A 459 54.71 -39.83 18.40
N THR A 460 54.70 -41.14 18.61
CA THR A 460 53.64 -41.78 19.38
C THR A 460 54.24 -42.64 20.48
N ARG A 461 53.85 -42.36 21.73
CA ARG A 461 54.18 -43.17 22.89
C ARG A 461 55.70 -43.34 23.02
N MET A 462 56.38 -42.23 23.23
CA MET A 462 57.84 -42.25 23.29
C MET A 462 58.34 -41.28 24.35
N TYR A 463 59.64 -41.32 24.59
CA TYR A 463 60.32 -40.57 25.63
C TYR A 463 61.37 -39.66 25.01
N PHE A 464 61.26 -38.37 25.31
CA PHE A 464 62.23 -37.36 24.90
C PHE A 464 63.14 -37.10 26.09
N LYS A 465 64.44 -37.33 25.92
CA LYS A 465 65.39 -37.19 27.02
C LYS A 465 66.59 -36.37 26.56
N HIS A 466 66.72 -35.15 27.08
CA HIS A 466 67.89 -34.31 26.84
C HIS A 466 68.15 -34.10 25.36
N VAL A 467 67.08 -33.84 24.61
CA VAL A 467 67.15 -33.62 23.17
C VAL A 467 66.67 -32.21 22.87
N LEU A 468 67.39 -31.52 22.00
CA LEU A 468 67.17 -30.12 21.72
C LEU A 468 66.86 -29.92 20.24
N PHE A 469 65.91 -29.03 19.94
CA PHE A 469 65.54 -28.69 18.58
C PHE A 469 65.81 -27.22 18.34
N GLU A 470 66.56 -26.92 17.28
CA GLU A 470 66.84 -25.54 16.91
C GLU A 470 66.66 -25.39 15.41
N ASP A 471 65.97 -24.32 15.01
CA ASP A 471 65.80 -23.97 13.60
C ASP A 471 65.16 -25.10 12.80
N THR A 472 64.37 -25.95 13.46
CA THR A 472 63.74 -27.08 12.79
C THR A 472 62.36 -26.67 12.29
N PHE A 473 62.02 -27.15 11.10
CA PHE A 473 60.77 -26.79 10.44
C PHE A 473 59.87 -28.03 10.42
N PHE A 474 58.93 -28.08 11.35
CA PHE A 474 57.99 -29.18 11.38
C PHE A 474 56.95 -29.02 10.27
N ASP A 475 56.24 -30.11 9.98
CA ASP A 475 55.20 -30.07 8.96
C ASP A 475 54.23 -31.22 9.22
N GLU A 476 53.00 -30.87 9.62
CA GLU A 476 51.90 -31.82 9.82
C GLU A 476 52.32 -33.03 10.67
N CYS A 477 53.29 -32.84 11.55
CA CYS A 477 53.69 -33.91 12.45
C CYS A 477 52.61 -34.14 13.51
N TYR A 478 52.62 -35.34 14.08
CA TYR A 478 51.61 -35.74 15.07
C TYR A 478 52.32 -36.21 16.32
N PHE A 479 51.97 -35.62 17.46
CA PHE A 479 52.57 -35.96 18.75
C PHE A 479 51.50 -36.61 19.61
N GLU A 480 51.73 -37.86 20.02
CA GLU A 480 50.75 -38.59 20.81
C GLU A 480 51.44 -39.34 21.93
N ASP A 481 51.01 -39.08 23.17
CA ASP A 481 51.53 -39.77 24.36
C ASP A 481 53.05 -39.69 24.45
N VAL A 482 53.59 -38.52 24.10
CA VAL A 482 55.02 -38.28 24.17
C VAL A 482 55.34 -37.63 25.52
N THR A 483 56.35 -38.16 26.21
CA THR A 483 56.73 -37.68 27.52
C THR A 483 58.14 -37.11 27.43
N SER A 484 58.30 -35.86 27.84
CA SER A 484 59.53 -35.12 27.59
C SER A 484 60.21 -34.72 28.89
N THR A 485 61.53 -34.72 28.88
CA THR A 485 62.34 -34.34 30.04
C THR A 485 63.53 -33.55 29.55
N ASP A 486 63.66 -32.30 30.00
CA ASP A 486 64.77 -31.42 29.68
C ASP A 486 64.89 -31.12 28.18
N THR A 487 63.88 -31.45 27.39
CA THR A 487 63.90 -31.08 25.99
C THR A 487 63.35 -29.67 25.82
N TYR A 488 63.83 -28.99 24.77
CA TYR A 488 63.50 -27.57 24.61
C TYR A 488 63.52 -27.24 23.12
N PHE A 489 62.41 -26.69 22.63
CA PHE A 489 62.33 -26.25 21.24
C PHE A 489 62.77 -24.79 21.13
N LYS A 490 63.57 -24.49 20.11
CA LYS A 490 64.08 -23.15 19.92
C LYS A 490 64.01 -22.75 18.45
N ASN A 491 63.54 -21.53 18.21
CA ASN A 491 63.43 -20.94 16.84
C ASN A 491 62.78 -21.88 15.84
N CYS A 492 61.92 -22.80 16.28
CA CYS A 492 61.35 -23.77 15.36
C CYS A 492 60.07 -23.24 14.72
N THR A 493 59.89 -23.53 13.45
CA THR A 493 58.65 -23.27 12.73
C THR A 493 57.83 -24.54 12.78
N ILE A 494 56.71 -24.50 13.51
CA ILE A 494 55.87 -25.67 13.73
C ILE A 494 54.57 -25.42 13.00
N GLU A 495 54.26 -26.26 12.01
CA GLU A 495 53.16 -26.00 11.10
C GLU A 495 52.25 -27.22 10.99
N SER A 496 50.95 -26.99 11.17
CA SER A 496 49.90 -27.98 10.90
C SER A 496 50.02 -29.22 11.78
N THR A 497 50.58 -29.07 12.98
CA THR A 497 50.80 -30.20 13.87
C THR A 497 49.63 -30.39 14.82
N ILE A 498 49.62 -31.54 15.49
CA ILE A 498 48.66 -31.83 16.55
C ILE A 498 49.43 -32.34 17.76
N PHE A 499 49.20 -31.72 18.91
CA PHE A 499 49.81 -32.11 20.18
C PHE A 499 48.70 -32.65 21.07
N TYR A 500 48.42 -33.94 20.94
CA TYR A 500 47.34 -34.60 21.69
C TYR A 500 47.94 -35.52 22.73
N ASN A 501 47.48 -35.38 23.97
CA ASN A 501 47.90 -36.22 25.09
C ASN A 501 49.42 -36.13 25.25
N THR A 502 49.88 -34.95 25.65
CA THR A 502 51.29 -34.67 25.78
C THR A 502 51.53 -33.78 26.99
N ASP A 503 52.79 -33.73 27.42
CA ASP A 503 53.21 -32.82 28.49
C ASP A 503 54.13 -31.72 27.98
N LEU A 504 54.26 -31.57 26.67
CA LEU A 504 55.06 -30.50 26.07
C LEU A 504 54.30 -29.20 26.23
N TYR A 505 54.46 -28.60 27.41
CA TYR A 505 53.73 -27.38 27.76
C TYR A 505 54.31 -26.19 27.00
N GLU A 506 53.77 -25.01 27.30
CA GLU A 506 54.22 -23.81 26.61
C GLU A 506 55.66 -23.47 26.97
N HIS A 507 56.04 -23.66 28.23
CA HIS A 507 57.37 -23.26 28.67
C HIS A 507 58.49 -24.03 27.98
N LYS A 508 58.18 -25.17 27.35
CA LYS A 508 59.17 -25.92 26.60
C LYS A 508 59.43 -25.35 25.22
N PHE A 509 58.69 -24.32 24.81
CA PHE A 509 58.86 -23.69 23.52
C PHE A 509 59.43 -22.29 23.72
N ILE A 510 60.54 -22.00 23.03
CA ILE A 510 61.25 -20.73 23.17
C ILE A 510 61.37 -20.09 21.81
N ASN A 511 60.72 -18.93 21.64
CA ASN A 511 60.79 -18.15 20.40
C ASN A 511 60.41 -18.99 19.18
N CYS A 512 59.27 -19.67 19.29
CA CYS A 512 58.78 -20.54 18.24
C CYS A 512 57.53 -19.97 17.60
N ARG A 513 57.42 -20.14 16.28
CA ARG A 513 56.30 -19.65 15.51
C ARG A 513 55.42 -20.84 15.11
N PHE A 514 54.18 -20.86 15.61
CA PHE A 514 53.21 -21.87 15.21
C PHE A 514 52.49 -21.42 13.95
N ILE A 515 52.08 -22.37 13.13
CA ILE A 515 51.33 -22.10 11.90
C ILE A 515 50.22 -23.12 11.81
N ASN A 516 48.96 -22.64 11.84
CA ASN A 516 47.79 -23.49 11.61
C ASN A 516 47.77 -24.70 12.53
N SER A 517 48.48 -24.61 13.67
CA SER A 517 48.69 -25.75 14.55
C SER A 517 47.54 -25.88 15.54
N THR A 518 47.67 -26.83 16.45
CA THR A 518 46.65 -27.04 17.47
C THR A 518 47.28 -27.65 18.72
N PHE A 519 46.55 -27.56 19.81
CA PHE A 519 47.01 -28.07 21.11
C PHE A 519 45.80 -28.71 21.79
N LEU A 520 45.70 -30.03 21.68
CA LEU A 520 44.50 -30.70 22.22
C LEU A 520 44.78 -31.17 23.65
N GLU A 521 44.15 -32.26 24.06
CA GLU A 521 44.30 -32.72 25.47
C GLU A 521 45.79 -32.81 25.79
N GLN A 522 46.17 -32.42 27.00
CA GLN A 522 47.61 -32.43 27.35
C GLN A 522 47.80 -33.12 28.71
N LYS A 523 48.67 -34.13 28.77
CA LYS A 523 48.94 -34.86 30.04
C LYS A 523 49.14 -33.84 31.15
N GLU A 524 48.53 -34.10 32.31
CA GLU A 524 48.62 -33.15 33.44
C GLU A 524 49.88 -33.46 34.26
N GLY A 525 50.64 -32.41 34.61
CA GLY A 525 51.87 -32.60 35.39
C GLY A 525 53.01 -33.05 34.50
N CYS A 526 54.25 -32.70 34.85
CA CYS A 526 55.39 -33.22 34.05
C CYS A 526 55.64 -34.68 34.43
N HIS A 527 56.26 -35.44 33.54
CA HIS A 527 56.53 -36.87 33.82
C HIS A 527 58.00 -37.15 33.55
N MET A 528 58.63 -37.92 34.44
CA MET A 528 60.07 -38.26 34.26
C MET A 528 60.23 -39.77 34.43
N SER B 18 -41.50 23.97 11.66
CA SER B 18 -42.10 24.67 10.54
C SER B 18 -41.75 23.98 9.22
N PRO B 19 -42.75 23.43 8.55
CA PRO B 19 -42.51 22.74 7.28
C PRO B 19 -42.19 23.73 6.16
N PHE B 20 -41.47 23.23 5.16
CA PHE B 20 -41.12 24.04 4.00
C PHE B 20 -42.35 24.50 3.25
N VAL B 21 -43.06 23.55 2.65
CA VAL B 21 -44.26 23.86 1.87
C VAL B 21 -45.46 23.82 2.80
N ASN B 22 -46.20 24.92 2.85
CA ASN B 22 -47.36 25.05 3.73
C ASN B 22 -48.64 24.75 2.96
N LYS B 23 -49.60 24.12 3.63
CA LYS B 23 -50.96 23.98 3.11
C LYS B 23 -50.97 23.21 1.77
N GLN B 24 -50.70 21.90 1.89
CA GLN B 24 -50.65 21.00 0.75
C GLN B 24 -51.77 21.28 -0.24
N PHE B 25 -51.45 21.12 -1.53
CA PHE B 25 -52.24 21.73 -2.59
C PHE B 25 -53.16 20.78 -3.36
N ASN B 26 -53.10 19.47 -3.09
CA ASN B 26 -53.81 18.49 -3.89
C ASN B 26 -53.50 18.71 -5.37
N TYR B 27 -54.47 18.59 -6.26
CA TYR B 27 -54.25 19.07 -7.62
C TYR B 27 -55.38 19.94 -8.16
N LYS B 28 -56.62 19.58 -7.87
CA LYS B 28 -57.77 20.17 -8.54
C LYS B 28 -58.36 21.35 -7.77
N ASP B 29 -57.56 22.00 -6.93
CA ASP B 29 -57.99 23.22 -6.27
C ASP B 29 -58.13 24.33 -7.29
N PRO B 30 -58.88 25.41 -6.97
CA PRO B 30 -59.19 26.41 -7.99
C PRO B 30 -57.99 27.19 -8.50
N VAL B 31 -58.26 28.17 -9.36
CA VAL B 31 -57.26 28.89 -10.13
C VAL B 31 -56.94 30.22 -9.45
N ASN B 32 -57.03 30.24 -8.12
CA ASN B 32 -57.06 31.44 -7.28
C ASN B 32 -56.19 32.59 -7.78
N GLY B 33 -54.91 32.35 -8.01
CA GLY B 33 -54.08 33.39 -8.56
C GLY B 33 -52.82 33.71 -7.77
N VAL B 34 -52.70 33.16 -6.56
CA VAL B 34 -51.55 33.41 -5.71
C VAL B 34 -50.76 32.13 -5.44
N ASP B 35 -51.43 31.00 -5.25
CA ASP B 35 -50.75 29.75 -4.93
C ASP B 35 -51.00 28.65 -5.94
N ILE B 36 -52.11 28.71 -6.68
CA ILE B 36 -52.48 27.74 -7.71
C ILE B 36 -53.11 28.53 -8.84
N ALA B 37 -52.41 28.64 -9.97
CA ALA B 37 -52.97 29.47 -11.03
C ALA B 37 -52.39 29.07 -12.37
N TYR B 38 -53.07 29.49 -13.44
CA TYR B 38 -52.56 29.31 -14.78
C TYR B 38 -51.44 30.32 -15.02
N ILE B 39 -50.29 29.82 -15.49
CA ILE B 39 -49.12 30.65 -15.70
C ILE B 39 -48.63 30.46 -17.12
N LYS B 40 -47.88 31.44 -17.60
CA LYS B 40 -47.28 31.40 -18.93
C LYS B 40 -45.78 31.65 -18.80
N ILE B 41 -44.99 30.59 -18.80
CA ILE B 41 -43.53 30.70 -18.71
C ILE B 41 -43.01 31.28 -20.01
N PRO B 42 -41.82 31.87 -20.03
CA PRO B 42 -41.26 32.34 -21.31
C PRO B 42 -41.06 31.19 -22.28
N ASN B 43 -41.22 31.49 -23.56
CA ASN B 43 -41.09 30.48 -24.60
C ASN B 43 -40.73 31.17 -25.91
N ALA B 44 -40.31 30.35 -26.88
CA ALA B 44 -39.89 30.90 -28.18
C ALA B 44 -41.05 31.55 -28.91
N GLY B 45 -42.22 30.91 -28.92
CA GLY B 45 -43.36 31.44 -29.65
C GLY B 45 -44.55 31.74 -28.76
N GLN B 46 -45.67 31.08 -29.03
CA GLN B 46 -46.89 31.23 -28.25
C GLN B 46 -47.24 29.90 -27.62
N MET B 47 -47.53 29.91 -26.32
CA MET B 47 -47.84 28.70 -25.58
C MET B 47 -49.13 28.89 -24.79
N GLN B 48 -49.94 27.84 -24.76
CA GLN B 48 -51.16 27.87 -23.98
C GLN B 48 -50.83 27.92 -22.49
N PRO B 49 -51.56 28.73 -21.71
CA PRO B 49 -51.28 28.78 -20.27
C PRO B 49 -51.41 27.41 -19.61
N VAL B 50 -50.51 27.14 -18.69
CA VAL B 50 -50.41 25.85 -18.04
C VAL B 50 -50.59 26.03 -16.54
N LYS B 51 -51.33 25.13 -15.91
CA LYS B 51 -51.62 25.25 -14.48
C LYS B 51 -50.35 24.96 -13.67
N ALA B 52 -49.92 25.93 -12.87
CA ALA B 52 -48.73 25.80 -12.05
C ALA B 52 -49.05 26.23 -10.63
N PHE B 53 -48.44 25.52 -9.66
CA PHE B 53 -48.72 25.75 -8.24
C PHE B 53 -47.45 26.22 -7.56
N LYS B 54 -47.53 27.31 -6.82
CA LYS B 54 -46.39 27.80 -6.06
C LYS B 54 -46.30 27.07 -4.74
N ILE B 55 -45.12 26.53 -4.42
CA ILE B 55 -44.96 25.75 -3.20
C ILE B 55 -44.26 26.54 -2.09
N HIS B 56 -43.60 27.63 -2.41
CA HIS B 56 -42.89 28.45 -1.43
C HIS B 56 -42.56 29.77 -2.10
N ASN B 57 -41.76 30.60 -1.45
CA ASN B 57 -41.34 31.85 -2.04
C ASN B 57 -40.48 31.59 -3.27
N LYS B 58 -40.89 32.14 -4.41
CA LYS B 58 -40.14 32.08 -5.66
C LYS B 58 -39.90 30.65 -6.14
N ILE B 59 -40.73 29.70 -5.74
CA ILE B 59 -40.60 28.32 -6.18
C ILE B 59 -41.95 27.85 -6.71
N TRP B 60 -42.01 27.51 -7.99
CA TRP B 60 -43.21 27.00 -8.63
C TRP B 60 -42.97 25.58 -9.12
N VAL B 61 -44.03 24.80 -9.18
CA VAL B 61 -44.00 23.47 -9.77
C VAL B 61 -45.08 23.40 -10.83
N ILE B 62 -44.72 22.86 -11.99
CA ILE B 62 -45.63 22.70 -13.12
C ILE B 62 -45.73 21.21 -13.44
N PRO B 63 -46.75 20.53 -12.92
CA PRO B 63 -46.86 19.09 -13.17
C PRO B 63 -47.22 18.77 -14.61
N GLU B 64 -46.34 19.11 -15.54
CA GLU B 64 -46.55 18.84 -16.96
C GLU B 64 -45.21 18.48 -17.59
N ARG B 65 -45.30 17.74 -18.70
CA ARG B 65 -44.11 17.40 -19.47
C ARG B 65 -43.51 18.65 -20.09
N ASP B 66 -42.19 18.72 -20.10
CA ASP B 66 -41.49 19.90 -20.62
C ASP B 66 -41.46 19.82 -22.14
N THR B 67 -42.48 20.39 -22.76
CA THR B 67 -42.52 20.55 -24.22
C THR B 67 -42.65 22.01 -24.61
N PHE B 68 -42.39 22.93 -23.68
CA PHE B 68 -42.57 24.35 -23.91
C PHE B 68 -41.25 25.10 -24.09
N THR B 69 -40.32 24.93 -23.15
CA THR B 69 -39.10 25.74 -23.17
C THR B 69 -38.28 25.49 -24.44
N ASN B 70 -38.14 24.22 -24.84
CA ASN B 70 -37.31 23.88 -25.98
C ASN B 70 -38.22 23.59 -27.17
N PRO B 71 -38.18 24.40 -28.24
CA PRO B 71 -39.05 24.12 -29.39
C PRO B 71 -38.68 22.86 -30.14
N GLU B 72 -37.40 22.46 -30.10
CA GLU B 72 -37.00 21.22 -30.73
C GLU B 72 -37.63 20.01 -30.04
N GLU B 73 -37.71 20.04 -28.71
CA GLU B 73 -38.30 18.95 -27.94
C GLU B 73 -39.83 19.10 -27.91
N GLY B 74 -40.43 18.86 -29.07
CA GLY B 74 -41.87 18.93 -29.19
C GLY B 74 -42.54 17.56 -29.24
N ASP B 75 -41.74 16.51 -29.32
CA ASP B 75 -42.25 15.15 -29.44
C ASP B 75 -41.83 14.32 -28.23
N LEU B 76 -42.60 13.28 -27.96
CA LEU B 76 -42.38 12.41 -26.81
C LEU B 76 -41.96 11.00 -27.21
N ASN B 77 -41.73 10.74 -28.49
CA ASN B 77 -41.32 9.43 -28.96
C ASN B 77 -39.80 9.29 -28.91
N PRO B 78 -39.29 8.06 -28.75
CA PRO B 78 -37.85 7.85 -28.73
C PRO B 78 -37.21 8.28 -30.05
N PRO B 79 -36.05 8.93 -30.00
CA PRO B 79 -35.38 9.35 -31.23
C PRO B 79 -34.75 8.17 -31.93
N PRO B 80 -34.54 8.26 -33.25
CA PRO B 80 -33.89 7.15 -33.96
C PRO B 80 -32.49 6.86 -33.47
N GLU B 81 -31.73 7.88 -33.08
CA GLU B 81 -30.36 7.72 -32.62
C GLU B 81 -30.34 7.84 -31.10
N ALA B 82 -30.07 6.72 -30.43
CA ALA B 82 -30.03 6.72 -28.98
C ALA B 82 -28.84 7.54 -28.48
N LYS B 83 -29.00 8.11 -27.30
CA LYS B 83 -27.99 8.99 -26.72
C LYS B 83 -26.84 8.19 -26.14
N GLN B 84 -25.71 8.87 -25.94
CA GLN B 84 -24.53 8.28 -25.31
C GLN B 84 -24.77 8.21 -23.80
N VAL B 85 -25.69 7.33 -23.43
CA VAL B 85 -26.18 7.29 -22.05
C VAL B 85 -26.24 5.84 -21.57
N PRO B 86 -25.82 5.55 -20.33
CA PRO B 86 -25.80 4.14 -19.90
C PRO B 86 -27.19 3.58 -19.63
N VAL B 87 -28.15 4.41 -19.23
CA VAL B 87 -29.50 3.92 -18.93
C VAL B 87 -30.48 5.05 -19.17
N SER B 88 -31.57 4.74 -19.89
CA SER B 88 -32.56 5.75 -20.21
C SER B 88 -33.87 5.05 -20.54
N TYR B 89 -34.97 5.62 -20.05
CA TYR B 89 -36.30 5.08 -20.26
C TYR B 89 -37.14 6.10 -21.02
N TYR B 90 -37.83 5.66 -22.07
CA TYR B 90 -38.62 6.52 -22.91
C TYR B 90 -40.10 6.18 -22.78
N ASP B 91 -40.94 7.20 -22.73
CA ASP B 91 -42.37 6.99 -22.53
C ASP B 91 -43.12 8.15 -23.16
N SER B 92 -44.42 7.93 -23.39
CA SER B 92 -45.25 8.94 -24.03
C SER B 92 -46.52 9.22 -23.23
N THR B 93 -47.01 8.21 -22.50
CA THR B 93 -48.23 8.35 -21.73
C THR B 93 -47.98 8.85 -20.31
N TYR B 94 -46.72 9.07 -19.93
CA TYR B 94 -46.41 9.50 -18.58
C TYR B 94 -46.92 10.91 -18.34
N LEU B 95 -47.43 11.14 -17.12
CA LEU B 95 -47.89 12.46 -16.68
C LEU B 95 -48.96 13.02 -17.62
N SER B 96 -49.82 12.15 -18.13
CA SER B 96 -50.92 12.57 -18.99
C SER B 96 -52.28 12.50 -18.31
N THR B 97 -52.39 11.83 -17.17
CA THR B 97 -53.64 11.67 -16.45
C THR B 97 -53.60 12.47 -15.16
N ASP B 98 -54.80 12.76 -14.64
CA ASP B 98 -54.91 13.57 -13.43
C ASP B 98 -54.24 12.90 -12.24
N ASN B 99 -54.43 11.59 -12.10
CA ASN B 99 -53.81 10.86 -11.00
C ASN B 99 -52.30 10.95 -11.07
N GLU B 100 -51.73 10.85 -12.28
CA GLU B 100 -50.29 10.95 -12.42
C GLU B 100 -49.78 12.32 -11.99
N LYS B 101 -50.50 13.39 -12.38
CA LYS B 101 -50.07 14.73 -12.00
C LYS B 101 -50.16 14.94 -10.49
N ASP B 102 -51.23 14.46 -9.86
CA ASP B 102 -51.33 14.59 -8.40
C ASP B 102 -50.23 13.81 -7.70
N ASN B 103 -49.94 12.60 -8.18
CA ASN B 103 -48.85 11.81 -7.59
C ASN B 103 -47.52 12.50 -7.77
N TYR B 104 -47.28 13.10 -8.93
CA TYR B 104 -46.07 13.87 -9.17
C TYR B 104 -45.96 15.01 -8.17
N LEU B 105 -47.06 15.73 -7.96
CA LEU B 105 -47.05 16.85 -7.03
C LEU B 105 -46.72 16.39 -5.61
N LYS B 106 -47.38 15.34 -5.16
CA LYS B 106 -47.12 14.85 -3.80
C LYS B 106 -45.68 14.38 -3.65
N GLY B 107 -45.15 13.70 -4.66
CA GLY B 107 -43.77 13.26 -4.59
C GLY B 107 -42.80 14.42 -4.52
N VAL B 108 -43.01 15.44 -5.37
CA VAL B 108 -42.11 16.59 -5.37
C VAL B 108 -42.17 17.32 -4.03
N THR B 109 -43.38 17.53 -3.51
CA THR B 109 -43.51 18.23 -2.23
C THR B 109 -42.86 17.44 -1.10
N LYS B 110 -43.06 16.12 -1.08
CA LYS B 110 -42.45 15.31 -0.04
C LYS B 110 -40.94 15.34 -0.12
N LEU B 111 -40.39 15.29 -1.34
CA LEU B 111 -38.94 15.36 -1.48
C LEU B 111 -38.40 16.71 -1.04
N PHE B 112 -39.12 17.79 -1.35
CA PHE B 112 -38.70 19.12 -0.89
C PHE B 112 -38.70 19.19 0.63
N GLU B 113 -39.73 18.65 1.28
CA GLU B 113 -39.75 18.64 2.75
C GLU B 113 -38.61 17.80 3.30
N ARG B 114 -38.32 16.66 2.68
CA ARG B 114 -37.23 15.82 3.15
C ARG B 114 -35.89 16.53 3.06
N ILE B 115 -35.67 17.27 1.96
CA ILE B 115 -34.45 18.05 1.86
C ILE B 115 -34.43 19.16 2.90
N TYR B 116 -35.58 19.81 3.12
CA TYR B 116 -35.63 20.94 4.03
C TYR B 116 -35.36 20.54 5.47
N SER B 117 -35.73 19.32 5.87
CA SER B 117 -35.51 18.90 7.24
C SER B 117 -34.03 18.88 7.58
N THR B 118 -33.21 18.39 6.68
CA THR B 118 -31.76 18.32 6.92
C THR B 118 -31.18 19.73 7.04
N ASP B 119 -30.26 19.90 8.00
CA ASP B 119 -29.66 21.20 8.23
C ASP B 119 -28.99 21.73 6.97
N LEU B 120 -28.21 20.88 6.29
CA LEU B 120 -27.62 21.28 5.03
C LEU B 120 -28.69 21.60 4.00
N GLY B 121 -29.75 20.79 3.94
CA GLY B 121 -30.85 21.09 3.04
C GLY B 121 -31.54 22.39 3.40
N ARG B 122 -31.69 22.66 4.70
CA ARG B 122 -32.30 23.92 5.11
C ARG B 122 -31.48 25.10 4.63
N MET B 123 -30.15 25.01 4.79
CA MET B 123 -29.29 26.08 4.29
C MET B 123 -29.39 26.22 2.78
N LEU B 124 -29.44 25.09 2.06
CA LEU B 124 -29.51 25.15 0.60
C LEU B 124 -30.79 25.82 0.15
N LEU B 125 -31.93 25.43 0.73
CA LEU B 125 -33.20 26.03 0.34
C LEU B 125 -33.26 27.49 0.70
N THR B 126 -32.74 27.88 1.87
CA THR B 126 -32.73 29.29 2.23
C THR B 126 -31.88 30.09 1.25
N SER B 127 -30.71 29.56 0.88
CA SER B 127 -29.86 30.28 -0.07
C SER B 127 -30.50 30.39 -1.44
N ILE B 128 -31.18 29.32 -1.89
CA ILE B 128 -31.84 29.36 -3.20
C ILE B 128 -32.98 30.38 -3.18
N VAL B 129 -33.75 30.43 -2.09
CA VAL B 129 -34.84 31.38 -2.01
C VAL B 129 -34.31 32.81 -1.95
N ARG B 130 -33.23 33.03 -1.21
CA ARG B 130 -32.69 34.38 -1.06
C ARG B 130 -32.11 34.91 -2.36
N GLY B 131 -31.42 34.06 -3.12
CA GLY B 131 -30.65 34.50 -4.26
C GLY B 131 -31.44 34.81 -5.51
N ILE B 132 -32.16 35.93 -5.52
CA ILE B 132 -32.93 36.33 -6.69
C ILE B 132 -31.98 36.78 -7.79
N PRO B 133 -32.37 36.69 -9.06
CA PRO B 133 -31.51 37.18 -10.14
C PRO B 133 -31.33 38.68 -10.10
N PHE B 134 -30.16 39.13 -10.53
CA PHE B 134 -29.82 40.55 -10.53
C PHE B 134 -30.62 41.30 -11.60
N TRP B 135 -30.90 42.57 -11.31
CA TRP B 135 -31.66 43.43 -12.21
C TRP B 135 -30.67 44.17 -13.11
N GLY B 136 -30.41 43.60 -14.28
CA GLY B 136 -29.47 44.22 -15.21
C GLY B 136 -30.01 44.35 -16.62
N GLY B 137 -31.29 44.63 -16.75
CA GLY B 137 -31.92 44.76 -18.04
C GLY B 137 -31.93 46.14 -18.64
N SER B 138 -31.29 47.11 -18.01
CA SER B 138 -31.29 48.49 -18.48
C SER B 138 -30.04 48.75 -19.31
N THR B 139 -30.23 49.31 -20.51
CA THR B 139 -29.11 49.65 -21.36
C THR B 139 -28.27 50.78 -20.74
N ILE B 140 -28.93 51.77 -20.16
CA ILE B 140 -28.24 52.88 -19.52
C ILE B 140 -27.64 52.40 -18.21
N ASP B 141 -26.39 52.77 -17.96
CA ASP B 141 -25.61 52.18 -16.87
C ASP B 141 -26.05 52.62 -15.48
N THR B 142 -26.87 53.66 -15.34
CA THR B 142 -27.28 54.14 -14.04
C THR B 142 -28.73 53.78 -13.72
N GLU B 143 -29.22 52.67 -14.25
CA GLU B 143 -30.57 52.20 -13.97
C GLU B 143 -30.55 50.70 -13.74
N LEU B 144 -31.53 50.20 -13.00
CA LEU B 144 -31.74 48.79 -12.78
C LEU B 144 -33.09 48.38 -13.35
N LYS B 145 -33.09 47.35 -14.18
CA LYS B 145 -34.32 46.85 -14.78
C LYS B 145 -34.29 45.33 -14.80
N VAL B 146 -35.44 44.71 -14.51
CA VAL B 146 -35.53 43.26 -14.47
C VAL B 146 -35.32 42.67 -15.86
N ILE B 147 -34.72 41.49 -15.90
CA ILE B 147 -34.61 40.75 -17.15
C ILE B 147 -35.99 40.24 -17.54
N ASP B 148 -36.39 40.52 -18.78
CA ASP B 148 -37.73 40.14 -19.22
C ASP B 148 -37.92 38.63 -19.25
N THR B 149 -36.85 37.86 -19.35
CA THR B 149 -36.94 36.41 -19.43
C THR B 149 -36.83 35.72 -18.08
N ASN B 150 -36.74 36.48 -16.99
CA ASN B 150 -36.63 35.94 -15.64
C ASN B 150 -37.91 36.14 -14.84
N CYS B 151 -39.07 35.98 -15.49
CA CYS B 151 -40.33 36.22 -14.83
C CYS B 151 -41.45 35.50 -15.57
N ILE B 152 -42.54 35.26 -14.86
CA ILE B 152 -43.70 34.55 -15.39
C ILE B 152 -44.92 35.46 -15.31
N ASN B 153 -46.00 35.02 -15.93
CA ASN B 153 -47.28 35.72 -15.91
C ASN B 153 -48.32 34.75 -15.36
N VAL B 154 -48.80 35.00 -14.15
CA VAL B 154 -49.95 34.28 -13.62
C VAL B 154 -51.21 35.05 -14.00
N ILE B 155 -52.12 34.38 -14.71
CA ILE B 155 -53.35 35.02 -15.15
C ILE B 155 -54.40 34.83 -14.07
N GLN B 156 -54.95 35.94 -13.58
CA GLN B 156 -55.98 35.89 -12.55
C GLN B 156 -57.30 35.44 -13.17
N PRO B 157 -58.20 34.89 -12.35
CA PRO B 157 -59.53 34.51 -12.86
C PRO B 157 -60.30 35.67 -13.47
N ASP B 158 -60.03 36.91 -13.05
CA ASP B 158 -60.70 38.06 -13.64
C ASP B 158 -60.36 38.23 -15.12
N GLY B 159 -59.15 37.85 -15.51
CA GLY B 159 -58.78 37.89 -16.92
C GLY B 159 -57.39 38.42 -17.21
N SER B 160 -56.92 39.36 -16.39
CA SER B 160 -55.61 39.94 -16.59
C SER B 160 -54.53 39.13 -15.88
N TYR B 161 -53.29 39.32 -16.32
CA TYR B 161 -52.14 38.66 -15.74
C TYR B 161 -51.42 39.60 -14.80
N ARG B 162 -50.65 39.04 -13.89
CA ARG B 162 -49.84 39.80 -12.94
C ARG B 162 -48.41 39.27 -13.01
N SER B 163 -47.55 39.97 -13.76
CA SER B 163 -46.18 39.51 -13.94
C SER B 163 -45.47 39.40 -12.60
N GLU B 164 -44.78 38.28 -12.40
CA GLU B 164 -44.10 38.01 -11.13
C GLU B 164 -42.71 37.47 -11.39
N GLU B 165 -41.80 37.77 -10.48
CA GLU B 165 -40.43 37.28 -10.54
C GLU B 165 -40.31 36.04 -9.68
N LEU B 166 -39.57 35.05 -10.18
CA LEU B 166 -39.41 33.78 -9.49
C LEU B 166 -37.98 33.29 -9.63
N ASN B 167 -37.65 32.24 -8.88
CA ASN B 167 -36.31 31.69 -8.83
C ASN B 167 -36.20 30.29 -9.42
N LEU B 168 -37.03 29.36 -8.95
CA LEU B 168 -36.97 27.96 -9.37
C LEU B 168 -38.29 27.54 -10.00
N VAL B 169 -38.20 26.64 -10.96
CA VAL B 169 -39.37 25.99 -11.54
C VAL B 169 -39.07 24.51 -11.67
N ILE B 170 -40.04 23.66 -11.33
CA ILE B 170 -39.91 22.22 -11.45
C ILE B 170 -40.92 21.74 -12.48
N ILE B 171 -40.42 21.07 -13.52
CA ILE B 171 -41.24 20.58 -14.62
C ILE B 171 -40.98 19.09 -14.76
N GLY B 172 -42.00 18.33 -15.17
CA GLY B 172 -41.81 16.94 -15.47
C GLY B 172 -40.83 16.78 -16.61
N PRO B 173 -40.25 15.61 -16.75
CA PRO B 173 -39.14 15.43 -17.69
C PRO B 173 -39.58 15.55 -19.14
N SER B 174 -38.59 15.70 -20.02
CA SER B 174 -38.81 15.75 -21.46
C SER B 174 -39.04 14.33 -21.98
N ALA B 175 -38.88 14.14 -23.29
CA ALA B 175 -39.04 12.81 -23.87
C ALA B 175 -38.24 11.77 -23.10
N ASP B 176 -36.98 12.06 -22.82
CA ASP B 176 -36.19 11.18 -21.97
C ASP B 176 -36.70 11.28 -20.53
N ILE B 177 -37.39 10.25 -20.07
CA ILE B 177 -38.08 10.32 -18.78
C ILE B 177 -37.09 10.49 -17.64
N ILE B 178 -35.96 9.78 -17.69
CA ILE B 178 -35.11 9.66 -16.51
C ILE B 178 -33.82 10.41 -16.81
N GLN B 179 -33.93 11.48 -17.59
CA GLN B 179 -32.83 12.43 -17.78
C GLN B 179 -33.20 13.72 -17.09
N PHE B 180 -32.50 14.03 -16.01
CA PHE B 180 -32.77 15.21 -15.18
C PHE B 180 -31.71 16.27 -15.45
N GLU B 181 -32.14 17.49 -15.73
CA GLU B 181 -31.21 18.56 -16.03
C GLU B 181 -31.83 19.90 -15.65
N CYS B 182 -30.97 20.89 -15.46
CA CYS B 182 -31.38 22.22 -15.05
C CYS B 182 -31.11 23.20 -16.19
N LYS B 183 -32.18 23.69 -16.81
CA LYS B 183 -32.09 24.61 -17.94
C LYS B 183 -32.28 26.04 -17.47
N SER B 184 -31.88 26.98 -18.33
CA SER B 184 -31.99 28.39 -18.01
C SER B 184 -32.26 29.17 -19.29
N PHE B 185 -32.82 30.37 -19.12
CA PHE B 185 -33.14 31.23 -20.25
C PHE B 185 -32.06 32.29 -20.39
N GLY B 186 -31.39 32.31 -21.54
CA GLY B 186 -30.25 33.16 -21.75
C GLY B 186 -30.62 34.56 -22.19
N HIS B 187 -29.59 35.37 -22.40
CA HIS B 187 -29.72 36.75 -22.83
C HIS B 187 -28.99 36.93 -24.15
N GLU B 188 -29.18 38.10 -24.76
CA GLU B 188 -28.60 38.36 -26.07
C GLU B 188 -27.09 38.57 -25.98
N VAL B 189 -26.62 39.26 -24.95
CA VAL B 189 -25.22 39.65 -24.87
C VAL B 189 -24.59 39.15 -23.56
N LEU B 190 -25.41 39.00 -22.53
CA LEU B 190 -24.94 38.68 -21.19
C LEU B 190 -25.06 37.19 -20.92
N ASN B 191 -24.01 36.60 -20.35
CA ASN B 191 -24.05 35.21 -19.88
C ASN B 191 -24.50 35.26 -18.42
N LEU B 192 -25.82 35.21 -18.23
CA LEU B 192 -26.37 35.41 -16.89
C LEU B 192 -25.92 34.34 -15.91
N THR B 193 -25.62 33.13 -16.39
CA THR B 193 -25.34 32.01 -15.50
C THR B 193 -23.86 31.89 -15.14
N ARG B 194 -23.00 32.77 -15.65
CA ARG B 194 -21.58 32.67 -15.32
C ARG B 194 -20.92 34.02 -15.10
N ASN B 195 -21.67 35.12 -15.03
CA ASN B 195 -21.11 36.43 -14.77
C ASN B 195 -21.60 37.02 -13.45
N GLY B 196 -22.26 36.24 -12.62
CA GLY B 196 -22.72 36.70 -11.32
C GLY B 196 -24.11 37.28 -11.30
N TYR B 197 -24.66 37.66 -12.45
CA TYR B 197 -26.01 38.21 -12.48
C TYR B 197 -27.04 37.17 -12.06
N GLY B 198 -26.91 35.95 -12.54
CA GLY B 198 -27.84 34.90 -12.22
C GLY B 198 -29.10 34.96 -13.06
N SER B 199 -29.82 33.83 -13.10
CA SER B 199 -31.06 33.74 -13.86
C SER B 199 -31.89 32.61 -13.29
N THR B 200 -33.18 32.62 -13.64
CA THR B 200 -34.08 31.58 -13.17
C THR B 200 -33.67 30.23 -13.72
N GLN B 201 -33.91 29.18 -12.93
CA GLN B 201 -33.54 27.83 -13.30
C GLN B 201 -34.77 26.94 -13.36
N TYR B 202 -34.98 26.28 -14.49
CA TYR B 202 -36.07 25.33 -14.67
C TYR B 202 -35.50 23.93 -14.58
N ILE B 203 -35.90 23.18 -13.57
CA ILE B 203 -35.39 21.83 -13.34
C ILE B 203 -36.36 20.83 -13.94
N ARG B 204 -35.83 19.87 -14.69
CA ARG B 204 -36.63 18.78 -15.23
C ARG B 204 -36.44 17.57 -14.31
N PHE B 205 -37.36 17.38 -13.38
CA PHE B 205 -37.25 16.32 -12.39
C PHE B 205 -38.54 15.52 -12.31
N SER B 206 -38.39 14.22 -12.05
CA SER B 206 -39.50 13.31 -11.89
C SER B 206 -39.22 12.39 -10.70
N PRO B 207 -40.12 12.30 -9.72
CA PRO B 207 -39.84 11.47 -8.54
C PRO B 207 -40.24 10.02 -8.70
N ASP B 208 -41.11 9.72 -9.67
CA ASP B 208 -41.61 8.36 -9.85
C ASP B 208 -40.53 7.41 -10.39
N PHE B 209 -39.41 7.92 -10.87
CA PHE B 209 -38.39 7.10 -11.50
C PHE B 209 -37.05 7.33 -10.81
N THR B 210 -36.29 6.25 -10.66
CA THR B 210 -34.99 6.34 -9.97
C THR B 210 -33.97 5.41 -10.64
N PHE B 211 -32.78 5.92 -10.92
CA PHE B 211 -31.71 5.08 -11.49
C PHE B 211 -31.34 4.03 -10.46
N GLY B 212 -30.79 2.90 -10.87
CA GLY B 212 -30.34 1.88 -9.91
C GLY B 212 -28.88 1.52 -10.12
N PHE B 213 -28.10 1.46 -9.06
CA PHE B 213 -26.64 1.19 -9.18
C PHE B 213 -26.34 -0.16 -8.53
N GLU B 214 -25.05 -0.48 -8.37
CA GLU B 214 -24.65 -1.74 -7.71
C GLU B 214 -23.45 -1.43 -6.84
N GLU B 215 -23.51 -1.75 -5.54
CA GLU B 215 -22.40 -1.36 -4.66
C GLU B 215 -21.65 -2.60 -4.18
N SER B 216 -20.32 -2.59 -4.31
CA SER B 216 -19.52 -3.74 -3.90
C SER B 216 -18.46 -3.38 -2.87
N LEU B 217 -18.63 -2.28 -2.14
CA LEU B 217 -17.69 -1.86 -1.10
C LEU B 217 -18.43 -1.56 0.20
N GLU B 218 -19.47 -2.33 0.49
CA GLU B 218 -20.26 -2.16 1.70
C GLU B 218 -20.06 -3.31 2.69
N VAL B 219 -19.48 -4.42 2.24
CA VAL B 219 -19.31 -5.61 3.06
C VAL B 219 -18.49 -5.33 4.32
N ASP B 220 -17.72 -4.24 4.33
CA ASP B 220 -16.91 -3.92 5.50
C ASP B 220 -17.74 -3.66 6.74
N THR B 221 -19.03 -3.35 6.58
CA THR B 221 -19.93 -3.15 7.70
C THR B 221 -20.96 -4.25 7.86
N ASN B 222 -21.49 -4.79 6.75
CA ASN B 222 -22.50 -5.84 6.78
C ASN B 222 -22.01 -7.02 5.95
N PRO B 223 -21.22 -7.93 6.53
CA PRO B 223 -20.78 -9.11 5.77
C PRO B 223 -21.92 -10.02 5.35
N LEU B 224 -23.08 -9.94 5.99
CA LEU B 224 -24.21 -10.79 5.66
C LEU B 224 -24.97 -10.32 4.42
N LEU B 225 -24.60 -9.17 3.87
CA LEU B 225 -25.30 -8.65 2.69
C LEU B 225 -25.08 -9.56 1.50
N GLY B 226 -26.08 -9.63 0.63
CA GLY B 226 -26.04 -10.50 -0.52
C GLY B 226 -25.43 -9.84 -1.75
N ALA B 227 -26.20 -9.75 -2.83
CA ALA B 227 -25.75 -9.09 -4.04
C ALA B 227 -25.88 -7.57 -3.86
N GLY B 228 -25.64 -6.82 -4.93
CA GLY B 228 -25.76 -5.38 -4.89
C GLY B 228 -27.13 -4.90 -5.32
N LYS B 229 -27.17 -4.20 -6.45
CA LYS B 229 -28.42 -3.71 -7.05
C LYS B 229 -29.19 -2.82 -6.06
N PHE B 230 -28.56 -1.70 -5.74
CA PHE B 230 -29.16 -0.71 -4.85
C PHE B 230 -29.83 0.39 -5.65
N ALA B 231 -30.90 0.94 -5.06
CA ALA B 231 -31.69 1.94 -5.77
C ALA B 231 -31.33 3.32 -5.24
N THR B 232 -31.08 4.26 -6.15
CA THR B 232 -30.71 5.62 -5.74
C THR B 232 -31.90 6.34 -5.14
N ASP B 233 -31.68 6.98 -4.00
CA ASP B 233 -32.75 7.73 -3.35
C ASP B 233 -33.04 9.00 -4.13
N PRO B 234 -34.30 9.25 -4.53
CA PRO B 234 -34.59 10.44 -5.32
C PRO B 234 -34.28 11.74 -4.62
N ALA B 235 -34.23 11.75 -3.29
CA ALA B 235 -33.90 12.97 -2.57
C ALA B 235 -32.49 13.46 -2.93
N VAL B 236 -31.55 12.53 -3.07
CA VAL B 236 -30.19 12.91 -3.44
C VAL B 236 -30.16 13.51 -4.84
N THR B 237 -30.93 12.93 -5.77
CA THR B 237 -30.98 13.47 -7.13
C THR B 237 -31.56 14.88 -7.13
N LEU B 238 -32.65 15.09 -6.39
CA LEU B 238 -33.21 16.43 -6.30
C LEU B 238 -32.24 17.40 -5.67
N ALA B 239 -31.47 16.93 -4.68
CA ALA B 239 -30.45 17.79 -4.07
C ALA B 239 -29.37 18.16 -5.09
N HIS B 240 -28.99 17.22 -5.94
CA HIS B 240 -28.01 17.51 -6.99
C HIS B 240 -28.53 18.60 -7.92
N GLN B 241 -29.78 18.47 -8.35
CA GLN B 241 -30.35 19.49 -9.21
C GLN B 241 -30.46 20.84 -8.50
N LEU B 242 -30.81 20.82 -7.21
CA LEU B 242 -30.89 22.06 -6.45
C LEU B 242 -29.52 22.71 -6.32
N ILE B 243 -28.47 21.91 -6.17
CA ILE B 243 -27.11 22.45 -6.11
C ILE B 243 -26.75 23.10 -7.44
N HIS B 244 -27.10 22.45 -8.55
CA HIS B 244 -26.86 23.07 -9.86
C HIS B 244 -27.59 24.41 -9.96
N ALA B 245 -28.85 24.45 -9.53
CA ALA B 245 -29.62 25.68 -9.58
C ALA B 245 -29.02 26.75 -8.68
N GLY B 246 -28.51 26.35 -7.52
CA GLY B 246 -27.88 27.30 -6.63
C GLY B 246 -26.61 27.89 -7.20
N HIS B 247 -25.81 27.06 -7.88
CA HIS B 247 -24.63 27.59 -8.56
C HIS B 247 -25.03 28.58 -9.64
N ARG B 248 -26.01 28.22 -10.46
CA ARG B 248 -26.39 29.07 -11.58
C ARG B 248 -27.17 30.31 -11.16
N LEU B 249 -27.77 30.30 -9.96
CA LEU B 249 -28.55 31.44 -9.52
C LEU B 249 -27.66 32.61 -9.10
N TYR B 250 -26.47 32.32 -8.59
CA TYR B 250 -25.50 33.35 -8.27
C TYR B 250 -24.54 33.62 -9.42
N GLY B 251 -24.74 32.96 -10.56
CA GLY B 251 -23.92 33.23 -11.73
C GLY B 251 -22.47 32.88 -11.57
N ILE B 252 -22.17 31.82 -10.83
CA ILE B 252 -20.80 31.37 -10.65
C ILE B 252 -20.58 29.97 -11.23
N ALA B 253 -21.40 29.57 -12.19
CA ALA B 253 -21.25 28.27 -12.83
C ALA B 253 -20.13 28.31 -13.85
N ILE B 254 -19.38 27.20 -13.93
CA ILE B 254 -18.28 27.11 -14.89
C ILE B 254 -18.84 27.02 -16.30
N ASN B 255 -18.10 27.58 -17.25
CA ASN B 255 -18.51 27.52 -18.65
C ASN B 255 -18.59 26.06 -19.09
N PRO B 256 -19.59 25.70 -19.91
CA PRO B 256 -19.75 24.30 -20.30
C PRO B 256 -18.60 23.75 -21.14
N ASN B 257 -17.84 24.59 -21.84
CA ASN B 257 -16.75 24.07 -22.65
C ASN B 257 -15.56 23.63 -21.81
N ARG B 258 -15.48 24.07 -20.55
CA ARG B 258 -14.46 23.54 -19.65
C ARG B 258 -14.82 22.13 -19.26
N VAL B 259 -14.28 21.14 -19.98
CA VAL B 259 -14.70 19.76 -19.87
C VAL B 259 -13.49 18.89 -19.57
N PHE B 260 -13.69 17.88 -18.71
CA PHE B 260 -12.65 16.92 -18.36
C PHE B 260 -12.38 15.99 -19.53
N LYS B 261 -11.38 16.32 -20.35
CA LYS B 261 -11.12 15.55 -21.56
C LYS B 261 -10.32 14.29 -21.23
N VAL B 262 -10.58 13.24 -22.01
CA VAL B 262 -9.92 11.95 -21.87
C VAL B 262 -9.32 11.55 -23.21
N ASN B 263 -8.69 10.38 -23.23
CA ASN B 263 -8.14 9.80 -24.45
C ASN B 263 -9.02 8.65 -24.92
N THR B 264 -9.21 8.54 -26.23
CA THR B 264 -10.09 7.53 -26.80
C THR B 264 -9.44 6.68 -27.90
N ASN B 265 -8.15 6.88 -28.18
CA ASN B 265 -7.54 6.19 -29.31
C ASN B 265 -7.27 4.72 -29.01
N ALA B 266 -6.83 4.41 -27.79
CA ALA B 266 -6.42 3.04 -27.47
C ALA B 266 -7.65 2.13 -27.35
N TYR B 267 -7.38 0.83 -27.30
CA TYR B 267 -8.45 -0.17 -27.25
C TYR B 267 -9.05 -0.33 -25.87
N TYR B 268 -8.37 0.14 -24.83
CA TYR B 268 -8.82 -0.03 -23.45
C TYR B 268 -9.47 1.24 -22.90
N GLU B 269 -9.83 2.18 -23.76
CA GLU B 269 -10.29 3.49 -23.34
C GLU B 269 -11.75 3.68 -23.69
N MET B 270 -12.46 4.43 -22.85
CA MET B 270 -13.86 4.73 -23.12
C MET B 270 -13.99 5.54 -24.40
N SER B 271 -14.96 5.15 -25.24
CA SER B 271 -15.12 5.82 -26.53
C SER B 271 -15.50 7.29 -26.33
N GLY B 272 -16.34 7.58 -25.35
CA GLY B 272 -16.73 8.95 -25.07
C GLY B 272 -17.41 9.12 -23.73
N LEU B 273 -16.93 10.09 -22.95
CA LEU B 273 -17.53 10.40 -21.66
C LEU B 273 -17.25 11.88 -21.37
N GLU B 274 -18.23 12.72 -21.63
CA GLU B 274 -18.12 14.14 -21.30
C GLU B 274 -18.51 14.35 -19.85
N VAL B 275 -17.68 15.08 -19.11
CA VAL B 275 -17.99 15.46 -17.74
C VAL B 275 -17.42 16.85 -17.47
N SER B 276 -18.30 17.83 -17.38
CA SER B 276 -17.86 19.21 -17.24
C SER B 276 -17.30 19.45 -15.83
N PHE B 277 -16.60 20.57 -15.68
CA PHE B 277 -16.09 20.93 -14.37
C PHE B 277 -17.23 21.24 -13.41
N GLU B 278 -18.37 21.67 -13.93
CA GLU B 278 -19.53 21.95 -13.07
C GLU B 278 -20.02 20.67 -12.38
N GLU B 279 -20.08 19.56 -13.12
CA GLU B 279 -20.48 18.31 -12.50
C GLU B 279 -19.48 17.85 -11.46
N LEU B 280 -18.19 18.07 -11.73
CA LEU B 280 -17.16 17.72 -10.74
C LEU B 280 -17.31 18.55 -9.47
N ARG B 281 -17.58 19.85 -9.62
CA ARG B 281 -17.82 20.68 -8.44
C ARG B 281 -19.05 20.21 -7.69
N THR B 282 -20.13 19.89 -8.40
CA THR B 282 -21.38 19.51 -7.75
C THR B 282 -21.24 18.19 -7.01
N PHE B 283 -20.55 17.21 -7.59
CA PHE B 283 -20.42 15.92 -6.96
C PHE B 283 -19.67 16.02 -5.64
N GLY B 284 -18.57 16.75 -5.63
CA GLY B 284 -17.80 16.92 -4.42
C GLY B 284 -17.17 15.62 -3.94
N GLY B 285 -16.62 15.69 -2.74
CA GLY B 285 -16.00 14.51 -2.14
C GLY B 285 -14.83 14.02 -2.97
N HIS B 286 -14.87 12.75 -3.36
CA HIS B 286 -13.79 12.18 -4.16
C HIS B 286 -13.71 12.84 -5.52
N ASP B 287 -14.85 13.15 -6.13
CA ASP B 287 -14.87 13.70 -7.48
C ASP B 287 -14.19 15.07 -7.54
N ALA B 288 -14.46 15.93 -6.56
CA ALA B 288 -13.95 17.30 -6.60
C ALA B 288 -12.44 17.36 -6.56
N LYS B 289 -11.77 16.29 -6.12
CA LYS B 289 -10.32 16.26 -6.11
C LYS B 289 -9.73 16.08 -7.51
N PHE B 290 -10.54 15.79 -8.51
CA PHE B 290 -10.04 15.59 -9.86
C PHE B 290 -9.60 16.89 -10.53
N ILE B 291 -9.92 18.04 -9.94
CA ILE B 291 -9.50 19.34 -10.47
C ILE B 291 -8.42 19.89 -9.55
N ASP B 292 -7.29 20.26 -10.14
CA ASP B 292 -6.14 20.71 -9.35
C ASP B 292 -6.44 22.07 -8.71
N SER B 293 -5.54 22.47 -7.82
CA SER B 293 -5.76 23.69 -7.06
C SER B 293 -5.57 24.93 -7.91
N LEU B 294 -4.76 24.86 -8.97
CA LEU B 294 -4.54 26.04 -9.81
C LEU B 294 -5.83 26.47 -10.50
N GLN B 295 -6.60 25.51 -11.01
CA GLN B 295 -7.85 25.86 -11.68
C GLN B 295 -8.88 26.38 -10.68
N GLU B 296 -8.90 25.83 -9.47
CA GLU B 296 -9.77 26.36 -8.42
C GLU B 296 -9.40 27.81 -8.12
N ASN B 297 -8.10 28.11 -8.04
CA ASN B 297 -7.66 29.48 -7.79
C ASN B 297 -8.09 30.39 -8.93
N GLU B 298 -7.94 29.93 -10.17
CA GLU B 298 -8.35 30.75 -11.31
C GLU B 298 -9.85 31.04 -11.28
N PHE B 299 -10.65 30.01 -10.99
CA PHE B 299 -12.10 30.23 -10.92
C PHE B 299 -12.47 31.18 -9.80
N ARG B 300 -11.83 31.02 -8.63
CA ARG B 300 -12.14 31.88 -7.50
C ARG B 300 -11.79 33.33 -7.81
N LEU B 301 -10.65 33.57 -8.45
CA LEU B 301 -10.28 34.93 -8.83
C LEU B 301 -11.23 35.50 -9.86
N TYR B 302 -11.63 34.68 -10.84
CA TYR B 302 -12.56 35.15 -11.87
C TYR B 302 -13.89 35.56 -11.26
N TYR B 303 -14.43 34.74 -10.36
CA TYR B 303 -15.73 35.06 -9.78
C TYR B 303 -15.63 36.18 -8.77
N TYR B 304 -14.48 36.32 -8.09
CA TYR B 304 -14.29 37.50 -7.24
C TYR B 304 -14.29 38.77 -8.06
N ASN B 305 -13.63 38.75 -9.22
CA ASN B 305 -13.65 39.91 -10.09
C ASN B 305 -15.07 40.20 -10.59
N LYS B 306 -15.83 39.14 -10.90
CA LYS B 306 -17.22 39.34 -11.32
C LYS B 306 -18.05 39.98 -10.21
N PHE B 307 -17.88 39.51 -8.97
CA PHE B 307 -18.63 40.08 -7.86
C PHE B 307 -18.23 41.53 -7.62
N LYS B 308 -16.95 41.85 -7.75
CA LYS B 308 -16.52 43.24 -7.64
C LYS B 308 -17.15 44.09 -8.74
N ASP B 309 -17.21 43.56 -9.95
CA ASP B 309 -17.79 44.30 -11.07
C ASP B 309 -19.27 44.59 -10.82
N ILE B 310 -20.02 43.59 -10.35
CA ILE B 310 -21.44 43.83 -10.12
C ILE B 310 -21.64 44.76 -8.93
N ALA B 311 -20.76 44.68 -7.92
CA ALA B 311 -20.84 45.63 -6.81
C ALA B 311 -20.61 47.06 -7.28
N SER B 312 -19.63 47.26 -8.16
CA SER B 312 -19.40 48.59 -8.71
C SER B 312 -20.60 49.06 -9.53
N THR B 313 -21.19 48.16 -10.32
CA THR B 313 -22.38 48.51 -11.10
C THR B 313 -23.52 48.92 -10.18
N LEU B 314 -23.72 48.19 -9.09
CA LEU B 314 -24.75 48.55 -8.12
C LEU B 314 -24.45 49.90 -7.50
N ASN B 315 -23.18 50.17 -7.18
CA ASN B 315 -22.81 51.45 -6.58
C ASN B 315 -23.10 52.61 -7.51
N LYS B 316 -22.76 52.46 -8.79
CA LYS B 316 -22.90 53.57 -9.73
C LYS B 316 -24.37 53.96 -9.93
N ALA B 317 -25.25 52.98 -10.04
CA ALA B 317 -26.65 53.25 -10.35
C ALA B 317 -27.33 53.98 -9.21
N LYS B 318 -28.28 54.84 -9.57
CA LYS B 318 -29.04 55.60 -8.58
C LYS B 318 -30.53 55.70 -8.91
N SER B 319 -31.00 55.09 -9.99
CA SER B 319 -32.40 55.16 -10.36
C SER B 319 -32.90 53.77 -10.74
N ILE B 320 -34.19 53.54 -10.57
CA ILE B 320 -34.82 52.27 -10.87
C ILE B 320 -36.09 52.54 -11.65
N VAL B 321 -36.31 51.76 -12.70
CA VAL B 321 -37.48 51.92 -13.58
C VAL B 321 -38.16 50.57 -13.74
N GLY B 322 -39.49 50.55 -13.58
CA GLY B 322 -40.27 49.36 -13.79
C GLY B 322 -40.91 48.76 -12.55
N THR B 323 -40.76 49.38 -11.38
CA THR B 323 -41.35 48.84 -10.18
C THR B 323 -41.66 49.96 -9.20
N THR B 324 -42.62 49.68 -8.30
CA THR B 324 -43.02 50.64 -7.29
C THR B 324 -42.03 50.71 -6.13
N ALA B 325 -41.43 49.57 -5.76
CA ALA B 325 -40.63 49.50 -4.54
C ALA B 325 -39.44 50.46 -4.60
N SER B 326 -39.08 50.99 -3.42
CA SER B 326 -38.01 51.95 -3.33
C SER B 326 -36.67 51.32 -3.71
N LEU B 327 -35.78 52.16 -4.26
CA LEU B 327 -34.48 51.67 -4.71
C LEU B 327 -33.65 51.15 -3.55
N GLN B 328 -33.70 51.84 -2.40
CA GLN B 328 -32.86 51.46 -1.27
C GLN B 328 -33.16 50.03 -0.83
N TYR B 329 -34.42 49.63 -0.90
CA TYR B 329 -34.76 48.25 -0.56
C TYR B 329 -34.12 47.27 -1.53
N MET B 330 -34.09 47.61 -2.82
CA MET B 330 -33.43 46.75 -3.80
C MET B 330 -31.93 46.66 -3.54
N LYS B 331 -31.30 47.79 -3.24
CA LYS B 331 -29.88 47.77 -2.94
C LYS B 331 -29.59 46.94 -1.70
N ASN B 332 -30.44 47.03 -0.69
CA ASN B 332 -30.27 46.19 0.49
C ASN B 332 -30.45 44.72 0.16
N VAL B 333 -31.41 44.40 -0.71
CA VAL B 333 -31.63 43.01 -1.11
C VAL B 333 -30.39 42.45 -1.80
N PHE B 334 -29.84 43.22 -2.73
CA PHE B 334 -28.66 42.72 -3.44
C PHE B 334 -27.43 42.70 -2.53
N LYS B 335 -27.35 43.62 -1.57
CA LYS B 335 -26.25 43.60 -0.61
C LYS B 335 -26.30 42.35 0.25
N GLU B 336 -27.50 41.98 0.72
CA GLU B 336 -27.60 40.78 1.54
C GLU B 336 -27.50 39.51 0.71
N LYS B 337 -27.77 39.57 -0.59
CA LYS B 337 -27.55 38.41 -1.45
C LYS B 337 -26.07 38.19 -1.70
N TYR B 338 -25.34 39.25 -2.02
CA TYR B 338 -23.92 39.14 -2.37
C TYR B 338 -22.99 39.39 -1.20
N LEU B 339 -23.53 39.66 -0.01
CA LEU B 339 -22.73 39.96 1.18
C LEU B 339 -21.77 41.12 0.93
N LEU B 340 -22.24 42.15 0.23
CA LEU B 340 -21.45 43.36 0.05
C LEU B 340 -21.36 44.12 1.37
N SER B 341 -20.36 45.00 1.45
CA SER B 341 -20.11 45.78 2.66
C SER B 341 -20.12 47.26 2.31
N GLU B 342 -21.24 47.93 2.59
CA GLU B 342 -21.29 49.38 2.50
C GLU B 342 -20.64 50.00 3.74
N ASP B 343 -20.29 51.27 3.63
CA ASP B 343 -19.56 51.97 4.68
C ASP B 343 -20.26 53.27 5.06
N THR B 344 -21.57 53.18 5.30
CA THR B 344 -22.41 54.28 5.77
C THR B 344 -22.42 55.48 4.83
N SER B 345 -21.85 55.35 3.63
CA SER B 345 -21.85 56.42 2.65
C SER B 345 -22.45 55.97 1.32
N GLY B 346 -23.15 54.84 1.31
CA GLY B 346 -23.69 54.31 0.08
C GLY B 346 -22.64 53.88 -0.91
N LYS B 347 -21.53 53.32 -0.43
CA LYS B 347 -20.43 52.88 -1.28
C LYS B 347 -20.23 51.38 -1.05
N PHE B 348 -20.98 50.57 -1.80
CA PHE B 348 -20.84 49.13 -1.71
C PHE B 348 -19.47 48.68 -2.20
N SER B 349 -18.90 47.70 -1.51
CA SER B 349 -17.63 47.11 -1.92
C SER B 349 -17.57 45.69 -1.39
N VAL B 350 -16.75 44.88 -2.05
CA VAL B 350 -16.58 43.48 -1.65
C VAL B 350 -15.42 43.39 -0.68
N ASP B 351 -15.49 42.40 0.21
CA ASP B 351 -14.41 42.07 1.12
C ASP B 351 -14.01 40.62 0.89
N LYS B 352 -12.71 40.36 0.92
CA LYS B 352 -12.22 39.03 0.52
C LYS B 352 -12.69 37.96 1.48
N LEU B 353 -12.78 38.26 2.77
CA LEU B 353 -13.14 37.23 3.75
C LEU B 353 -14.57 36.76 3.56
N LYS B 354 -15.52 37.68 3.47
CA LYS B 354 -16.92 37.29 3.35
C LYS B 354 -17.20 36.60 2.02
N PHE B 355 -16.60 37.10 0.93
CA PHE B 355 -16.79 36.44 -0.35
C PHE B 355 -16.13 35.07 -0.37
N ASP B 356 -14.98 34.93 0.29
CA ASP B 356 -14.35 33.62 0.39
C ASP B 356 -15.28 32.66 1.12
N LYS B 357 -15.88 33.12 2.21
CA LYS B 357 -16.82 32.28 2.96
C LYS B 357 -18.02 31.88 2.10
N LEU B 358 -18.59 32.84 1.38
CA LEU B 358 -19.75 32.56 0.54
C LEU B 358 -19.41 31.60 -0.59
N TYR B 359 -18.26 31.81 -1.24
CA TYR B 359 -17.85 30.93 -2.32
C TYR B 359 -17.59 29.52 -1.81
N LYS B 360 -16.93 29.40 -0.66
CA LYS B 360 -16.69 28.08 -0.09
C LYS B 360 -18.00 27.39 0.26
N MET B 361 -18.96 28.14 0.78
CA MET B 361 -20.26 27.54 1.10
C MET B 361 -20.97 27.07 -0.17
N LEU B 362 -21.01 27.91 -1.20
CA LEU B 362 -21.74 27.56 -2.42
C LEU B 362 -21.03 26.50 -3.25
N THR B 363 -19.73 26.29 -3.03
CA THR B 363 -18.95 25.36 -3.83
C THR B 363 -18.62 24.08 -3.09
N GLU B 364 -18.12 24.18 -1.85
CA GLU B 364 -17.66 23.01 -1.11
C GLU B 364 -18.68 22.49 -0.12
N ILE B 365 -19.41 23.37 0.58
CA ILE B 365 -20.39 22.91 1.55
C ILE B 365 -21.58 22.26 0.87
N TYR B 366 -22.08 22.87 -0.20
CA TYR B 366 -23.21 22.33 -0.95
C TYR B 366 -22.68 21.35 -1.96
N THR B 367 -22.59 20.08 -1.56
CA THR B 367 -22.14 19.03 -2.46
C THR B 367 -22.99 17.79 -2.26
N GLU B 368 -23.06 16.96 -3.29
CA GLU B 368 -23.87 15.76 -3.22
C GLU B 368 -23.35 14.78 -2.17
N ASP B 369 -22.03 14.72 -1.98
CA ASP B 369 -21.48 13.81 -0.98
C ASP B 369 -21.89 14.21 0.42
N ASN B 370 -21.90 15.51 0.71
CA ASN B 370 -22.34 15.97 2.03
C ASN B 370 -23.81 15.65 2.25
N PHE B 371 -24.63 15.81 1.21
CA PHE B 371 -26.04 15.44 1.33
C PHE B 371 -26.18 13.94 1.57
N VAL B 372 -25.36 13.13 0.92
CA VAL B 372 -25.40 11.68 1.15
C VAL B 372 -25.04 11.36 2.59
N LYS B 373 -24.01 12.02 3.12
CA LYS B 373 -23.62 11.79 4.51
C LYS B 373 -24.71 12.21 5.48
N PHE B 374 -25.36 13.36 5.22
CA PHE B 374 -26.42 13.81 6.10
C PHE B 374 -27.64 12.89 6.04
N PHE B 375 -28.00 12.43 4.84
CA PHE B 375 -29.14 11.55 4.68
C PHE B 375 -28.85 10.12 5.13
N LYS B 376 -27.58 9.74 5.20
CA LYS B 376 -27.16 8.38 5.55
C LYS B 376 -27.80 7.36 4.62
N VAL B 377 -27.51 7.51 3.33
CA VAL B 377 -28.02 6.62 2.30
C VAL B 377 -26.87 6.24 1.37
N LEU B 378 -27.07 5.16 0.62
CA LEU B 378 -26.10 4.72 -0.35
C LEU B 378 -26.10 5.60 -1.60
N ASN B 379 -24.93 5.76 -2.19
CA ASN B 379 -24.79 6.41 -3.48
C ASN B 379 -23.45 6.00 -4.06
N ALA B 380 -23.32 6.18 -5.38
CA ALA B 380 -22.05 5.91 -6.04
C ALA B 380 -21.01 6.90 -5.55
N LYS B 381 -19.94 6.40 -4.92
CA LYS B 381 -18.93 7.28 -4.36
C LYS B 381 -18.23 8.10 -5.42
N THR B 382 -18.22 7.61 -6.66
CA THR B 382 -17.64 8.34 -7.77
C THR B 382 -18.56 8.22 -8.97
N PHE B 383 -18.44 9.17 -9.90
CA PHE B 383 -19.27 9.14 -11.09
C PHE B 383 -18.97 7.96 -12.00
N LEU B 384 -17.83 7.30 -11.80
CA LEU B 384 -17.48 6.16 -12.64
C LEU B 384 -18.39 4.97 -12.38
N ASN B 385 -18.92 4.83 -11.16
CA ASN B 385 -19.81 3.73 -10.82
C ASN B 385 -21.16 3.99 -11.50
N PHE B 386 -21.23 3.61 -12.76
CA PHE B 386 -22.34 3.98 -13.62
C PHE B 386 -23.64 3.31 -13.18
N ASP B 387 -24.74 3.93 -13.55
CA ASP B 387 -26.07 3.38 -13.29
C ASP B 387 -26.32 2.19 -14.23
N LYS B 388 -27.22 1.33 -13.81
CA LYS B 388 -27.43 0.10 -14.57
C LYS B 388 -28.88 -0.12 -14.98
N ALA B 389 -29.85 0.25 -14.15
CA ALA B 389 -31.24 -0.06 -14.44
C ALA B 389 -32.12 1.15 -14.17
N VAL B 390 -33.37 1.06 -14.65
CA VAL B 390 -34.40 2.04 -14.36
C VAL B 390 -35.40 1.40 -13.42
N PHE B 391 -35.71 2.07 -12.31
CA PHE B 391 -36.65 1.56 -11.33
C PHE B 391 -37.80 2.55 -11.20
N LYS B 392 -39.01 2.06 -11.46
CA LYS B 392 -40.21 2.83 -11.15
C LYS B 392 -40.55 2.66 -9.68
N ILE B 393 -40.74 3.79 -8.99
CA ILE B 393 -40.99 3.79 -7.55
C ILE B 393 -42.21 4.64 -7.26
N ASN B 394 -42.79 4.43 -6.09
CA ASN B 394 -43.92 5.21 -5.60
C ASN B 394 -43.52 5.89 -4.30
N ILE B 395 -43.68 7.21 -4.26
CA ILE B 395 -43.20 8.01 -3.15
C ILE B 395 -44.33 8.52 -2.25
N VAL B 396 -45.53 8.73 -2.81
CA VAL B 396 -46.61 9.35 -2.04
C VAL B 396 -46.95 8.60 -0.76
N PRO B 397 -47.20 7.28 -0.79
CA PRO B 397 -47.58 6.60 0.46
C PRO B 397 -46.46 6.65 1.48
N LYS B 398 -46.85 6.83 2.74
CA LYS B 398 -45.88 6.87 3.83
C LYS B 398 -45.35 5.48 4.18
N VAL B 399 -46.07 4.42 3.79
CA VAL B 399 -45.64 3.07 4.13
C VAL B 399 -44.43 2.63 3.32
N ASN B 400 -44.12 3.32 2.22
CA ASN B 400 -42.97 2.99 1.39
C ASN B 400 -41.83 4.00 1.49
N TYR B 401 -42.12 5.23 1.91
CA TYR B 401 -41.10 6.27 1.94
C TYR B 401 -41.49 7.29 3.01
N THR B 402 -40.87 7.20 4.18
CA THR B 402 -41.16 8.16 5.22
C THR B 402 -40.34 9.43 5.02
N ILE B 403 -40.85 10.53 5.57
CA ILE B 403 -40.30 11.85 5.29
C ILE B 403 -38.90 11.99 5.90
N TYR B 404 -38.69 11.41 7.08
CA TYR B 404 -37.45 11.62 7.82
C TYR B 404 -36.34 10.65 7.41
N ASP B 405 -36.67 9.38 7.18
CA ASP B 405 -35.68 8.36 6.88
C ASP B 405 -35.63 8.00 5.40
N GLY B 406 -36.76 8.00 4.70
CA GLY B 406 -36.78 7.58 3.32
C GLY B 406 -37.07 6.11 3.18
N PHE B 407 -36.37 5.43 2.26
CA PHE B 407 -36.58 4.00 2.10
C PHE B 407 -36.08 3.20 3.29
N ASN B 408 -35.15 3.74 4.07
CA ASN B 408 -34.62 3.04 5.24
C ASN B 408 -35.51 3.32 6.45
N LEU B 409 -36.73 2.77 6.37
CA LEU B 409 -37.70 2.94 7.44
C LEU B 409 -37.20 2.31 8.74
N ARG B 410 -37.41 3.01 9.85
CA ARG B 410 -36.92 2.57 11.14
C ARG B 410 -37.83 1.49 11.73
N ASN B 411 -37.26 0.74 12.68
CA ASN B 411 -37.96 -0.30 13.43
C ASN B 411 -38.50 -1.41 12.54
N THR B 412 -37.91 -1.60 11.36
CA THR B 412 -38.27 -2.67 10.45
C THR B 412 -37.00 -3.35 9.95
N ASN B 413 -37.18 -4.39 9.14
CA ASN B 413 -36.03 -5.10 8.58
C ASN B 413 -35.24 -4.24 7.60
N LEU B 414 -35.81 -3.15 7.11
CA LEU B 414 -35.13 -2.25 6.21
C LEU B 414 -34.29 -1.20 6.93
N ALA B 415 -34.36 -1.17 8.26
CA ALA B 415 -33.64 -0.13 9.01
C ALA B 415 -32.13 -0.32 8.95
N ALA B 416 -31.67 -1.56 9.04
CA ALA B 416 -30.25 -1.86 9.16
C ALA B 416 -29.68 -2.33 7.82
N ASN B 417 -28.39 -2.04 7.62
CA ASN B 417 -27.62 -2.45 6.45
C ASN B 417 -28.20 -1.88 5.16
N PHE B 418 -28.94 -0.77 5.25
CA PHE B 418 -29.52 -0.11 4.10
C PHE B 418 -30.37 -1.07 3.27
N ASN B 419 -31.11 -1.94 3.96
CA ASN B 419 -31.96 -2.90 3.27
C ASN B 419 -33.17 -2.24 2.61
N GLY B 420 -33.46 -0.97 2.92
CA GLY B 420 -34.54 -0.28 2.25
C GLY B 420 -34.23 0.09 0.83
N GLN B 421 -32.95 0.20 0.48
CA GLN B 421 -32.53 0.54 -0.88
C GLN B 421 -32.12 -0.68 -1.69
N ASN B 422 -32.20 -1.88 -1.12
CA ASN B 422 -31.82 -3.09 -1.84
C ASN B 422 -33.05 -3.63 -2.57
N THR B 423 -32.96 -3.74 -3.89
CA THR B 423 -34.11 -4.18 -4.66
C THR B 423 -34.41 -5.66 -4.47
N GLU B 424 -33.41 -6.46 -4.08
CA GLU B 424 -33.62 -7.89 -3.89
C GLU B 424 -34.20 -8.22 -2.52
N ILE B 425 -34.19 -7.29 -1.58
CA ILE B 425 -34.91 -7.46 -0.32
C ILE B 425 -36.23 -6.73 -0.42
N ASN B 426 -36.17 -5.43 -0.72
CA ASN B 426 -37.37 -4.60 -0.87
C ASN B 426 -37.83 -4.63 -2.33
N ASN B 427 -38.32 -5.79 -2.74
CA ASN B 427 -38.73 -5.97 -4.13
C ASN B 427 -40.01 -5.21 -4.45
N MET B 428 -40.93 -5.12 -3.49
CA MET B 428 -42.25 -4.54 -3.76
C MET B 428 -42.22 -3.04 -3.99
N ASN B 429 -41.11 -2.36 -3.67
CA ASN B 429 -41.06 -0.91 -3.77
C ASN B 429 -40.46 -0.41 -5.08
N PHE B 430 -39.69 -1.23 -5.78
CA PHE B 430 -39.08 -0.84 -7.05
C PHE B 430 -39.47 -1.83 -8.12
N THR B 431 -39.89 -1.33 -9.28
CA THR B 431 -40.20 -2.18 -10.42
C THR B 431 -39.18 -1.93 -11.51
N LYS B 432 -38.50 -2.99 -11.93
CA LYS B 432 -37.48 -2.86 -12.97
C LYS B 432 -38.14 -2.57 -14.32
N LEU B 433 -37.53 -1.68 -15.09
CA LEU B 433 -38.05 -1.30 -16.39
C LEU B 433 -37.01 -1.56 -17.47
N LYS B 434 -37.48 -1.63 -18.72
CA LYS B 434 -36.63 -1.92 -19.87
C LYS B 434 -36.05 -0.61 -20.40
N ASN B 435 -34.75 -0.41 -20.18
CA ASN B 435 -34.10 0.79 -20.66
C ASN B 435 -33.80 0.66 -22.15
N PHE B 436 -33.89 1.78 -22.87
CA PHE B 436 -33.85 1.75 -24.32
C PHE B 436 -32.44 1.68 -24.89
N THR B 437 -31.41 1.94 -24.09
CA THR B 437 -30.04 1.83 -24.57
C THR B 437 -29.61 0.38 -24.47
N GLY B 438 -29.49 -0.29 -25.61
CA GLY B 438 -29.13 -1.69 -25.61
C GLY B 438 -27.76 -1.92 -24.99
N LEU B 439 -27.55 -3.14 -24.51
CA LEU B 439 -26.31 -3.48 -23.84
C LEU B 439 -25.12 -3.37 -24.79
N PHE B 440 -25.34 -3.51 -26.09
CA PHE B 440 -24.27 -3.47 -27.08
C PHE B 440 -24.53 -2.40 -28.13
N GLU B 441 -25.20 -1.31 -27.74
CA GLU B 441 -25.47 -0.24 -28.70
C GLU B 441 -24.23 0.59 -28.97
N PHE B 442 -23.46 0.92 -27.93
CA PHE B 442 -22.21 1.67 -28.05
C PHE B 442 -21.10 0.77 -27.56
N TYR B 443 -20.31 0.23 -28.49
CA TYR B 443 -19.37 -0.83 -28.17
C TYR B 443 -18.07 -0.62 -28.94
N LYS B 444 -17.06 -1.39 -28.54
CA LYS B 444 -15.80 -1.50 -29.25
C LYS B 444 -15.58 -2.95 -29.62
N LEU B 445 -15.13 -3.19 -30.85
CA LEU B 445 -15.01 -4.54 -31.40
C LEU B 445 -13.54 -4.95 -31.33
N LEU B 446 -13.19 -5.76 -30.33
CA LEU B 446 -11.82 -6.19 -30.12
C LEU B 446 -11.65 -7.63 -30.57
N CYS B 447 -10.49 -7.94 -31.14
CA CYS B 447 -10.12 -9.32 -31.42
C CYS B 447 -8.64 -9.40 -31.75
N VAL B 448 -8.16 -10.64 -31.83
CA VAL B 448 -6.76 -10.92 -32.06
C VAL B 448 -6.59 -11.36 -33.51
N ARG B 449 -5.35 -11.44 -33.97
CA ARG B 449 -5.06 -11.86 -35.34
C ARG B 449 -5.55 -13.27 -35.60
N ASP B 469 -11.70 -15.76 -37.30
CA ASP B 469 -11.23 -15.18 -36.04
C ASP B 469 -12.34 -15.16 -34.99
N LEU B 470 -12.03 -14.59 -33.83
CA LEU B 470 -12.96 -14.53 -32.69
C LEU B 470 -13.01 -13.08 -32.22
N CYS B 471 -13.94 -12.32 -32.78
CA CYS B 471 -14.09 -10.91 -32.45
C CYS B 471 -15.26 -10.72 -31.49
N ILE B 472 -15.00 -10.04 -30.37
CA ILE B 472 -15.98 -9.82 -29.33
C ILE B 472 -16.25 -8.33 -29.21
N LYS B 473 -17.51 -7.98 -28.99
CA LYS B 473 -17.93 -6.61 -28.77
C LYS B 473 -18.01 -6.35 -27.28
N VAL B 474 -17.35 -5.28 -26.82
CA VAL B 474 -17.33 -4.91 -25.41
C VAL B 474 -18.03 -3.58 -25.26
N ASN B 475 -18.95 -3.50 -24.30
CA ASN B 475 -19.73 -2.29 -24.10
C ASN B 475 -18.83 -1.12 -23.74
N ASN B 476 -19.17 0.07 -24.24
CA ASN B 476 -18.33 1.24 -23.99
C ASN B 476 -18.26 1.58 -22.51
N TRP B 477 -19.31 1.29 -21.75
CA TRP B 477 -19.35 1.58 -20.32
C TRP B 477 -18.65 0.53 -19.48
N ASP B 478 -17.80 -0.27 -20.10
CA ASP B 478 -17.04 -1.31 -19.43
C ASP B 478 -15.59 -1.24 -19.92
N LEU B 479 -15.03 -0.03 -19.89
CA LEU B 479 -13.66 0.21 -20.32
C LEU B 479 -13.01 1.19 -19.38
N PHE B 480 -11.68 1.21 -19.40
CA PHE B 480 -10.92 2.01 -18.46
C PHE B 480 -11.06 3.50 -18.75
N PHE B 481 -11.01 4.30 -17.69
CA PHE B 481 -11.16 5.75 -17.77
C PHE B 481 -9.78 6.36 -17.64
N SER B 482 -9.27 6.92 -18.75
CA SER B 482 -7.90 7.43 -18.81
C SER B 482 -7.91 8.93 -19.07
N PRO B 483 -7.83 9.76 -18.05
CA PRO B 483 -7.79 11.21 -18.28
C PRO B 483 -6.50 11.63 -18.97
N SER B 484 -6.60 12.68 -19.78
CA SER B 484 -5.45 13.21 -20.48
C SER B 484 -4.59 14.04 -19.54
N GLU B 485 -3.36 14.32 -19.97
CA GLU B 485 -2.44 15.12 -19.18
C GLU B 485 -2.74 16.61 -19.24
N ASP B 486 -3.66 17.04 -20.12
CA ASP B 486 -3.96 18.46 -20.24
C ASP B 486 -4.73 18.98 -19.03
N ASN B 487 -5.53 18.14 -18.39
CA ASN B 487 -6.38 18.60 -17.29
C ASN B 487 -5.59 18.96 -16.04
N PHE B 488 -4.31 18.57 -15.95
CA PHE B 488 -3.49 18.86 -14.79
C PHE B 488 -2.44 19.89 -15.17
N THR B 489 -2.42 21.01 -14.44
CA THR B 489 -1.47 22.08 -14.69
C THR B 489 -0.82 22.52 -13.39
N ASN B 490 0.38 23.07 -13.49
CA ASN B 490 1.16 23.47 -12.32
C ASN B 490 1.73 24.87 -12.49
N ASP B 491 1.72 25.63 -11.40
CA ASP B 491 2.46 26.88 -11.30
C ASP B 491 3.72 26.71 -10.48
N LEU B 492 4.19 25.48 -10.30
CA LEU B 492 5.34 25.21 -9.46
C LEU B 492 6.60 25.89 -9.99
N ASN B 493 6.78 25.88 -11.31
CA ASN B 493 8.02 26.38 -11.90
C ASN B 493 8.19 27.88 -11.63
N LYS B 494 7.09 28.63 -11.64
CA LYS B 494 7.18 30.07 -11.46
C LYS B 494 7.71 30.42 -10.07
N GLY B 495 8.62 31.39 -10.03
CA GLY B 495 9.27 31.78 -8.81
C GLY B 495 8.38 32.63 -7.92
N GLU B 496 8.91 32.93 -6.73
CA GLU B 496 8.17 33.68 -5.72
C GLU B 496 9.12 34.60 -4.97
N GLU B 497 8.66 35.82 -4.70
CA GLU B 497 9.41 36.81 -3.94
C GLU B 497 8.78 37.01 -2.57
N ILE B 498 9.61 37.08 -1.54
CA ILE B 498 9.15 37.18 -0.16
C ILE B 498 9.51 38.56 0.38
N THR B 499 8.54 39.19 1.05
CA THR B 499 8.68 40.50 1.67
C THR B 499 8.32 40.39 3.15
N SER B 500 8.18 41.54 3.80
CA SER B 500 7.98 41.57 5.24
C SER B 500 6.73 40.79 5.66
N ASP B 501 5.63 40.94 4.91
CA ASP B 501 4.36 40.32 5.27
C ASP B 501 3.77 39.64 4.03
N THR B 502 4.04 38.34 3.89
CA THR B 502 3.45 37.51 2.84
C THR B 502 2.78 36.32 3.50
N ASN B 503 1.45 36.27 3.44
CA ASN B 503 0.70 35.15 4.00
C ASN B 503 -0.34 34.68 3.00
N SER B 512 -16.21 17.77 6.97
CA SER B 512 -16.42 17.48 8.37
C SER B 512 -17.75 18.06 8.86
N LEU B 513 -18.51 17.25 9.59
CA LEU B 513 -19.85 17.68 10.00
C LEU B 513 -19.81 18.83 10.99
N ASP B 514 -18.75 18.93 11.80
CA ASP B 514 -18.66 20.03 12.75
C ASP B 514 -18.54 21.37 12.03
N LEU B 515 -17.81 21.40 10.92
CA LEU B 515 -17.69 22.63 10.14
C LEU B 515 -19.04 23.04 9.56
N ILE B 516 -19.80 22.06 9.07
CA ILE B 516 -21.15 22.35 8.57
C ILE B 516 -22.03 22.88 9.68
N GLN B 517 -21.92 22.30 10.88
CA GLN B 517 -22.69 22.77 12.02
C GLN B 517 -22.31 24.21 12.37
N GLN B 518 -21.01 24.52 12.34
CA GLN B 518 -20.58 25.88 12.65
C GLN B 518 -21.15 26.86 11.62
N TYR B 519 -21.16 26.45 10.35
CA TYR B 519 -21.80 27.27 9.33
C TYR B 519 -23.29 27.44 9.62
N TYR B 520 -23.94 26.39 10.12
CA TYR B 520 -25.37 26.46 10.41
C TYR B 520 -25.65 27.49 11.49
N LEU B 521 -24.86 27.49 12.57
CA LEU B 521 -25.02 28.56 13.57
C LEU B 521 -24.70 29.92 12.98
N THR B 522 -23.66 30.01 12.16
CA THR B 522 -23.27 31.31 11.60
C THR B 522 -24.25 31.82 10.56
N PHE B 523 -25.05 30.93 9.96
CA PHE B 523 -25.93 31.32 8.87
C PHE B 523 -27.01 32.29 9.34
N ASN B 524 -27.49 33.11 8.41
CA ASN B 524 -28.50 34.13 8.68
C ASN B 524 -29.84 33.68 8.13
N PHE B 525 -30.87 33.77 8.96
CA PHE B 525 -32.24 33.42 8.61
C PHE B 525 -33.15 34.64 8.77
N ASP B 526 -34.45 34.39 8.67
CA ASP B 526 -35.49 35.37 9.00
C ASP B 526 -35.55 36.54 8.02
N ASN B 527 -34.66 36.55 7.03
CA ASN B 527 -34.63 37.60 6.02
C ASN B 527 -34.75 36.94 4.64
N GLU B 528 -35.97 36.89 4.12
CA GLU B 528 -36.23 36.36 2.79
C GLU B 528 -36.83 37.45 1.93
N PRO B 529 -36.23 37.77 0.77
CA PRO B 529 -36.76 38.84 -0.07
C PRO B 529 -38.26 38.80 -0.26
N GLU B 530 -38.95 39.82 0.24
CA GLU B 530 -40.40 39.88 0.17
C GLU B 530 -40.85 40.04 -1.28
N ASN B 531 -42.05 39.55 -1.55
CA ASN B 531 -42.60 39.64 -2.90
C ASN B 531 -42.77 41.09 -3.31
N ILE B 532 -42.38 41.40 -4.54
CA ILE B 532 -42.38 42.75 -5.07
C ILE B 532 -43.34 42.83 -6.24
N SER B 533 -44.10 43.92 -6.29
CA SER B 533 -45.01 44.15 -7.41
C SER B 533 -44.23 44.63 -8.62
N ILE B 534 -44.40 43.95 -9.74
CA ILE B 534 -43.74 44.28 -11.00
C ILE B 534 -44.81 44.65 -12.01
N GLU B 535 -44.61 45.77 -12.70
CA GLU B 535 -45.54 46.16 -13.76
C GLU B 535 -45.61 45.07 -14.81
N ASN B 536 -46.83 44.72 -15.22
CA ASN B 536 -47.03 43.55 -16.07
C ASN B 536 -46.36 43.75 -17.43
N LEU B 537 -45.81 42.67 -17.96
CA LEU B 537 -45.13 42.69 -19.24
C LEU B 537 -46.08 42.23 -20.34
N SER B 538 -45.52 41.99 -21.53
CA SER B 538 -46.32 41.58 -22.66
C SER B 538 -46.90 40.19 -22.43
N SER B 539 -47.94 39.87 -23.20
CA SER B 539 -48.59 38.57 -23.06
C SER B 539 -47.64 37.44 -23.40
N ASP B 540 -46.86 37.59 -24.46
CA ASP B 540 -45.89 36.59 -24.87
C ASP B 540 -44.49 37.05 -24.48
N ILE B 541 -43.83 36.27 -23.63
CA ILE B 541 -42.47 36.56 -23.20
C ILE B 541 -41.51 35.88 -24.16
N ILE B 542 -40.87 36.66 -25.03
CA ILE B 542 -39.93 36.11 -25.99
C ILE B 542 -38.61 35.82 -25.29
N GLY B 543 -38.05 34.64 -25.53
CA GLY B 543 -36.79 34.25 -24.92
C GLY B 543 -36.33 32.88 -25.35
N GLN B 544 -35.04 32.73 -25.60
CA GLN B 544 -34.46 31.48 -26.05
C GLN B 544 -33.55 30.92 -24.95
N LEU B 545 -33.53 29.60 -24.83
CA LEU B 545 -32.74 28.96 -23.78
C LEU B 545 -31.25 29.32 -23.91
N GLU B 546 -30.51 29.07 -22.84
CA GLU B 546 -29.08 29.29 -22.86
C GLU B 546 -28.44 28.36 -23.90
N LEU B 547 -27.64 28.94 -24.78
CA LEU B 547 -27.05 28.17 -25.87
C LEU B 547 -26.03 27.18 -25.32
N MET B 548 -26.12 25.95 -25.76
CA MET B 548 -25.22 24.92 -25.31
C MET B 548 -24.20 24.58 -26.41
N PRO B 549 -22.98 24.23 -26.04
CA PRO B 549 -22.00 23.83 -27.06
C PRO B 549 -22.41 22.52 -27.73
N ASN B 550 -22.01 22.40 -29.00
CA ASN B 550 -22.33 21.20 -29.77
C ASN B 550 -21.36 20.08 -29.40
N ILE B 551 -21.92 18.90 -29.11
CA ILE B 551 -21.14 17.72 -28.75
C ILE B 551 -21.13 16.78 -29.95
N GLU B 552 -19.95 16.52 -30.49
CA GLU B 552 -19.83 15.65 -31.65
C GLU B 552 -20.07 14.20 -31.26
N ARG B 553 -20.74 13.46 -32.14
CA ARG B 553 -21.04 12.06 -31.88
C ARG B 553 -19.78 11.22 -32.01
N PHE B 554 -19.43 10.49 -30.97
CA PHE B 554 -18.26 9.63 -31.02
C PHE B 554 -18.51 8.46 -31.96
N PRO B 555 -17.49 8.03 -32.71
CA PRO B 555 -17.68 6.91 -33.64
C PRO B 555 -18.00 5.62 -32.89
N ASN B 556 -18.75 4.75 -33.55
CA ASN B 556 -19.23 3.51 -32.96
C ASN B 556 -18.65 2.32 -33.70
N GLY B 557 -18.45 1.23 -32.96
CA GLY B 557 -18.00 -0.03 -33.55
C GLY B 557 -16.62 0.00 -34.14
N LYS B 558 -15.66 0.63 -33.46
CA LYS B 558 -14.29 0.62 -33.93
C LYS B 558 -13.69 -0.78 -33.80
N LYS B 559 -13.00 -1.22 -34.85
CA LYS B 559 -12.40 -2.54 -34.89
C LYS B 559 -10.93 -2.44 -34.51
N TYR B 560 -10.51 -3.28 -33.56
CA TYR B 560 -9.14 -3.32 -33.09
C TYR B 560 -8.57 -4.70 -33.31
N GLU B 561 -7.34 -4.75 -33.84
CA GLU B 561 -6.62 -6.00 -34.02
C GLU B 561 -5.40 -5.99 -33.13
N LEU B 562 -5.33 -6.94 -32.20
CA LEU B 562 -4.27 -7.02 -31.21
C LEU B 562 -3.52 -8.34 -31.37
N ASP B 563 -2.55 -8.56 -30.49
CA ASP B 563 -1.71 -9.75 -30.54
C ASP B 563 -1.80 -10.60 -29.28
N LYS B 564 -2.68 -10.25 -28.34
CA LYS B 564 -2.79 -10.97 -27.08
C LYS B 564 -4.25 -11.04 -26.67
N TYR B 565 -4.54 -11.92 -25.72
CA TYR B 565 -5.90 -12.07 -25.18
C TYR B 565 -6.05 -11.11 -24.01
N THR B 566 -6.84 -10.06 -24.21
CA THR B 566 -7.01 -9.03 -23.19
C THR B 566 -7.94 -9.53 -22.09
N MET B 567 -8.06 -8.71 -21.04
CA MET B 567 -8.90 -9.07 -19.90
C MET B 567 -10.38 -9.10 -20.27
N PHE B 568 -10.80 -8.26 -21.21
CA PHE B 568 -12.18 -8.33 -21.69
C PHE B 568 -12.44 -9.65 -22.39
N HIS B 569 -11.43 -10.19 -23.09
CA HIS B 569 -11.58 -11.48 -23.74
C HIS B 569 -11.81 -12.58 -22.71
N TYR B 570 -11.06 -12.56 -21.61
CA TYR B 570 -11.26 -13.55 -20.56
C TYR B 570 -12.62 -13.39 -19.90
N LEU B 571 -13.05 -12.15 -19.67
CA LEU B 571 -14.37 -11.94 -19.07
C LEU B 571 -15.48 -12.45 -19.97
N ARG B 572 -15.39 -12.19 -21.28
CA ARG B 572 -16.41 -12.67 -22.19
C ARG B 572 -16.24 -14.15 -22.52
N ALA B 573 -15.15 -14.78 -22.11
CA ALA B 573 -15.00 -16.20 -22.27
C ALA B 573 -15.83 -16.99 -21.26
N GLN B 574 -16.10 -16.41 -20.09
CA GLN B 574 -16.77 -17.10 -19.00
C GLN B 574 -18.29 -17.04 -19.08
N GLU B 575 -18.84 -16.32 -20.06
CA GLU B 575 -20.29 -16.14 -20.14
C GLU B 575 -20.94 -17.29 -20.90
N PHE B 576 -22.26 -17.40 -20.73
CA PHE B 576 -23.03 -18.43 -21.41
C PHE B 576 -24.48 -17.97 -21.49
N GLU B 577 -25.29 -18.77 -22.18
CA GLU B 577 -26.63 -18.36 -22.61
C GLU B 577 -27.75 -19.01 -21.83
N HIS B 578 -27.44 -19.75 -20.76
CA HIS B 578 -28.44 -20.52 -20.02
C HIS B 578 -29.22 -21.45 -20.94
N GLY B 579 -28.50 -22.12 -21.84
CA GLY B 579 -29.13 -22.92 -22.86
C GLY B 579 -29.67 -24.23 -22.33
N LYS B 580 -30.33 -24.96 -23.22
CA LYS B 580 -30.94 -26.24 -22.84
C LYS B 580 -29.89 -27.33 -22.68
N SER B 581 -28.85 -27.31 -23.53
CA SER B 581 -27.84 -28.36 -23.48
C SER B 581 -26.92 -28.17 -22.27
N ARG B 582 -26.20 -29.24 -21.93
CA ARG B 582 -25.31 -29.22 -20.79
C ARG B 582 -24.16 -28.24 -21.02
N ILE B 583 -23.74 -27.58 -19.94
CA ILE B 583 -22.63 -26.64 -19.97
C ILE B 583 -21.48 -27.24 -19.18
N ALA B 584 -20.33 -27.35 -19.81
CA ALA B 584 -19.15 -27.93 -19.17
C ALA B 584 -18.08 -26.87 -18.98
N LEU B 585 -17.43 -26.90 -17.82
CA LEU B 585 -16.31 -26.01 -17.57
C LEU B 585 -15.09 -26.49 -18.35
N THR B 586 -14.18 -25.57 -18.60
CA THR B 586 -12.94 -25.88 -19.30
C THR B 586 -11.90 -24.86 -18.89
N ASN B 587 -10.64 -25.17 -19.20
CA ASN B 587 -9.52 -24.31 -18.82
C ASN B 587 -8.83 -23.67 -20.01
N SER B 588 -9.39 -23.80 -21.22
CA SER B 588 -8.78 -23.29 -22.44
C SER B 588 -9.69 -22.23 -23.03
N VAL B 589 -9.26 -20.97 -22.97
CA VAL B 589 -10.07 -19.89 -23.52
C VAL B 589 -10.21 -20.02 -25.03
N ASN B 590 -9.17 -20.53 -25.71
CA ASN B 590 -9.24 -20.68 -27.16
C ASN B 590 -10.41 -21.55 -27.59
N GLU B 591 -10.86 -22.45 -26.70
CA GLU B 591 -12.04 -23.25 -26.99
C GLU B 591 -13.31 -22.72 -26.33
N ALA B 592 -13.18 -21.93 -25.25
CA ALA B 592 -14.37 -21.41 -24.57
C ALA B 592 -15.05 -20.34 -25.42
N LEU B 593 -14.29 -19.44 -26.01
CA LEU B 593 -14.88 -18.45 -26.91
C LEU B 593 -15.45 -19.11 -28.15
N LEU B 594 -14.79 -20.14 -28.67
CA LEU B 594 -15.23 -20.77 -29.90
C LEU B 594 -16.52 -21.57 -29.70
N ASN B 595 -16.60 -22.33 -28.62
CA ASN B 595 -17.73 -23.21 -28.38
C ASN B 595 -18.72 -22.54 -27.45
N PRO B 596 -19.96 -22.28 -27.87
CA PRO B 596 -20.94 -21.66 -26.97
C PRO B 596 -21.26 -22.49 -25.74
N SER B 597 -21.23 -23.83 -25.86
CA SER B 597 -21.66 -24.71 -24.78
C SER B 597 -20.51 -25.19 -23.91
N ARG B 598 -19.52 -24.34 -23.67
CA ARG B 598 -18.39 -24.68 -22.82
C ARG B 598 -17.81 -23.38 -22.28
N VAL B 599 -17.68 -23.28 -20.96
CA VAL B 599 -17.33 -22.02 -20.31
C VAL B 599 -15.95 -22.15 -19.68
N TYR B 600 -15.10 -21.14 -19.89
CA TYR B 600 -13.79 -21.12 -19.28
C TYR B 600 -13.91 -20.94 -17.77
N THR B 601 -12.95 -21.52 -17.04
CA THR B 601 -12.89 -21.37 -15.60
C THR B 601 -11.43 -21.39 -15.15
N PHE B 602 -11.13 -20.61 -14.12
CA PHE B 602 -9.77 -20.47 -13.65
C PHE B 602 -9.49 -21.30 -12.40
N PHE B 603 -10.37 -22.22 -12.05
CA PHE B 603 -10.16 -23.08 -10.88
C PHE B 603 -9.26 -24.25 -11.25
N SER B 604 -8.98 -25.09 -10.27
CA SER B 604 -8.09 -26.22 -10.49
C SER B 604 -8.74 -27.28 -11.37
N SER B 605 -7.90 -28.17 -11.90
CA SER B 605 -8.40 -29.22 -12.79
C SER B 605 -9.35 -30.18 -12.08
N ASP B 606 -9.17 -30.37 -10.77
CA ASP B 606 -10.05 -31.27 -10.03
C ASP B 606 -11.49 -30.76 -10.05
N TYR B 607 -11.67 -29.45 -9.89
CA TYR B 607 -13.02 -28.90 -9.85
C TYR B 607 -13.72 -29.07 -11.19
N VAL B 608 -13.04 -28.74 -12.29
CA VAL B 608 -13.66 -28.87 -13.61
C VAL B 608 -13.91 -30.34 -13.92
N LYS B 609 -13.04 -31.25 -13.46
CA LYS B 609 -13.32 -32.67 -13.61
C LYS B 609 -14.57 -33.06 -12.84
N LYS B 610 -14.74 -32.52 -11.64
CA LYS B 610 -15.88 -32.90 -10.81
C LYS B 610 -17.19 -32.41 -11.40
N VAL B 611 -17.27 -31.11 -11.74
CA VAL B 611 -18.53 -30.54 -12.19
C VAL B 611 -18.97 -31.07 -13.55
N ASN B 612 -18.10 -31.78 -14.27
CA ASN B 612 -18.42 -32.34 -15.56
C ASN B 612 -18.88 -33.78 -15.50
N LYS B 613 -19.01 -34.34 -14.29
CA LYS B 613 -19.23 -35.77 -14.11
C LYS B 613 -20.71 -36.06 -13.92
N ALA B 614 -21.22 -37.04 -14.66
CA ALA B 614 -22.62 -37.43 -14.55
C ALA B 614 -22.81 -38.26 -13.28
N THR B 615 -23.63 -37.77 -12.35
CA THR B 615 -23.85 -38.39 -11.06
C THR B 615 -25.30 -38.79 -10.91
N GLU B 616 -25.53 -39.96 -10.30
CA GLU B 616 -26.88 -40.42 -10.05
C GLU B 616 -27.54 -39.57 -8.97
N ALA B 617 -28.81 -39.88 -8.70
CA ALA B 617 -29.52 -39.19 -7.63
C ALA B 617 -28.99 -39.58 -6.26
N ALA B 618 -28.56 -40.84 -6.10
CA ALA B 618 -28.10 -41.32 -4.81
C ALA B 618 -26.86 -40.57 -4.33
N MET B 619 -26.07 -40.02 -5.25
CA MET B 619 -24.88 -39.27 -4.89
C MET B 619 -25.01 -37.78 -5.17
N PHE B 620 -26.17 -37.33 -5.66
CA PHE B 620 -26.35 -35.93 -6.03
C PHE B 620 -26.18 -34.99 -4.84
N LEU B 621 -26.80 -35.35 -3.70
CA LEU B 621 -26.75 -34.48 -2.53
C LEU B 621 -25.33 -34.34 -2.01
N GLY B 622 -24.58 -35.44 -1.96
CA GLY B 622 -23.17 -35.34 -1.57
C GLY B 622 -22.35 -34.57 -2.59
N TRP B 623 -22.67 -34.75 -3.87
CA TRP B 623 -21.96 -34.06 -4.94
C TRP B 623 -22.07 -32.54 -4.78
N VAL B 624 -23.27 -32.06 -4.49
CA VAL B 624 -23.48 -30.61 -4.36
C VAL B 624 -22.66 -30.06 -3.20
N GLU B 625 -22.67 -30.76 -2.06
CA GLU B 625 -21.91 -30.31 -0.91
C GLU B 625 -20.41 -30.30 -1.20
N GLN B 626 -19.91 -31.35 -1.88
CA GLN B 626 -18.51 -31.34 -2.28
C GLN B 626 -18.21 -30.16 -3.19
N LEU B 627 -19.13 -29.86 -4.11
CA LEU B 627 -18.90 -28.76 -5.04
C LEU B 627 -18.81 -27.43 -4.31
N VAL B 628 -19.70 -27.19 -3.35
CA VAL B 628 -19.63 -25.93 -2.60
C VAL B 628 -18.36 -25.89 -1.75
N TYR B 629 -17.93 -27.04 -1.23
CA TYR B 629 -16.69 -27.07 -0.45
C TYR B 629 -15.50 -26.70 -1.33
N ASP B 630 -15.41 -27.26 -2.54
CA ASP B 630 -14.32 -26.90 -3.44
C ASP B 630 -14.41 -25.44 -3.87
N PHE B 631 -15.63 -24.92 -4.04
CA PHE B 631 -15.78 -23.50 -4.36
C PHE B 631 -15.17 -22.64 -3.26
N THR B 632 -15.53 -22.92 -2.00
CA THR B 632 -14.97 -22.17 -0.89
C THR B 632 -13.46 -22.34 -0.81
N ASP B 633 -12.98 -23.55 -1.06
CA ASP B 633 -11.52 -23.79 -0.91
C ASP B 633 -10.79 -22.95 -1.94
N GLU B 634 -11.18 -23.05 -3.21
CA GLU B 634 -10.43 -22.34 -4.28
C GLU B 634 -10.54 -20.82 -4.09
N THR B 635 -11.71 -20.32 -3.76
CA THR B 635 -11.87 -18.84 -3.69
C THR B 635 -11.15 -18.24 -2.48
N SER B 636 -11.04 -18.98 -1.38
CA SER B 636 -10.46 -18.39 -0.14
C SER B 636 -8.95 -18.58 -0.06
N GLU B 637 -8.32 -19.08 -1.12
CA GLU B 637 -6.90 -19.36 -1.09
C GLU B 637 -6.09 -18.06 -0.96
N VAL B 638 -4.93 -18.12 -0.32
CA VAL B 638 -4.08 -16.90 -0.24
C VAL B 638 -2.60 -17.27 -0.47
N SER B 639 -1.71 -16.28 -0.56
CA SER B 639 -0.28 -16.54 -0.86
C SER B 639 0.58 -16.41 0.40
N THR B 640 1.41 -17.40 0.68
CA THR B 640 2.24 -17.40 1.92
C THR B 640 3.38 -16.39 1.84
N THR B 641 4.11 -16.33 0.72
CA THR B 641 5.29 -15.42 0.63
C THR B 641 4.89 -14.03 1.12
N ASP B 642 5.60 -13.51 2.12
CA ASP B 642 5.20 -12.20 2.73
C ASP B 642 6.39 -11.25 2.74
N LYS B 643 7.57 -11.73 2.38
CA LYS B 643 8.80 -10.88 2.43
C LYS B 643 8.54 -9.63 1.60
N ILE B 644 7.49 -9.65 0.78
CA ILE B 644 7.14 -8.46 -0.05
C ILE B 644 6.81 -7.30 0.90
N ALA B 645 6.86 -6.07 0.38
CA ALA B 645 6.61 -4.86 1.21
C ALA B 645 5.12 -4.48 1.22
N ASP B 646 4.37 -5.01 2.18
CA ASP B 646 2.97 -4.61 2.34
C ASP B 646 2.07 -5.12 1.21
N ILE B 647 2.50 -6.17 0.50
CA ILE B 647 1.66 -6.85 -0.47
C ILE B 647 1.41 -8.23 0.14
N THR B 648 1.32 -8.28 1.47
CA THR B 648 1.28 -9.53 2.22
C THR B 648 0.22 -10.49 1.71
N ILE B 649 -1.00 -9.98 1.47
CA ILE B 649 -2.11 -10.86 1.02
C ILE B 649 -2.15 -10.85 -0.51
N ILE B 650 -1.47 -11.80 -1.16
CA ILE B 650 -1.48 -11.88 -2.64
C ILE B 650 -2.49 -12.96 -3.04
N ILE B 651 -3.48 -12.60 -3.85
CA ILE B 651 -4.51 -13.57 -4.30
C ILE B 651 -4.04 -14.16 -5.63
N PRO B 652 -3.70 -15.46 -5.69
CA PRO B 652 -3.14 -16.03 -6.91
C PRO B 652 -4.08 -16.12 -8.12
N TYR B 653 -5.31 -16.57 -7.92
CA TYR B 653 -6.21 -16.82 -9.09
C TYR B 653 -6.38 -15.55 -9.92
N ILE B 654 -5.98 -14.39 -9.41
CA ILE B 654 -6.26 -13.18 -10.18
C ILE B 654 -5.57 -13.25 -11.54
N GLY B 655 -4.37 -13.82 -11.58
CA GLY B 655 -3.62 -13.96 -12.80
C GLY B 655 -4.42 -14.59 -13.93
N PRO B 656 -4.80 -15.85 -13.79
CA PRO B 656 -5.65 -16.48 -14.83
C PRO B 656 -7.03 -15.86 -14.94
N ALA B 657 -7.47 -15.10 -13.94
CA ALA B 657 -8.82 -14.53 -13.97
C ALA B 657 -8.95 -13.48 -15.06
N LEU B 658 -7.93 -12.64 -15.24
CA LEU B 658 -7.97 -11.59 -16.25
C LEU B 658 -6.81 -11.64 -17.23
N ASN B 659 -5.91 -12.61 -17.10
CA ASN B 659 -4.66 -12.62 -17.86
C ASN B 659 -3.90 -11.32 -17.57
N ILE B 660 -3.47 -11.24 -16.32
CA ILE B 660 -2.78 -10.06 -15.80
C ILE B 660 -1.31 -10.18 -16.18
N GLY B 661 -0.84 -9.24 -16.99
CA GLY B 661 0.53 -9.28 -17.47
C GLY B 661 0.79 -10.28 -18.57
N ASN B 662 -0.24 -10.96 -19.05
CA ASN B 662 -0.14 -11.95 -20.14
C ASN B 662 0.63 -13.20 -19.72
N MET B 663 0.40 -13.67 -18.50
CA MET B 663 0.75 -15.04 -18.12
C MET B 663 -0.50 -15.72 -17.59
N LEU B 664 -0.60 -17.03 -17.84
CA LEU B 664 -1.76 -17.82 -17.45
C LEU B 664 -1.43 -18.83 -16.35
N TYR B 665 -0.47 -18.51 -15.48
CA TYR B 665 -0.13 -19.35 -14.35
C TYR B 665 -0.15 -18.50 -13.08
N LYS B 666 -0.81 -19.02 -12.04
CA LYS B 666 -0.90 -18.28 -10.78
C LYS B 666 0.47 -18.11 -10.15
N ASP B 667 1.31 -19.15 -10.19
CA ASP B 667 2.67 -19.03 -9.69
C ASP B 667 3.43 -17.98 -10.50
N ASP B 668 3.25 -18.01 -11.82
CA ASP B 668 3.88 -16.99 -12.66
C ASP B 668 3.35 -15.59 -12.32
N PHE B 669 2.05 -15.50 -12.01
CA PHE B 669 1.49 -14.20 -11.62
C PHE B 669 2.13 -13.69 -10.34
N VAL B 670 2.28 -14.55 -9.33
CA VAL B 670 2.89 -14.11 -8.08
C VAL B 670 4.34 -13.72 -8.31
N GLY B 671 5.06 -14.48 -9.12
CA GLY B 671 6.43 -14.13 -9.42
C GLY B 671 6.56 -12.79 -10.10
N ALA B 672 5.71 -12.55 -11.10
CA ALA B 672 5.72 -11.26 -11.79
C ALA B 672 5.32 -10.13 -10.86
N LEU B 673 4.37 -10.39 -9.96
CA LEU B 673 3.97 -9.38 -8.99
C LEU B 673 5.15 -8.98 -8.12
N ILE B 674 5.84 -9.96 -7.54
CA ILE B 674 6.97 -9.64 -6.68
C ILE B 674 8.08 -8.98 -7.47
N PHE B 675 8.28 -9.39 -8.72
CA PHE B 675 9.37 -8.83 -9.52
C PHE B 675 9.10 -7.38 -9.91
N SER B 676 7.87 -7.04 -10.30
CA SER B 676 7.59 -5.76 -10.94
C SER B 676 6.68 -4.86 -10.12
N GLY B 677 6.39 -5.19 -8.87
CA GLY B 677 5.57 -4.27 -8.12
C GLY B 677 4.12 -4.33 -8.58
N ALA B 678 3.41 -3.22 -8.34
CA ALA B 678 2.01 -3.11 -8.71
C ALA B 678 1.82 -2.58 -10.12
N VAL B 679 2.90 -2.47 -10.90
CA VAL B 679 2.79 -1.92 -12.26
C VAL B 679 1.99 -2.84 -13.16
N ILE B 680 2.14 -4.16 -13.00
CA ILE B 680 1.53 -5.11 -13.92
C ILE B 680 0.01 -5.03 -13.87
N LEU B 681 -0.56 -4.63 -12.72
CA LEU B 681 -2.00 -4.47 -12.64
C LEU B 681 -2.48 -3.33 -13.52
N LEU B 682 -1.73 -2.24 -13.59
CA LEU B 682 -2.14 -1.08 -14.35
C LEU B 682 -2.16 -1.39 -15.84
N GLU B 683 -3.23 -0.96 -16.52
CA GLU B 683 -3.31 -1.14 -17.96
C GLU B 683 -2.42 -0.15 -18.69
N PHE B 684 -2.34 1.08 -18.18
CA PHE B 684 -1.46 2.10 -18.74
C PHE B 684 -0.71 2.78 -17.60
N ILE B 685 0.55 3.10 -17.85
CA ILE B 685 1.41 3.72 -16.84
C ILE B 685 1.20 5.22 -16.85
N PRO B 686 0.77 5.83 -15.74
CA PRO B 686 0.66 7.28 -15.70
C PRO B 686 2.01 7.95 -15.82
N GLU B 687 2.01 9.12 -16.45
CA GLU B 687 3.23 9.91 -16.64
C GLU B 687 3.15 11.12 -15.70
N ILE B 688 3.99 11.12 -14.67
CA ILE B 688 4.03 12.18 -13.68
C ILE B 688 5.37 12.87 -13.77
N ALA B 689 5.35 14.19 -13.92
CA ALA B 689 6.57 14.99 -14.08
C ALA B 689 6.40 16.29 -13.33
N ILE B 690 7.17 16.48 -12.27
CA ILE B 690 7.16 17.70 -11.48
C ILE B 690 8.22 18.63 -12.06
N PRO B 691 7.87 19.86 -12.44
CA PRO B 691 8.90 20.80 -12.93
C PRO B 691 9.80 21.23 -11.80
N VAL B 692 10.96 21.79 -12.19
CA VAL B 692 11.90 22.29 -11.20
C VAL B 692 11.24 23.42 -10.43
N LEU B 693 11.08 23.23 -9.12
CA LEU B 693 10.38 24.21 -8.31
C LEU B 693 11.13 25.54 -8.32
N GLY B 694 10.38 26.63 -8.29
CA GLY B 694 10.98 27.94 -8.40
C GLY B 694 11.79 28.32 -7.17
N THR B 695 12.63 29.34 -7.36
CA THR B 695 13.48 29.85 -6.30
C THR B 695 12.76 30.93 -5.50
N PHE B 696 13.26 31.19 -4.30
CA PHE B 696 12.69 32.19 -3.40
C PHE B 696 13.59 33.42 -3.39
N ALA B 697 13.04 34.55 -3.86
CA ALA B 697 13.79 35.80 -3.91
C ALA B 697 13.52 36.58 -2.63
N LEU B 698 14.55 36.79 -1.83
CA LEU B 698 14.42 37.43 -0.53
C LEU B 698 14.84 38.89 -0.63
N VAL B 699 13.98 39.79 -0.17
CA VAL B 699 14.29 41.21 -0.15
C VAL B 699 14.98 41.54 1.16
N SER B 700 15.93 42.46 1.10
CA SER B 700 16.68 42.91 2.27
C SER B 700 16.25 44.32 2.62
N TYR B 701 15.95 44.54 3.90
CA TYR B 701 15.57 45.85 4.40
C TYR B 701 16.77 46.49 5.09
N ILE B 702 16.98 47.78 4.83
CA ILE B 702 18.18 48.45 5.33
C ILE B 702 17.99 48.79 6.81
N ALA B 703 18.97 48.37 7.62
CA ALA B 703 19.05 48.68 9.04
C ALA B 703 17.74 48.39 9.78
N ASN B 704 17.29 47.14 9.69
CA ASN B 704 16.07 46.70 10.34
C ASN B 704 16.33 45.42 11.11
N LYS B 705 15.65 45.27 12.25
CA LYS B 705 15.90 44.17 13.17
C LYS B 705 14.74 43.20 13.34
N VAL B 706 13.50 43.66 13.21
CA VAL B 706 12.33 42.79 13.37
C VAL B 706 11.86 42.23 12.04
N LEU B 707 11.88 43.04 10.99
CA LEU B 707 11.34 42.60 9.70
C LEU B 707 12.14 41.45 9.11
N THR B 708 13.45 41.41 9.33
CA THR B 708 14.26 40.34 8.77
C THR B 708 13.90 38.99 9.40
N VAL B 709 13.67 38.97 10.71
CA VAL B 709 13.20 37.75 11.35
C VAL B 709 11.86 37.33 10.78
N GLN B 710 11.01 38.31 10.47
CA GLN B 710 9.74 38.01 9.81
C GLN B 710 9.96 37.39 8.44
N THR B 711 10.97 37.87 7.70
CA THR B 711 11.27 37.29 6.40
C THR B 711 11.73 35.85 6.54
N ILE B 712 12.56 35.57 7.54
CA ILE B 712 13.02 34.19 7.75
C ILE B 712 11.83 33.28 8.11
N ASP B 713 10.97 33.75 9.01
CA ASP B 713 9.80 32.97 9.41
C ASP B 713 8.90 32.74 8.20
N ASN B 714 8.69 33.77 7.38
CA ASN B 714 7.87 33.64 6.19
C ASN B 714 8.47 32.64 5.22
N ALA B 715 9.80 32.65 5.06
CA ALA B 715 10.45 31.71 4.17
C ALA B 715 10.22 30.28 4.63
N LEU B 716 10.36 30.02 5.93
CA LEU B 716 10.12 28.67 6.42
C LEU B 716 8.66 28.26 6.25
N SER B 717 7.73 29.17 6.54
CA SER B 717 6.32 28.87 6.38
C SER B 717 5.97 28.56 4.92
N LYS B 718 6.49 29.37 3.99
CA LYS B 718 6.23 29.13 2.58
C LYS B 718 6.90 27.85 2.10
N ARG B 719 8.03 27.48 2.70
CA ARG B 719 8.61 26.17 2.43
C ARG B 719 7.63 25.05 2.79
N ASN B 720 7.04 25.15 3.98
CA ASN B 720 6.05 24.14 4.37
C ASN B 720 4.85 24.15 3.42
N GLU B 721 4.42 25.34 3.00
CA GLU B 721 3.31 25.45 2.06
C GLU B 721 3.65 24.78 0.73
N LYS B 722 4.86 24.98 0.23
CA LYS B 722 5.28 24.35 -1.01
C LYS B 722 5.29 22.83 -0.88
N TRP B 723 5.79 22.32 0.24
CA TRP B 723 5.76 20.88 0.46
C TRP B 723 4.33 20.35 0.42
N ASP B 724 3.43 21.02 1.14
CA ASP B 724 2.04 20.57 1.17
C ASP B 724 1.41 20.63 -0.22
N GLU B 725 1.68 21.68 -0.97
CA GLU B 725 1.07 21.85 -2.28
C GLU B 725 1.56 20.79 -3.27
N VAL B 726 2.86 20.48 -3.27
CA VAL B 726 3.36 19.43 -4.14
C VAL B 726 2.77 18.08 -3.76
N TYR B 727 2.69 17.81 -2.46
CA TYR B 727 2.09 16.54 -2.02
C TYR B 727 0.65 16.44 -2.49
N LYS B 728 -0.12 17.53 -2.38
CA LYS B 728 -1.51 17.52 -2.81
C LYS B 728 -1.62 17.29 -4.31
N TYR B 729 -0.75 17.93 -5.10
CA TYR B 729 -0.78 17.72 -6.54
C TYR B 729 -0.50 16.28 -6.90
N ILE B 730 0.50 15.66 -6.25
CA ILE B 730 0.82 14.27 -6.54
C ILE B 730 -0.34 13.36 -6.14
N VAL B 731 -0.97 13.64 -5.00
CA VAL B 731 -2.11 12.84 -4.58
C VAL B 731 -3.25 12.95 -5.57
N THR B 732 -3.51 14.17 -6.08
CA THR B 732 -4.55 14.35 -7.08
C THR B 732 -4.25 13.56 -8.34
N ASN B 733 -2.99 13.61 -8.80
CA ASN B 733 -2.62 12.86 -10.00
C ASN B 733 -2.80 11.36 -9.79
N TRP B 734 -2.39 10.86 -8.63
CA TRP B 734 -2.53 9.44 -8.34
C TRP B 734 -3.99 9.02 -8.28
N LEU B 735 -4.83 9.84 -7.65
CA LEU B 735 -6.26 9.53 -7.57
C LEU B 735 -6.90 9.53 -8.94
N ALA B 736 -6.51 10.48 -9.80
CA ALA B 736 -7.14 10.58 -11.12
C ALA B 736 -6.70 9.46 -12.04
N LYS B 737 -5.42 9.07 -11.99
CA LYS B 737 -4.87 8.21 -13.02
C LYS B 737 -4.65 6.76 -12.61
N VAL B 738 -4.58 6.44 -11.31
CA VAL B 738 -4.19 5.12 -10.85
C VAL B 738 -5.34 4.39 -10.18
N ASN B 739 -6.00 5.04 -9.21
CA ASN B 739 -7.01 4.35 -8.42
C ASN B 739 -8.20 3.91 -9.26
N THR B 740 -8.49 4.61 -10.36
CA THR B 740 -9.61 4.23 -11.20
C THR B 740 -9.40 2.86 -11.82
N GLN B 741 -8.18 2.58 -12.29
CA GLN B 741 -7.90 1.27 -12.86
C GLN B 741 -8.03 0.17 -11.82
N ILE B 742 -7.57 0.43 -10.60
CA ILE B 742 -7.71 -0.56 -9.53
C ILE B 742 -9.18 -0.82 -9.24
N ASP B 743 -9.99 0.24 -9.21
CA ASP B 743 -11.42 0.06 -8.99
C ASP B 743 -12.06 -0.77 -10.10
N LEU B 744 -11.68 -0.51 -11.35
CA LEU B 744 -12.24 -1.29 -12.45
C LEU B 744 -11.83 -2.75 -12.34
N ILE B 745 -10.58 -3.02 -11.97
CA ILE B 745 -10.13 -4.40 -11.82
C ILE B 745 -10.90 -5.08 -10.69
N ARG B 746 -11.18 -4.34 -9.61
CA ARG B 746 -11.97 -4.89 -8.52
C ARG B 746 -13.38 -5.28 -8.99
N LYS B 747 -14.03 -4.37 -9.73
CA LYS B 747 -15.36 -4.66 -10.25
C LYS B 747 -15.33 -5.88 -11.17
N LYS B 748 -14.29 -5.99 -12.00
CA LYS B 748 -14.19 -7.11 -12.92
C LYS B 748 -13.95 -8.42 -12.18
N MET B 749 -13.18 -8.39 -11.10
CA MET B 749 -13.03 -9.58 -10.25
C MET B 749 -14.38 -10.01 -9.70
N LYS B 750 -15.17 -9.05 -9.20
CA LYS B 750 -16.49 -9.39 -8.68
C LYS B 750 -17.35 -10.01 -9.78
N GLU B 751 -17.31 -9.44 -10.98
CA GLU B 751 -18.11 -9.95 -12.09
C GLU B 751 -17.68 -11.36 -12.48
N ALA B 752 -16.37 -11.62 -12.51
CA ALA B 752 -15.89 -12.95 -12.87
C ALA B 752 -16.30 -13.98 -11.84
N LEU B 753 -16.22 -13.63 -10.55
CA LEU B 753 -16.65 -14.57 -9.52
C LEU B 753 -18.14 -14.86 -9.64
N GLU B 754 -18.95 -13.83 -9.90
CA GLU B 754 -20.38 -14.04 -10.11
C GLU B 754 -20.63 -14.96 -11.29
N ASN B 755 -19.89 -14.77 -12.38
CA ASN B 755 -20.06 -15.61 -13.57
C ASN B 755 -19.73 -17.06 -13.27
N GLN B 756 -18.65 -17.30 -12.53
CA GLN B 756 -18.30 -18.68 -12.17
C GLN B 756 -19.38 -19.32 -11.30
N ALA B 757 -19.89 -18.57 -10.32
CA ALA B 757 -20.94 -19.10 -9.46
C ALA B 757 -22.19 -19.44 -10.25
N GLU B 758 -22.57 -18.55 -11.18
CA GLU B 758 -23.75 -18.79 -12.00
C GLU B 758 -23.57 -20.01 -12.90
N ALA B 759 -22.36 -20.19 -13.44
CA ALA B 759 -22.09 -21.36 -14.27
C ALA B 759 -22.25 -22.65 -13.47
N THR B 760 -21.68 -22.68 -12.26
CA THR B 760 -21.82 -23.87 -11.43
C THR B 760 -23.27 -24.13 -11.08
N LYS B 761 -24.02 -23.07 -10.74
CA LYS B 761 -25.43 -23.23 -10.41
C LYS B 761 -26.21 -23.78 -11.59
N ALA B 762 -25.92 -23.29 -12.80
CA ALA B 762 -26.62 -23.77 -13.98
C ALA B 762 -26.31 -25.24 -14.23
N ILE B 763 -25.06 -25.65 -14.05
CA ILE B 763 -24.72 -27.06 -14.22
C ILE B 763 -25.49 -27.92 -13.23
N ILE B 764 -25.54 -27.48 -11.97
CA ILE B 764 -26.25 -28.24 -10.95
C ILE B 764 -27.73 -28.35 -11.29
N ASN B 765 -28.35 -27.24 -11.69
CA ASN B 765 -29.76 -27.25 -12.02
C ASN B 765 -30.04 -28.16 -13.21
N TYR B 766 -29.18 -28.13 -14.23
CA TYR B 766 -29.38 -28.99 -15.39
C TYR B 766 -29.27 -30.46 -15.00
N GLN B 767 -28.31 -30.80 -14.13
CA GLN B 767 -28.20 -32.18 -13.69
C GLN B 767 -29.43 -32.59 -12.88
N TYR B 768 -29.95 -31.70 -12.04
CA TYR B 768 -31.15 -32.00 -11.29
C TYR B 768 -32.32 -32.27 -12.22
N ASN B 769 -32.45 -31.46 -13.28
CA ASN B 769 -33.62 -31.54 -14.15
C ASN B 769 -33.76 -32.89 -14.81
N GLN B 770 -32.68 -33.69 -14.88
CA GLN B 770 -32.68 -34.93 -15.66
C GLN B 770 -33.36 -36.10 -14.95
N TYR B 771 -33.60 -36.01 -13.64
CA TYR B 771 -34.09 -37.15 -12.88
C TYR B 771 -35.56 -37.43 -13.20
N THR B 772 -36.08 -38.49 -12.58
CA THR B 772 -37.49 -38.85 -12.65
C THR B 772 -38.23 -38.28 -11.44
N GLU B 773 -39.56 -38.30 -11.51
CA GLU B 773 -40.37 -37.60 -10.52
C GLU B 773 -40.13 -38.15 -9.11
N GLU B 774 -40.10 -39.48 -8.98
CA GLU B 774 -39.82 -40.07 -7.67
C GLU B 774 -38.44 -39.67 -7.18
N GLU B 775 -37.48 -39.54 -8.09
CA GLU B 775 -36.14 -39.10 -7.70
C GLU B 775 -36.15 -37.66 -7.22
N LYS B 776 -36.89 -36.77 -7.89
CA LYS B 776 -36.93 -35.39 -7.43
C LYS B 776 -37.62 -35.27 -6.08
N ASN B 777 -38.73 -35.97 -5.88
CA ASN B 777 -39.44 -35.80 -4.60
C ASN B 777 -38.73 -36.50 -3.44
N ASN B 778 -38.10 -37.65 -3.69
CA ASN B 778 -37.36 -38.30 -2.62
C ASN B 778 -36.06 -37.56 -2.30
N ILE B 779 -35.36 -37.09 -3.31
CA ILE B 779 -34.12 -36.36 -3.15
C ILE B 779 -34.42 -34.89 -3.47
N ASN B 780 -34.71 -34.10 -2.44
CA ASN B 780 -35.14 -32.72 -2.63
C ASN B 780 -33.93 -31.79 -2.58
N PHE B 781 -33.81 -30.93 -3.58
CA PHE B 781 -32.77 -29.91 -3.63
C PHE B 781 -33.40 -28.60 -4.03
N ASN B 782 -33.07 -27.53 -3.31
CA ASN B 782 -33.59 -26.20 -3.60
C ASN B 782 -32.44 -25.28 -4.00
N ILE B 783 -32.77 -24.25 -4.77
CA ILE B 783 -31.74 -23.41 -5.36
C ILE B 783 -31.40 -22.20 -4.48
N ASP B 784 -32.36 -21.69 -3.71
CA ASP B 784 -32.15 -20.45 -2.98
C ASP B 784 -31.02 -20.57 -1.95
N ASP B 785 -30.99 -21.67 -1.20
CA ASP B 785 -29.94 -21.85 -0.20
C ASP B 785 -28.57 -21.99 -0.86
N LEU B 786 -28.50 -22.72 -1.97
CA LEU B 786 -27.24 -22.85 -2.70
C LEU B 786 -26.75 -21.49 -3.17
N SER B 787 -27.66 -20.68 -3.73
CA SER B 787 -27.28 -19.35 -4.17
C SER B 787 -26.80 -18.50 -3.01
N SER B 788 -27.48 -18.59 -1.87
CA SER B 788 -27.09 -17.79 -0.71
C SER B 788 -25.70 -18.16 -0.22
N LYS B 789 -25.41 -19.47 -0.12
CA LYS B 789 -24.10 -19.86 0.39
C LYS B 789 -22.99 -19.55 -0.62
N LEU B 790 -23.27 -19.70 -1.90
CA LEU B 790 -22.28 -19.31 -2.90
C LEU B 790 -22.02 -17.81 -2.85
N ASN B 791 -23.08 -17.01 -2.64
CA ASN B 791 -22.89 -15.57 -2.51
C ASN B 791 -22.07 -15.22 -1.28
N GLU B 792 -22.29 -15.93 -0.17
CA GLU B 792 -21.50 -15.66 1.02
C GLU B 792 -20.03 -16.01 0.80
N SER B 793 -19.77 -17.11 0.08
CA SER B 793 -18.38 -17.45 -0.26
C SER B 793 -17.77 -16.39 -1.16
N ILE B 794 -18.55 -15.88 -2.11
CA ILE B 794 -18.08 -14.83 -3.00
C ILE B 794 -17.71 -13.58 -2.20
N ASN B 795 -18.54 -13.21 -1.22
CA ASN B 795 -18.23 -12.06 -0.38
C ASN B 795 -16.96 -12.30 0.43
N LYS B 796 -16.80 -13.52 0.97
CA LYS B 796 -15.62 -13.83 1.75
C LYS B 796 -14.35 -13.69 0.91
N ALA B 797 -14.40 -14.15 -0.34
CA ALA B 797 -13.25 -13.95 -1.23
C ALA B 797 -13.08 -12.48 -1.61
N MET B 798 -14.19 -11.76 -1.77
CA MET B 798 -14.14 -10.37 -2.21
C MET B 798 -13.48 -9.49 -1.18
N ILE B 799 -13.62 -9.83 0.11
CA ILE B 799 -12.93 -9.06 1.14
C ILE B 799 -11.42 -9.13 0.94
N ASN B 800 -10.90 -10.34 0.73
CA ASN B 800 -9.46 -10.49 0.51
C ASN B 800 -9.01 -9.80 -0.77
N ILE B 801 -9.81 -9.91 -1.83
CA ILE B 801 -9.44 -9.25 -3.08
C ILE B 801 -9.38 -7.74 -2.89
N ASN B 802 -10.36 -7.18 -2.18
CA ASN B 802 -10.35 -5.74 -1.91
C ASN B 802 -9.12 -5.33 -1.11
N LYS B 803 -8.77 -6.12 -0.09
CA LYS B 803 -7.59 -5.77 0.71
C LYS B 803 -6.33 -5.81 -0.15
N PHE B 804 -6.19 -6.84 -0.99
CA PHE B 804 -5.02 -6.94 -1.85
C PHE B 804 -4.93 -5.76 -2.82
N LEU B 805 -6.05 -5.37 -3.41
CA LEU B 805 -6.01 -4.28 -4.38
C LEU B 805 -5.75 -2.94 -3.71
N ASN B 806 -6.30 -2.72 -2.51
CA ASN B 806 -5.98 -1.51 -1.77
C ASN B 806 -4.51 -1.44 -1.44
N GLN B 807 -3.92 -2.56 -1.01
CA GLN B 807 -2.50 -2.58 -0.71
C GLN B 807 -1.68 -2.27 -1.96
N CYS B 808 -2.08 -2.83 -3.10
CA CYS B 808 -1.35 -2.55 -4.34
C CYS B 808 -1.42 -1.07 -4.71
N SER B 809 -2.61 -0.47 -4.60
CA SER B 809 -2.74 0.95 -4.95
C SER B 809 -1.91 1.83 -4.04
N VAL B 810 -1.96 1.58 -2.73
CA VAL B 810 -1.19 2.41 -1.81
C VAL B 810 0.31 2.19 -2.02
N SER B 811 0.71 0.94 -2.28
CA SER B 811 2.12 0.67 -2.54
C SER B 811 2.61 1.41 -3.76
N TYR B 812 1.81 1.41 -4.84
CA TYR B 812 2.22 2.15 -6.04
C TYR B 812 2.32 3.64 -5.75
N LEU B 813 1.36 4.18 -5.00
CA LEU B 813 1.40 5.61 -4.67
C LEU B 813 2.67 5.95 -3.92
N MET B 814 3.03 5.16 -2.91
CA MET B 814 4.17 5.49 -2.08
C MET B 814 5.51 5.05 -2.68
N ASN B 815 5.49 4.24 -3.74
CA ASN B 815 6.72 3.75 -4.34
C ASN B 815 7.11 4.49 -5.62
N SER B 816 6.16 4.68 -6.54
CA SER B 816 6.49 5.17 -7.87
C SER B 816 6.00 6.59 -8.14
N MET B 817 5.33 7.23 -7.19
CA MET B 817 4.84 8.59 -7.39
C MET B 817 5.44 9.58 -6.41
N ILE B 818 5.46 9.25 -5.12
CA ILE B 818 5.97 10.19 -4.11
C ILE B 818 7.44 10.54 -4.33
N PRO B 819 8.35 9.60 -4.56
CA PRO B 819 9.77 9.98 -4.68
C PRO B 819 10.05 11.01 -5.76
N TYR B 820 9.32 10.97 -6.87
CA TYR B 820 9.57 11.93 -7.95
C TYR B 820 9.28 13.35 -7.52
N GLY B 821 8.45 13.52 -6.49
CA GLY B 821 8.19 14.83 -5.95
C GLY B 821 9.07 15.16 -4.76
N VAL B 822 9.41 14.14 -3.98
CA VAL B 822 10.30 14.34 -2.84
C VAL B 822 11.66 14.81 -3.32
N LYS B 823 12.15 14.28 -4.44
CA LYS B 823 13.42 14.74 -4.98
C LYS B 823 13.38 16.23 -5.29
N ARG B 824 12.33 16.68 -5.98
CA ARG B 824 12.21 18.08 -6.33
C ARG B 824 12.12 18.95 -5.07
N LEU B 825 11.32 18.51 -4.09
CA LEU B 825 11.15 19.30 -2.89
C LEU B 825 12.46 19.43 -2.12
N GLU B 826 13.22 18.36 -2.00
CA GLU B 826 14.45 18.43 -1.21
C GLU B 826 15.57 19.14 -1.96
N ASP B 827 15.59 19.04 -3.30
CA ASP B 827 16.52 19.87 -4.06
C ASP B 827 16.19 21.35 -3.87
N PHE B 828 14.90 21.70 -3.90
CA PHE B 828 14.49 23.07 -3.64
C PHE B 828 14.87 23.50 -2.23
N ASP B 829 14.74 22.59 -1.26
CA ASP B 829 15.11 22.91 0.11
C ASP B 829 16.59 23.22 0.21
N ALA B 830 17.43 22.41 -0.44
CA ALA B 830 18.87 22.68 -0.44
C ALA B 830 19.17 24.00 -1.10
N SER B 831 18.50 24.32 -2.20
CA SER B 831 18.73 25.60 -2.87
C SER B 831 18.34 26.76 -1.97
N LEU B 832 17.24 26.63 -1.24
CA LEU B 832 16.77 27.72 -0.38
C LEU B 832 17.64 27.89 0.85
N LYS B 833 18.23 26.80 1.35
CA LYS B 833 19.03 26.88 2.57
C LYS B 833 20.25 27.78 2.36
N ASP B 834 20.92 27.64 1.22
CA ASP B 834 22.09 28.47 0.96
C ASP B 834 21.71 29.94 0.85
N ALA B 835 20.58 30.23 0.19
CA ALA B 835 20.13 31.61 0.10
C ALA B 835 19.81 32.18 1.48
N LEU B 836 19.16 31.38 2.33
CA LEU B 836 18.85 31.84 3.68
C LEU B 836 20.12 32.11 4.48
N LEU B 837 21.09 31.21 4.39
CA LEU B 837 22.34 31.38 5.14
C LEU B 837 23.11 32.60 4.64
N LYS B 838 23.08 32.85 3.33
CA LYS B 838 23.68 34.07 2.80
C LYS B 838 22.91 35.30 3.29
N TYR B 839 21.59 35.18 3.44
CA TYR B 839 20.79 36.31 3.88
C TYR B 839 21.10 36.67 5.32
N ILE B 840 21.32 35.67 6.19
CA ILE B 840 21.70 35.97 7.56
C ILE B 840 22.98 36.78 7.58
N TYR B 841 23.92 36.45 6.71
CA TYR B 841 25.09 37.28 6.47
C TYR B 841 24.64 38.63 5.90
N ILE B 848 20.61 40.96 12.80
CA ILE B 848 21.80 41.59 13.36
C ILE B 848 21.91 41.29 14.85
N GLY B 849 22.96 40.58 15.23
CA GLY B 849 23.17 40.21 16.62
C GLY B 849 22.43 38.97 17.06
N GLN B 850 21.69 38.31 16.17
CA GLN B 850 20.95 37.10 16.48
C GLN B 850 21.27 35.99 15.49
N VAL B 851 22.51 35.95 15.00
CA VAL B 851 22.83 35.05 13.91
C VAL B 851 22.80 33.59 14.37
N ASP B 852 23.20 33.32 15.61
CA ASP B 852 23.36 31.93 16.03
C ASP B 852 22.02 31.21 16.12
N ARG B 853 21.04 31.82 16.78
CA ARG B 853 19.73 31.20 16.90
C ARG B 853 19.09 31.01 15.54
N LEU B 854 19.17 32.02 14.68
CA LEU B 854 18.57 31.92 13.35
C LEU B 854 19.24 30.83 12.52
N LYS B 855 20.57 30.74 12.58
CA LYS B 855 21.27 29.70 11.84
C LYS B 855 20.88 28.31 12.34
N ASP B 856 20.79 28.15 13.65
CA ASP B 856 20.36 26.86 14.19
C ASP B 856 18.94 26.54 13.73
N LYS B 857 18.06 27.54 13.74
CA LYS B 857 16.67 27.31 13.34
C LYS B 857 16.59 26.89 11.88
N VAL B 858 17.30 27.59 10.99
CA VAL B 858 17.21 27.27 9.57
C VAL B 858 17.83 25.91 9.28
N ASN B 859 19.00 25.62 9.88
CA ASN B 859 19.64 24.33 9.66
C ASN B 859 18.75 23.18 10.12
N ASN B 860 18.18 23.30 11.33
CA ASN B 860 17.35 22.24 11.85
C ASN B 860 16.04 22.12 11.08
N THR B 861 15.51 23.24 10.59
CA THR B 861 14.24 23.20 9.86
C THR B 861 14.41 22.54 8.50
N LEU B 862 15.44 22.93 7.76
CA LEU B 862 15.61 22.45 6.40
C LEU B 862 16.44 21.17 6.31
N SER B 863 17.02 20.70 7.42
CA SER B 863 17.75 19.44 7.37
C SER B 863 16.81 18.26 7.23
N THR B 864 15.66 18.31 7.88
CA THR B 864 14.69 17.22 7.86
C THR B 864 13.69 17.44 6.72
N ASP B 865 12.62 16.66 6.72
CA ASP B 865 11.57 16.77 5.71
C ASP B 865 10.20 16.66 6.37
N ILE B 866 9.20 17.23 5.71
CA ILE B 866 7.82 17.17 6.19
C ILE B 866 7.26 15.78 5.89
N PRO B 867 6.74 15.07 6.89
CA PRO B 867 6.21 13.74 6.63
C PRO B 867 4.98 13.79 5.75
N PHE B 868 4.79 12.73 4.96
CA PHE B 868 3.62 12.60 4.11
C PHE B 868 2.55 11.82 4.85
N GLN B 869 1.50 12.50 5.27
CA GLN B 869 0.35 11.87 5.90
C GLN B 869 -0.85 11.98 4.96
N LEU B 870 -1.41 10.84 4.58
CA LEU B 870 -2.50 10.82 3.61
C LEU B 870 -3.79 11.36 4.19
N SER B 871 -3.90 11.45 5.52
CA SER B 871 -5.15 11.88 6.14
C SER B 871 -5.53 13.31 5.80
N LYS B 872 -4.58 14.11 5.31
CA LYS B 872 -4.84 15.51 4.99
C LYS B 872 -5.23 15.73 3.54
N TYR B 873 -5.36 14.67 2.74
CA TYR B 873 -5.69 14.81 1.33
C TYR B 873 -6.84 13.96 0.85
N VAL B 874 -7.10 12.81 1.49
CA VAL B 874 -8.25 11.97 1.14
C VAL B 874 -9.04 11.70 2.40
N ASP B 875 -10.31 11.37 2.22
CA ASP B 875 -11.22 11.09 3.33
C ASP B 875 -11.84 9.71 3.19
N ASN B 876 -11.07 8.75 2.66
CA ASN B 876 -11.52 7.39 2.48
C ASN B 876 -10.95 6.53 3.60
N GLN B 877 -11.84 6.01 4.46
CA GLN B 877 -11.39 5.26 5.63
C GLN B 877 -10.66 3.99 5.22
N ARG B 878 -11.21 3.27 4.25
CA ARG B 878 -10.66 1.98 3.85
C ARG B 878 -9.23 2.12 3.35
N LEU B 879 -8.96 3.19 2.58
CA LEU B 879 -7.62 3.41 2.08
C LEU B 879 -6.69 3.98 3.15
N LEU B 880 -7.22 4.83 4.03
CA LEU B 880 -6.39 5.41 5.08
C LEU B 880 -5.88 4.34 6.05
N SER B 881 -6.70 3.33 6.34
CA SER B 881 -6.24 2.26 7.22
C SER B 881 -5.05 1.53 6.61
N THR B 882 -5.12 1.21 5.32
CA THR B 882 -4.00 0.52 4.68
C THR B 882 -2.79 1.44 4.58
N PHE B 883 -2.99 2.75 4.42
CA PHE B 883 -1.86 3.65 4.42
C PHE B 883 -1.18 3.69 5.79
N THR B 884 -1.96 3.69 6.87
CA THR B 884 -1.37 3.63 8.20
C THR B 884 -0.59 2.33 8.39
N GLU B 885 -1.13 1.22 7.90
CA GLU B 885 -0.38 -0.03 7.96
C GLU B 885 0.92 0.04 7.16
N TYR B 886 0.88 0.71 6.01
CA TYR B 886 2.09 0.91 5.21
C TYR B 886 3.13 1.71 5.99
N ILE B 887 2.70 2.79 6.65
CA ILE B 887 3.62 3.63 7.38
C ILE B 887 4.18 2.91 8.60
N LYS B 888 3.39 1.99 9.18
CA LYS B 888 3.80 1.33 10.42
C LYS B 888 5.15 0.64 10.28
N ASN B 889 5.32 -0.18 9.25
CA ASN B 889 6.57 -0.92 9.09
C ASN B 889 7.69 0.01 8.64
N ILE B 890 8.86 -0.17 9.25
CA ILE B 890 10.02 0.66 8.92
C ILE B 890 10.59 0.30 7.56
N ILE B 891 10.56 -0.98 7.19
CA ILE B 891 11.19 -1.41 5.95
C ILE B 891 10.49 -0.79 4.74
N ASN B 892 9.17 -0.62 4.82
CA ASN B 892 8.42 -0.03 3.71
C ASN B 892 8.92 1.36 3.35
N THR B 893 9.47 2.10 4.31
CA THR B 893 9.98 3.44 4.07
C THR B 893 11.45 3.45 3.70
N SER B 894 12.07 2.29 3.50
CA SER B 894 13.47 2.24 3.12
C SER B 894 13.64 2.74 1.69
N ILE B 895 14.88 3.12 1.37
CA ILE B 895 15.21 3.66 0.05
C ILE B 895 15.82 2.59 -0.85
N LEU B 896 16.61 1.67 -0.29
CA LEU B 896 17.18 0.57 -1.05
C LEU B 896 16.99 -0.71 -0.26
N ASN B 897 16.41 -1.72 -0.89
CA ASN B 897 15.93 -2.91 -0.19
C ASN B 897 16.33 -4.19 -0.94
N LEU B 898 17.61 -4.29 -1.31
CA LEU B 898 18.09 -5.46 -2.06
C LEU B 898 17.74 -6.77 -1.37
N ARG B 899 16.91 -7.58 -2.01
CA ARG B 899 16.58 -8.91 -1.51
C ARG B 899 16.48 -9.88 -2.69
N TYR B 900 16.71 -11.16 -2.40
CA TYR B 900 16.62 -12.20 -3.42
C TYR B 900 15.21 -12.79 -3.39
N GLU B 901 14.48 -12.58 -4.49
CA GLU B 901 13.09 -13.08 -4.55
C GLU B 901 12.78 -13.65 -5.93
N SER B 902 12.31 -14.89 -5.96
CA SER B 902 11.90 -15.56 -7.20
C SER B 902 13.05 -15.66 -8.20
N ASN B 903 14.17 -16.21 -7.73
CA ASN B 903 15.36 -16.42 -8.55
C ASN B 903 15.82 -15.11 -9.20
N HIS B 904 15.74 -14.02 -8.44
CA HIS B 904 16.19 -12.72 -8.92
C HIS B 904 16.57 -11.85 -7.73
N LEU B 905 17.70 -11.18 -7.82
CA LEU B 905 18.11 -10.19 -6.83
C LEU B 905 17.51 -8.85 -7.24
N ILE B 906 16.52 -8.37 -6.47
CA ILE B 906 15.75 -7.21 -6.86
C ILE B 906 15.68 -6.22 -5.70
N ASP B 907 15.44 -4.97 -6.06
CA ASP B 907 15.28 -3.89 -5.10
C ASP B 907 13.79 -3.75 -4.82
N LEU B 908 13.34 -4.27 -3.68
CA LEU B 908 11.92 -4.25 -3.34
C LEU B 908 11.41 -2.84 -3.11
N SER B 909 12.28 -1.87 -2.86
CA SER B 909 11.85 -0.49 -2.69
C SER B 909 11.68 0.24 -4.02
N ARG B 910 12.11 -0.36 -5.13
CA ARG B 910 11.85 0.13 -6.48
C ARG B 910 12.50 1.49 -6.73
N TYR B 911 13.63 1.76 -6.07
CA TYR B 911 14.42 2.94 -6.37
C TYR B 911 15.59 2.66 -7.30
N ALA B 912 15.92 1.40 -7.53
CA ALA B 912 17.10 1.02 -8.29
C ALA B 912 16.75 0.74 -9.74
N SER B 913 17.56 1.25 -10.65
CA SER B 913 17.36 1.07 -12.07
C SER B 913 17.97 -0.24 -12.57
N LYS B 914 19.21 -0.53 -12.17
CA LYS B 914 19.91 -1.71 -12.66
C LYS B 914 20.62 -2.41 -11.52
N ILE B 915 20.28 -3.66 -11.27
CA ILE B 915 21.00 -4.50 -10.32
C ILE B 915 21.89 -5.42 -11.16
N ASN B 916 23.13 -4.99 -11.35
CA ASN B 916 24.09 -5.76 -12.13
C ASN B 916 24.78 -6.77 -11.23
N ILE B 917 24.89 -8.01 -11.70
CA ILE B 917 25.47 -9.10 -10.91
C ILE B 917 26.65 -9.68 -11.67
N GLY B 918 27.77 -9.83 -10.99
CA GLY B 918 28.93 -10.46 -11.59
C GLY B 918 28.75 -11.97 -11.73
N SER B 919 29.64 -12.56 -12.51
CA SER B 919 29.58 -13.98 -12.83
C SER B 919 30.23 -14.87 -11.78
N LYS B 920 30.87 -14.29 -10.77
CA LYS B 920 31.56 -15.05 -9.74
C LYS B 920 31.05 -14.70 -8.35
N VAL B 921 29.74 -14.48 -8.25
CA VAL B 921 29.08 -14.15 -6.98
C VAL B 921 28.20 -15.33 -6.61
N ASN B 922 28.42 -15.90 -5.42
CA ASN B 922 27.75 -17.13 -5.07
C ASN B 922 26.53 -16.86 -4.20
N PHE B 923 25.53 -17.72 -4.32
CA PHE B 923 24.34 -17.67 -3.49
C PHE B 923 24.19 -19.01 -2.78
N ASP B 924 23.90 -18.97 -1.49
CA ASP B 924 23.79 -20.19 -0.71
C ASP B 924 22.55 -20.97 -1.14
N PRO B 925 22.69 -22.22 -1.57
CA PRO B 925 21.50 -22.96 -2.06
C PRO B 925 20.42 -23.14 -1.02
N ILE B 926 20.76 -23.30 0.26
CA ILE B 926 19.74 -23.52 1.28
C ILE B 926 18.94 -22.25 1.51
N ASP B 927 19.63 -21.11 1.62
CA ASP B 927 19.00 -19.82 1.82
C ASP B 927 19.67 -18.88 0.83
N LYS B 928 18.96 -18.53 -0.24
CA LYS B 928 19.57 -17.77 -1.32
C LYS B 928 19.82 -16.31 -0.99
N ASN B 929 19.32 -15.82 0.15
CA ASN B 929 19.57 -14.43 0.52
C ASN B 929 21.04 -14.18 0.81
N GLN B 930 21.70 -15.14 1.47
CA GLN B 930 23.10 -14.97 1.83
C GLN B 930 23.97 -14.96 0.59
N ILE B 931 24.66 -13.85 0.36
CA ILE B 931 25.47 -13.64 -0.84
C ILE B 931 26.93 -13.76 -0.46
N GLN B 932 27.68 -14.54 -1.23
CA GLN B 932 29.11 -14.75 -0.98
C GLN B 932 29.91 -14.04 -2.05
N LEU B 933 30.80 -13.15 -1.63
CA LEU B 933 31.64 -12.37 -2.53
C LEU B 933 33.09 -12.73 -2.30
N PHE B 934 33.81 -13.02 -3.39
CA PHE B 934 35.20 -13.43 -3.35
C PHE B 934 36.11 -12.26 -3.70
N ASN B 935 37.42 -12.50 -3.64
CA ASN B 935 38.41 -11.50 -4.01
C ASN B 935 38.84 -11.72 -5.46
N LEU B 936 37.90 -11.43 -6.36
CA LEU B 936 38.13 -11.53 -7.79
C LEU B 936 37.60 -10.27 -8.46
N GLU B 937 38.16 -9.96 -9.64
CA GLU B 937 37.73 -8.77 -10.36
C GLU B 937 36.30 -8.89 -10.85
N SER B 938 35.80 -10.12 -11.04
CA SER B 938 34.48 -10.34 -11.58
C SER B 938 33.46 -10.74 -10.52
N SER B 939 33.84 -10.77 -9.25
CA SER B 939 32.92 -11.14 -8.18
C SER B 939 32.37 -9.90 -7.48
N LYS B 940 31.61 -9.11 -8.24
CA LYS B 940 31.10 -7.84 -7.77
C LYS B 940 29.61 -7.74 -8.03
N ILE B 941 28.96 -6.87 -7.27
CA ILE B 941 27.57 -6.51 -7.49
C ILE B 941 27.49 -4.99 -7.64
N GLU B 942 26.71 -4.53 -8.61
CA GLU B 942 26.53 -3.10 -8.84
C GLU B 942 25.07 -2.75 -8.67
N VAL B 943 24.81 -1.64 -7.99
CA VAL B 943 23.47 -1.10 -7.90
C VAL B 943 23.48 0.29 -8.53
N ILE B 944 22.67 0.47 -9.58
CA ILE B 944 22.53 1.73 -10.28
C ILE B 944 21.14 2.25 -9.98
N LEU B 945 21.06 3.38 -9.28
CA LEU B 945 19.79 3.96 -8.89
C LEU B 945 19.19 4.78 -10.02
N LYS B 946 17.89 5.02 -9.92
CA LYS B 946 17.19 5.82 -10.91
C LYS B 946 17.67 7.26 -10.84
N ASN B 947 18.00 7.84 -11.99
CA ASN B 947 18.57 9.18 -12.02
C ASN B 947 17.56 10.25 -11.64
N ALA B 948 16.28 9.99 -11.78
CA ALA B 948 15.23 10.97 -11.50
C ALA B 948 14.68 10.86 -10.09
N ILE B 949 15.29 10.05 -9.24
CA ILE B 949 14.82 9.88 -7.87
C ILE B 949 15.91 10.37 -6.90
N VAL B 950 17.17 10.26 -7.32
CA VAL B 950 18.29 10.64 -6.49
C VAL B 950 18.47 12.14 -6.54
N TYR B 951 18.47 12.78 -5.37
CA TYR B 951 18.72 14.20 -5.23
C TYR B 951 20.16 14.45 -4.81
N ASN B 952 20.63 15.68 -5.07
CA ASN B 952 22.02 16.00 -4.81
C ASN B 952 22.32 15.99 -3.31
N SER B 953 21.38 16.46 -2.49
CA SER B 953 21.61 16.64 -1.07
C SER B 953 21.23 15.42 -0.24
N MET B 954 21.29 14.23 -0.83
CA MET B 954 21.10 13.01 -0.06
C MET B 954 22.35 12.74 0.77
N TYR B 955 22.32 11.65 1.53
CA TYR B 955 23.43 11.21 2.37
C TYR B 955 23.81 12.22 3.43
N GLU B 956 22.89 13.11 3.79
CA GLU B 956 23.10 14.03 4.90
C GLU B 956 22.58 13.42 6.20
N ASN B 957 21.39 12.84 6.17
CA ASN B 957 20.83 12.08 7.28
C ASN B 957 20.34 10.76 6.73
N PHE B 958 21.06 9.68 7.03
CA PHE B 958 20.72 8.40 6.42
C PHE B 958 21.28 7.26 7.25
N SER B 959 20.70 6.08 7.04
CA SER B 959 21.10 4.88 7.77
C SER B 959 21.37 3.74 6.80
N THR B 960 22.17 2.79 7.26
CA THR B 960 22.50 1.60 6.48
C THR B 960 22.52 0.41 7.43
N SER B 961 22.16 -0.77 6.92
CA SER B 961 22.16 -1.94 7.76
C SER B 961 22.37 -3.18 6.91
N PHE B 962 23.19 -4.11 7.42
CA PHE B 962 23.42 -5.35 6.69
C PHE B 962 23.96 -6.40 7.66
N TRP B 963 23.72 -7.66 7.34
CA TRP B 963 24.29 -8.78 8.07
C TRP B 963 25.53 -9.24 7.34
N ILE B 964 26.65 -9.35 8.05
CA ILE B 964 27.92 -9.69 7.45
C ILE B 964 28.57 -10.81 8.25
N ARG B 965 29.17 -11.75 7.54
CA ARG B 965 29.96 -12.84 8.12
C ARG B 965 31.36 -12.78 7.53
N ILE B 966 32.35 -12.66 8.39
CA ILE B 966 33.74 -12.48 8.01
C ILE B 966 34.56 -13.66 8.52
N PRO B 967 35.13 -14.48 7.65
CA PRO B 967 35.92 -15.63 8.11
C PRO B 967 37.17 -15.17 8.84
N LYS B 968 37.80 -16.13 9.52
CA LYS B 968 39.01 -15.84 10.28
C LYS B 968 40.15 -15.43 9.36
N TYR B 969 41.01 -14.55 9.87
CA TYR B 969 42.17 -14.08 9.11
C TYR B 969 43.33 -15.05 9.35
N PHE B 970 43.82 -15.65 8.27
CA PHE B 970 44.84 -16.68 8.35
C PHE B 970 46.22 -16.21 7.94
N ASN B 971 46.36 -15.64 6.76
CA ASN B 971 47.67 -15.18 6.30
C ASN B 971 48.07 -13.90 7.01
N SER B 972 49.37 -13.79 7.28
CA SER B 972 49.92 -12.61 7.94
C SER B 972 49.91 -11.37 7.06
N ILE B 973 49.61 -11.52 5.77
CA ILE B 973 49.49 -10.36 4.90
C ILE B 973 48.29 -9.50 5.31
N SER B 974 47.26 -10.12 5.87
CA SER B 974 46.02 -9.40 6.20
C SER B 974 46.24 -8.30 7.23
N LEU B 975 47.30 -8.39 8.03
CA LEU B 975 47.55 -7.37 9.04
C LEU B 975 47.85 -6.02 8.38
N ASN B 976 47.24 -4.97 8.92
CA ASN B 976 47.42 -3.60 8.41
C ASN B 976 47.08 -3.52 6.92
N ASN B 977 45.92 -4.05 6.57
CA ASN B 977 45.45 -4.05 5.19
C ASN B 977 43.96 -3.74 5.19
N GLU B 978 43.60 -2.57 4.69
CA GLU B 978 42.21 -2.13 4.66
C GLU B 978 41.67 -2.24 3.24
N TYR B 979 40.59 -3.00 3.08
CA TYR B 979 39.97 -3.19 1.77
C TYR B 979 38.51 -2.82 1.83
N THR B 980 38.06 -2.04 0.85
CA THR B 980 36.67 -1.64 0.78
C THR B 980 35.79 -2.82 0.40
N ILE B 981 34.67 -2.99 1.10
CA ILE B 981 33.69 -4.01 0.73
C ILE B 981 32.39 -3.41 0.22
N ILE B 982 32.09 -2.15 0.54
CA ILE B 982 30.96 -1.45 -0.05
C ILE B 982 31.40 -0.03 -0.38
N ASN B 983 31.17 0.40 -1.62
CA ASN B 983 31.67 1.69 -2.08
C ASN B 983 30.54 2.49 -2.72
N CYS B 984 30.46 3.77 -2.35
CA CYS B 984 29.51 4.70 -2.95
C CYS B 984 30.16 6.05 -3.18
N MET B 985 31.41 6.04 -3.64
CA MET B 985 32.20 7.25 -3.78
C MET B 985 32.42 7.55 -5.25
N GLU B 986 32.26 8.82 -5.63
CA GLU B 986 32.63 9.28 -6.96
C GLU B 986 33.34 10.61 -6.82
N ASN B 987 34.38 10.81 -7.64
CA ASN B 987 35.25 11.99 -7.55
C ASN B 987 35.81 12.14 -6.14
N ASN B 988 36.22 11.01 -5.54
CA ASN B 988 36.78 10.98 -4.20
C ASN B 988 35.87 11.67 -3.19
N SER B 989 34.64 11.16 -3.08
CA SER B 989 33.68 11.74 -2.16
C SER B 989 32.51 10.79 -1.91
N GLY B 990 32.17 10.56 -0.66
CA GLY B 990 31.05 9.72 -0.31
C GLY B 990 31.37 8.87 0.89
N TRP B 991 30.61 7.79 1.03
CA TRP B 991 30.74 6.88 2.16
C TRP B 991 31.15 5.51 1.66
N LYS B 992 32.00 4.84 2.42
CA LYS B 992 32.41 3.49 2.08
C LYS B 992 32.59 2.65 3.34
N VAL B 993 32.15 1.40 3.26
CA VAL B 993 32.32 0.43 4.34
C VAL B 993 33.50 -0.45 3.96
N SER B 994 34.53 -0.45 4.79
CA SER B 994 35.74 -1.22 4.56
C SER B 994 36.01 -2.14 5.75
N LEU B 995 36.98 -3.02 5.55
CA LEU B 995 37.32 -4.03 6.54
C LEU B 995 38.81 -3.99 6.81
N ASN B 996 39.20 -4.62 7.91
CA ASN B 996 40.62 -4.77 8.25
C ASN B 996 40.73 -5.89 9.28
N TYR B 997 41.96 -6.16 9.70
CA TYR B 997 42.20 -7.27 10.60
C TYR B 997 41.46 -7.06 11.90
N GLY B 998 40.36 -7.78 12.08
CA GLY B 998 39.51 -7.60 13.23
C GLY B 998 38.88 -6.23 13.35
N GLU B 999 38.55 -5.59 12.22
CA GLU B 999 37.98 -4.24 12.25
C GLU B 999 36.97 -4.07 11.15
N ILE B 1000 35.86 -3.40 11.46
CA ILE B 1000 34.89 -2.93 10.49
C ILE B 1000 34.90 -1.41 10.53
N ILE B 1001 35.19 -0.77 9.40
CA ILE B 1001 35.41 0.67 9.34
C ILE B 1001 34.35 1.28 8.45
N TRP B 1002 33.79 2.40 8.89
CA TRP B 1002 32.89 3.22 8.09
C TRP B 1002 33.56 4.56 7.85
N THR B 1003 33.67 4.95 6.58
CA THR B 1003 34.42 6.13 6.20
C THR B 1003 33.52 7.10 5.45
N LEU B 1004 33.57 8.37 5.84
CA LEU B 1004 32.84 9.44 5.19
C LEU B 1004 33.84 10.50 4.75
N GLN B 1005 33.87 10.81 3.46
CA GLN B 1005 34.87 11.72 2.92
C GLN B 1005 34.21 12.75 2.01
N ASP B 1006 34.68 14.00 2.09
CA ASP B 1006 34.15 15.08 1.27
C ASP B 1006 35.16 15.46 0.19
N THR B 1007 34.78 16.44 -0.64
CA THR B 1007 35.61 16.85 -1.75
C THR B 1007 36.93 17.44 -1.29
N GLN B 1008 36.95 18.13 -0.15
CA GLN B 1008 38.16 18.78 0.35
C GLN B 1008 39.13 17.81 1.00
N GLU B 1009 38.96 16.50 0.75
CA GLU B 1009 39.81 15.42 1.24
C GLU B 1009 39.70 15.20 2.73
N ILE B 1010 38.80 15.90 3.44
CA ILE B 1010 38.57 15.61 4.85
C ILE B 1010 37.92 14.24 4.97
N LYS B 1011 38.27 13.54 6.04
CA LYS B 1011 37.85 12.15 6.22
C LYS B 1011 37.46 11.93 7.67
N GLN B 1012 36.36 11.21 7.88
CA GLN B 1012 35.94 10.85 9.22
C GLN B 1012 35.63 9.36 9.24
N ARG B 1013 36.22 8.65 10.21
CA ARG B 1013 36.12 7.19 10.27
C ARG B 1013 35.55 6.79 11.62
N VAL B 1014 34.62 5.84 11.60
CA VAL B 1014 34.15 5.18 12.81
C VAL B 1014 34.45 3.70 12.69
N VAL B 1015 35.13 3.15 13.68
CA VAL B 1015 35.63 1.78 13.59
C VAL B 1015 35.05 0.95 14.73
N PHE B 1016 34.83 -0.32 14.43
CA PHE B 1016 34.46 -1.32 15.43
C PHE B 1016 35.52 -2.40 15.40
N LYS B 1017 36.22 -2.57 16.53
CA LYS B 1017 37.37 -3.47 16.62
C LYS B 1017 37.03 -4.64 17.52
N TYR B 1018 37.23 -5.85 17.00
CA TYR B 1018 37.07 -7.07 17.77
C TYR B 1018 38.34 -7.90 17.66
N SER B 1019 38.77 -8.46 18.78
CA SER B 1019 40.03 -9.19 18.83
C SER B 1019 39.85 -10.63 18.37
N GLN B 1020 40.94 -11.21 17.89
CA GLN B 1020 40.95 -12.60 17.46
C GLN B 1020 41.59 -13.53 18.49
N MET B 1021 42.26 -12.99 19.50
CA MET B 1021 42.92 -13.81 20.51
C MET B 1021 42.02 -13.92 21.74
N ILE B 1022 40.99 -14.75 21.59
CA ILE B 1022 40.01 -15.01 22.65
C ILE B 1022 39.61 -16.47 22.58
N ASN B 1023 39.15 -17.00 23.72
CA ASN B 1023 38.77 -18.40 23.78
C ASN B 1023 37.57 -18.68 22.88
N ILE B 1024 36.51 -17.90 23.01
CA ILE B 1024 35.33 -18.03 22.16
C ILE B 1024 34.90 -16.64 21.74
N SER B 1025 34.74 -16.44 20.44
CA SER B 1025 34.44 -15.13 19.88
C SER B 1025 33.04 -15.11 19.29
N ASP B 1026 32.30 -14.04 19.55
CA ASP B 1026 30.98 -13.84 19.00
C ASP B 1026 30.99 -13.08 17.68
N TYR B 1027 32.15 -12.73 17.17
CA TYR B 1027 32.25 -11.95 15.94
C TYR B 1027 33.19 -12.55 14.90
N ILE B 1028 33.79 -13.70 15.16
CA ILE B 1028 34.68 -14.36 14.21
C ILE B 1028 33.90 -15.44 13.50
N ASN B 1029 33.75 -15.29 12.17
CA ASN B 1029 33.05 -16.26 11.34
C ASN B 1029 31.62 -16.49 11.81
N ARG B 1030 30.99 -15.47 12.38
CA ARG B 1030 29.61 -15.54 12.82
C ARG B 1030 28.86 -14.31 12.31
N TRP B 1031 27.59 -14.51 11.97
CA TRP B 1031 26.79 -13.43 11.43
C TRP B 1031 26.67 -12.30 12.44
N ILE B 1032 26.97 -11.08 12.00
CA ILE B 1032 26.82 -9.89 12.83
C ILE B 1032 26.02 -8.85 12.06
N PHE B 1033 25.12 -8.17 12.77
CA PHE B 1033 24.20 -7.21 12.17
C PHE B 1033 24.77 -5.81 12.38
N VAL B 1034 25.39 -5.25 11.34
CA VAL B 1034 26.04 -3.96 11.41
C VAL B 1034 25.07 -2.90 10.90
N THR B 1035 24.86 -1.86 11.69
CA THR B 1035 24.05 -0.72 11.24
C THR B 1035 24.80 0.58 11.54
N ILE B 1036 24.64 1.54 10.65
CA ILE B 1036 25.37 2.81 10.71
C ILE B 1036 24.41 3.94 10.42
N THR B 1037 24.33 4.91 11.33
CA THR B 1037 23.40 6.04 11.19
C THR B 1037 24.19 7.33 11.18
N ASN B 1038 24.05 8.11 10.12
CA ASN B 1038 24.74 9.38 9.98
C ASN B 1038 23.75 10.52 10.03
N ASN B 1039 24.02 11.49 10.90
CA ASN B 1039 23.34 12.78 10.93
C ASN B 1039 24.38 13.86 10.69
N ARG B 1040 24.17 14.68 9.66
CA ARG B 1040 25.16 15.70 9.35
C ARG B 1040 25.27 16.72 10.47
N LEU B 1041 24.18 16.96 11.21
CA LEU B 1041 24.18 18.01 12.21
C LEU B 1041 25.06 17.66 13.40
N ASN B 1042 24.91 16.45 13.96
CA ASN B 1042 25.49 16.15 15.25
C ASN B 1042 26.59 15.08 15.19
N ASN B 1043 26.28 13.88 14.73
CA ASN B 1043 27.20 12.77 14.90
C ASN B 1043 26.91 11.69 13.89
N SER B 1044 27.88 10.79 13.73
CA SER B 1044 27.71 9.55 12.98
C SER B 1044 28.05 8.39 13.90
N LYS B 1045 27.13 7.44 14.02
CA LYS B 1045 27.27 6.34 14.96
C LYS B 1045 27.19 4.99 14.24
N ILE B 1046 27.81 4.00 14.85
CA ILE B 1046 27.78 2.62 14.36
C ILE B 1046 27.39 1.71 15.51
N TYR B 1047 26.37 0.88 15.27
CA TYR B 1047 25.87 -0.12 16.19
C TYR B 1047 26.16 -1.51 15.64
N ILE B 1048 26.58 -2.41 16.51
CA ILE B 1048 26.80 -3.81 16.16
C ILE B 1048 25.84 -4.64 16.98
N ASN B 1049 25.02 -5.44 16.29
CA ASN B 1049 24.02 -6.29 16.93
C ASN B 1049 23.06 -5.48 17.79
N GLY B 1050 22.66 -4.31 17.30
CA GLY B 1050 21.65 -3.52 17.97
C GLY B 1050 22.12 -2.86 19.26
N ARG B 1051 23.41 -2.71 19.46
CA ARG B 1051 23.97 -2.04 20.63
C ARG B 1051 24.95 -0.98 20.16
N LEU B 1052 24.83 0.23 20.71
CA LEU B 1052 25.72 1.31 20.30
C LEU B 1052 27.16 0.93 20.58
N ILE B 1053 28.00 1.08 19.55
CA ILE B 1053 29.41 0.71 19.62
C ILE B 1053 30.31 1.93 19.53
N ASP B 1054 30.07 2.79 18.54
CA ASP B 1054 30.96 3.95 18.41
C ASP B 1054 30.22 5.12 17.80
N GLN B 1055 30.77 6.31 18.01
CA GLN B 1055 30.20 7.53 17.44
C GLN B 1055 31.28 8.59 17.34
N LYS B 1056 31.16 9.45 16.33
CA LYS B 1056 32.13 10.51 16.11
C LYS B 1056 31.47 11.66 15.37
N PRO B 1057 31.87 12.91 15.65
CA PRO B 1057 31.28 14.05 14.94
C PRO B 1057 31.70 14.09 13.48
N ILE B 1058 30.80 14.60 12.65
CA ILE B 1058 31.05 14.73 11.21
C ILE B 1058 30.71 16.15 10.75
N SER B 1059 30.37 17.02 11.70
CA SER B 1059 29.91 18.36 11.35
C SER B 1059 31.00 19.18 10.66
N ASN B 1060 32.27 18.83 10.84
CA ASN B 1060 33.35 19.61 10.22
C ASN B 1060 33.44 19.36 8.72
N LEU B 1061 32.84 18.28 8.21
CA LEU B 1061 32.96 17.95 6.81
C LEU B 1061 32.27 18.99 5.94
N GLY B 1062 32.76 19.13 4.71
CA GLY B 1062 32.24 20.12 3.79
C GLY B 1062 31.21 19.59 2.82
N ASN B 1063 31.61 19.40 1.57
CA ASN B 1063 30.70 18.98 0.50
C ASN B 1063 30.94 17.49 0.28
N ILE B 1064 30.02 16.67 0.77
CA ILE B 1064 30.03 15.23 0.49
C ILE B 1064 29.08 15.03 -0.69
N HIS B 1065 29.64 15.10 -1.89
CA HIS B 1065 28.82 15.07 -3.10
C HIS B 1065 28.30 13.65 -3.33
N ALA B 1066 27.00 13.54 -3.52
CA ALA B 1066 26.35 12.24 -3.59
C ALA B 1066 26.76 11.50 -4.87
N SER B 1067 26.62 10.18 -4.82
CA SER B 1067 26.96 9.31 -5.94
C SER B 1067 25.71 8.58 -6.43
N ASN B 1068 25.90 7.70 -7.41
CA ASN B 1068 24.81 6.96 -8.01
C ASN B 1068 25.02 5.46 -8.06
N ASN B 1069 26.26 4.98 -8.07
CA ASN B 1069 26.55 3.56 -8.12
C ASN B 1069 26.93 3.05 -6.74
N ILE B 1070 26.56 1.81 -6.45
CA ILE B 1070 26.97 1.13 -5.23
C ILE B 1070 27.71 -0.14 -5.63
N MET B 1071 28.91 -0.30 -5.08
CA MET B 1071 29.86 -1.36 -5.44
C MET B 1071 29.98 -2.34 -4.29
N PHE B 1072 29.39 -3.52 -4.42
CA PHE B 1072 29.66 -4.63 -3.51
C PHE B 1072 30.81 -5.42 -4.10
N LYS B 1073 32.03 -5.07 -3.70
CA LYS B 1073 33.21 -5.73 -4.26
C LYS B 1073 34.39 -5.51 -3.34
N LEU B 1074 35.17 -6.57 -3.12
CA LEU B 1074 36.38 -6.48 -2.31
C LEU B 1074 37.49 -5.86 -3.15
N ASP B 1075 37.88 -4.63 -2.81
CA ASP B 1075 38.86 -3.88 -3.56
C ASP B 1075 40.06 -3.56 -2.68
N GLY B 1076 41.26 -3.79 -3.21
CA GLY B 1076 42.48 -3.48 -2.49
C GLY B 1076 42.94 -4.53 -1.49
N CYS B 1077 42.26 -5.67 -1.42
CA CYS B 1077 42.65 -6.72 -0.49
C CYS B 1077 43.83 -7.50 -1.06
N ARG B 1078 44.94 -7.51 -0.33
CA ARG B 1078 46.13 -8.21 -0.79
C ARG B 1078 46.02 -9.72 -0.58
N ASP B 1079 45.25 -10.17 0.40
CA ASP B 1079 45.01 -11.60 0.56
C ASP B 1079 44.22 -12.12 -0.63
N THR B 1080 44.66 -13.24 -1.18
CA THR B 1080 44.11 -13.72 -2.45
C THR B 1080 42.86 -14.57 -2.30
N HIS B 1081 42.69 -15.24 -1.17
CA HIS B 1081 41.53 -16.11 -0.95
C HIS B 1081 40.48 -15.48 -0.06
N ARG B 1082 40.60 -14.19 0.25
CA ARG B 1082 39.66 -13.53 1.14
C ARG B 1082 38.27 -13.49 0.50
N TYR B 1083 37.25 -13.64 1.34
CA TYR B 1083 35.87 -13.56 0.88
C TYR B 1083 34.99 -13.21 2.07
N ILE B 1084 33.78 -12.73 1.77
CA ILE B 1084 32.83 -12.33 2.80
C ILE B 1084 31.44 -12.84 2.45
N TRP B 1085 30.58 -12.91 3.47
CA TRP B 1085 29.16 -13.16 3.28
C TRP B 1085 28.39 -11.90 3.67
N ILE B 1086 27.49 -11.46 2.81
CA ILE B 1086 26.68 -10.27 3.07
C ILE B 1086 25.23 -10.59 2.72
N LYS B 1087 24.31 -10.08 3.53
CA LYS B 1087 22.89 -10.33 3.27
C LYS B 1087 22.06 -9.24 3.92
N TYR B 1088 20.80 -9.16 3.49
CA TYR B 1088 19.81 -8.25 4.04
C TYR B 1088 20.29 -6.80 4.05
N PHE B 1089 20.91 -6.38 2.96
CA PHE B 1089 21.32 -4.98 2.85
C PHE B 1089 20.09 -4.08 2.80
N ASN B 1090 20.17 -2.94 3.47
CA ASN B 1090 19.08 -1.99 3.53
C ASN B 1090 19.65 -0.59 3.72
N LEU B 1091 19.04 0.38 3.05
CA LEU B 1091 19.39 1.77 3.20
C LEU B 1091 18.15 2.56 3.57
N PHE B 1092 18.34 3.61 4.38
CA PHE B 1092 17.25 4.44 4.85
C PHE B 1092 17.63 5.91 4.68
N ASP B 1093 16.63 6.73 4.40
CA ASP B 1093 16.84 8.16 4.13
C ASP B 1093 16.72 9.02 5.37
N LYS B 1094 16.70 8.44 6.57
CA LYS B 1094 16.60 9.20 7.80
C LYS B 1094 17.42 8.51 8.88
N GLU B 1095 17.82 9.29 9.88
CA GLU B 1095 18.53 8.73 11.02
C GLU B 1095 17.62 7.80 11.80
N LEU B 1096 18.19 6.71 12.31
CA LEU B 1096 17.46 5.68 13.04
C LEU B 1096 17.84 5.72 14.51
N ASN B 1097 16.84 5.80 15.37
CA ASN B 1097 17.09 5.78 16.80
C ASN B 1097 17.30 4.33 17.27
N GLU B 1098 17.61 4.18 18.56
CA GLU B 1098 17.93 2.86 19.09
C GLU B 1098 16.74 1.91 19.03
N LYS B 1099 15.53 2.43 19.25
CA LYS B 1099 14.36 1.57 19.22
C LYS B 1099 14.13 0.97 17.84
N GLU B 1100 14.28 1.78 16.79
CA GLU B 1100 14.10 1.25 15.44
C GLU B 1100 15.21 0.25 15.10
N ILE B 1101 16.42 0.49 15.59
CA ILE B 1101 17.51 -0.44 15.34
C ILE B 1101 17.22 -1.78 16.00
N LYS B 1102 16.76 -1.76 17.25
CA LYS B 1102 16.43 -3.00 17.94
C LYS B 1102 15.27 -3.72 17.26
N ASP B 1103 14.27 -2.97 16.80
CA ASP B 1103 13.16 -3.58 16.08
C ASP B 1103 13.63 -4.23 14.79
N LEU B 1104 14.54 -3.57 14.06
CA LEU B 1104 15.11 -4.16 12.86
C LEU B 1104 15.86 -5.44 13.18
N TYR B 1105 16.65 -5.42 14.25
CA TYR B 1105 17.38 -6.61 14.65
C TYR B 1105 16.43 -7.76 14.99
N ASP B 1106 15.35 -7.46 15.71
CA ASP B 1106 14.38 -8.49 16.07
C ASP B 1106 13.68 -9.04 14.84
N ASN B 1107 13.29 -8.19 13.90
CA ASN B 1107 12.56 -8.64 12.72
C ASN B 1107 13.45 -9.47 11.80
N GLN B 1108 14.64 -8.98 11.49
CA GLN B 1108 15.51 -9.64 10.54
C GLN B 1108 16.17 -10.89 11.10
N SER B 1109 16.11 -11.11 12.41
CA SER B 1109 16.77 -12.27 13.01
C SER B 1109 16.10 -13.58 12.61
N ASN B 1110 14.82 -13.56 12.24
CA ASN B 1110 14.08 -14.76 11.85
C ASN B 1110 14.08 -15.79 12.98
N SER B 1111 13.42 -15.41 14.07
CA SER B 1111 13.40 -16.23 15.27
C SER B 1111 12.68 -17.56 15.07
N GLY B 1112 11.91 -17.71 14.00
CA GLY B 1112 11.18 -18.94 13.80
C GLY B 1112 12.03 -20.14 13.48
N ILE B 1113 13.31 -19.94 13.15
CA ILE B 1113 14.20 -21.01 12.72
C ILE B 1113 15.38 -21.08 13.67
N LEU B 1114 15.64 -22.27 14.20
CA LEU B 1114 16.80 -22.47 15.05
C LEU B 1114 18.09 -22.33 14.24
N LYS B 1115 19.14 -21.84 14.90
CA LYS B 1115 20.38 -21.49 14.24
C LYS B 1115 21.56 -22.18 14.90
N ASP B 1116 22.55 -22.53 14.09
CA ASP B 1116 23.76 -23.19 14.58
C ASP B 1116 24.71 -22.15 15.17
N PHE B 1117 25.95 -22.55 15.42
CA PHE B 1117 26.91 -21.64 16.04
C PHE B 1117 27.20 -20.44 15.15
N TRP B 1118 27.45 -20.68 13.86
CA TRP B 1118 27.85 -19.61 12.97
C TRP B 1118 26.71 -18.65 12.64
N GLY B 1119 25.48 -18.99 12.97
CA GLY B 1119 24.34 -18.16 12.65
C GLY B 1119 23.57 -18.54 11.43
N ASP B 1120 23.85 -19.71 10.83
CA ASP B 1120 23.12 -20.18 9.67
C ASP B 1120 21.83 -20.84 10.13
N TYR B 1121 21.13 -21.52 9.22
CA TYR B 1121 19.90 -22.23 9.56
C TYR B 1121 20.23 -23.65 9.98
N LEU B 1122 19.71 -24.07 11.12
CA LEU B 1122 19.89 -25.44 11.56
C LEU B 1122 19.20 -26.38 10.59
N GLN B 1123 19.81 -27.55 10.36
CA GLN B 1123 19.36 -28.45 9.31
C GLN B 1123 19.25 -29.87 9.83
N TYR B 1124 18.40 -30.65 9.19
CA TYR B 1124 18.22 -32.06 9.50
C TYR B 1124 19.33 -32.89 8.88
N ASP B 1125 19.60 -34.04 9.50
CA ASP B 1125 20.54 -35.03 8.97
C ASP B 1125 21.91 -34.40 8.70
N LYS B 1126 22.38 -33.58 9.63
CA LYS B 1126 23.70 -32.99 9.56
C LYS B 1126 24.37 -33.16 10.92
N PRO B 1127 25.64 -33.56 10.96
CA PRO B 1127 26.31 -33.76 12.25
C PRO B 1127 26.89 -32.46 12.78
N TYR B 1128 26.40 -32.04 13.95
CA TYR B 1128 26.89 -30.85 14.63
C TYR B 1128 27.59 -31.25 15.92
N TYR B 1129 28.74 -30.63 16.19
CA TYR B 1129 29.34 -30.75 17.50
C TYR B 1129 28.57 -29.91 18.51
N MET B 1130 28.54 -30.35 19.75
CA MET B 1130 27.77 -29.69 20.79
C MET B 1130 28.67 -28.83 21.66
N LEU B 1131 28.18 -27.64 22.01
CA LEU B 1131 28.88 -26.78 22.96
C LEU B 1131 27.86 -26.22 23.95
N ASN B 1132 28.22 -26.23 25.22
CA ASN B 1132 27.34 -25.71 26.27
C ASN B 1132 27.77 -24.29 26.64
N LEU B 1133 26.81 -23.37 26.64
CA LEU B 1133 27.14 -21.98 26.96
C LEU B 1133 27.49 -21.80 28.43
N TYR B 1134 26.88 -22.59 29.31
CA TYR B 1134 27.19 -22.49 30.73
C TYR B 1134 28.64 -22.85 31.01
N ASP B 1135 29.14 -23.91 30.37
CA ASP B 1135 30.51 -24.37 30.54
C ASP B 1135 31.12 -24.53 29.16
N PRO B 1136 31.55 -23.44 28.53
CA PRO B 1136 32.09 -23.50 27.16
C PRO B 1136 33.50 -24.07 27.08
N ASN B 1137 34.12 -24.44 28.19
CA ASN B 1137 35.48 -24.96 28.19
C ASN B 1137 35.53 -26.48 28.22
N LYS B 1138 34.39 -27.14 28.04
CA LYS B 1138 34.34 -28.60 28.07
C LYS B 1138 33.40 -29.10 26.98
N TYR B 1139 33.67 -30.31 26.51
CA TYR B 1139 32.94 -30.90 25.39
C TYR B 1139 32.24 -32.17 25.83
N VAL B 1140 31.24 -32.56 25.04
CA VAL B 1140 30.41 -33.72 25.36
C VAL B 1140 31.12 -34.98 24.87
N ASP B 1141 31.23 -35.98 25.74
CA ASP B 1141 31.81 -37.27 25.40
C ASP B 1141 30.90 -38.38 25.92
N VAL B 1142 31.03 -39.55 25.30
CA VAL B 1142 30.16 -40.67 25.59
C VAL B 1142 30.93 -41.66 26.45
N ASN B 1143 30.20 -42.57 27.11
CA ASN B 1143 30.82 -43.51 28.04
C ASN B 1143 30.02 -44.81 27.97
N ASN B 1144 30.58 -45.80 27.25
CA ASN B 1144 30.03 -47.16 27.20
C ASN B 1144 28.57 -47.15 26.71
N VAL B 1145 28.42 -46.82 25.44
CA VAL B 1145 27.11 -46.76 24.78
C VAL B 1145 26.26 -47.96 25.15
N GLY B 1146 24.99 -47.71 25.47
CA GLY B 1146 24.09 -48.72 25.97
C GLY B 1146 23.31 -48.16 27.14
N ILE B 1147 22.54 -49.04 27.80
CA ILE B 1147 21.76 -48.62 28.95
C ILE B 1147 22.67 -48.22 30.11
N ARG B 1148 23.74 -48.99 30.34
CA ARG B 1148 24.58 -48.79 31.51
C ARG B 1148 25.62 -47.69 31.34
N GLY B 1149 25.75 -47.11 30.14
CA GLY B 1149 26.62 -45.99 29.92
C GLY B 1149 25.90 -44.67 30.13
N TYR B 1150 26.56 -43.60 29.72
CA TYR B 1150 25.96 -42.26 29.80
C TYR B 1150 26.79 -41.32 28.93
N MET B 1151 26.54 -40.03 29.07
CA MET B 1151 27.34 -39.01 28.42
C MET B 1151 27.66 -37.91 29.42
N TYR B 1152 28.88 -37.40 29.37
CA TYR B 1152 29.32 -36.40 30.32
C TYR B 1152 30.06 -35.30 29.57
N LEU B 1153 30.57 -34.33 30.32
CA LEU B 1153 31.29 -33.20 29.75
C LEU B 1153 32.68 -33.14 30.37
N LYS B 1154 33.70 -33.19 29.52
CA LYS B 1154 35.08 -33.16 29.96
C LYS B 1154 35.85 -32.13 29.16
N GLY B 1155 36.82 -31.49 29.82
CA GLY B 1155 37.64 -30.50 29.19
C GLY B 1155 39.10 -30.66 29.55
N PRO B 1156 39.93 -29.68 29.17
CA PRO B 1156 39.60 -28.47 28.41
C PRO B 1156 39.44 -28.78 26.92
N ARG B 1157 38.85 -27.86 26.15
CA ARG B 1157 38.65 -28.12 24.73
C ARG B 1157 39.96 -28.26 23.99
N GLY B 1158 40.93 -27.39 24.28
CA GLY B 1158 42.20 -27.40 23.60
C GLY B 1158 42.56 -26.00 23.14
N SER B 1159 43.39 -25.94 22.11
CA SER B 1159 43.84 -24.66 21.59
C SER B 1159 44.22 -24.79 20.13
N VAL B 1160 43.81 -23.81 19.33
CA VAL B 1160 44.18 -23.69 17.93
C VAL B 1160 44.85 -22.34 17.75
N MET B 1161 46.10 -22.34 17.32
CA MET B 1161 46.92 -21.15 17.35
C MET B 1161 47.67 -20.95 16.04
N THR B 1162 47.91 -19.68 15.72
CA THR B 1162 48.84 -19.27 14.68
C THR B 1162 49.55 -18.05 15.23
N THR B 1163 50.85 -18.19 15.48
CA THR B 1163 51.60 -17.17 16.22
C THR B 1163 51.49 -15.82 15.53
N ASN B 1164 51.22 -14.78 16.31
CA ASN B 1164 51.07 -13.39 15.89
C ASN B 1164 49.79 -13.16 15.09
N ILE B 1165 48.92 -14.16 14.97
CA ILE B 1165 47.69 -13.98 14.22
C ILE B 1165 46.47 -14.29 15.10
N TYR B 1166 46.38 -15.51 15.61
CA TYR B 1166 45.20 -15.85 16.41
C TYR B 1166 45.50 -16.97 17.39
N LEU B 1167 44.63 -17.08 18.39
CA LEU B 1167 44.71 -18.16 19.38
C LEU B 1167 43.30 -18.35 19.93
N ASN B 1168 42.58 -19.34 19.43
CA ASN B 1168 41.21 -19.58 19.83
C ASN B 1168 41.03 -21.03 20.22
N SER B 1169 40.18 -21.26 21.21
CA SER B 1169 39.93 -22.62 21.67
C SER B 1169 39.27 -23.44 20.57
N SER B 1170 39.72 -24.69 20.43
CA SER B 1170 39.18 -25.56 19.40
C SER B 1170 37.73 -25.89 19.68
N LEU B 1171 36.94 -26.03 18.61
CA LEU B 1171 35.51 -26.31 18.73
C LEU B 1171 35.11 -27.68 18.21
N TYR B 1172 35.78 -28.19 17.17
CA TYR B 1172 35.41 -29.49 16.58
C TYR B 1172 35.87 -30.62 17.51
N ARG B 1173 35.23 -30.69 18.67
CA ARG B 1173 35.57 -31.67 19.68
C ARG B 1173 34.32 -32.39 20.17
N GLY B 1174 34.49 -33.63 20.59
CA GLY B 1174 33.41 -34.39 21.19
C GLY B 1174 32.65 -35.23 20.19
N ALA B 1175 31.52 -35.76 20.68
CA ALA B 1175 30.66 -36.62 19.88
C ALA B 1175 29.64 -35.76 19.14
N LYS B 1176 29.50 -36.00 17.84
CA LYS B 1176 28.66 -35.18 17.00
C LYS B 1176 27.20 -35.59 17.12
N PHE B 1177 26.32 -34.58 17.16
CA PHE B 1177 24.88 -34.79 17.25
C PHE B 1177 24.26 -34.55 15.89
N ILE B 1178 23.35 -35.44 15.50
CA ILE B 1178 22.59 -35.26 14.27
C ILE B 1178 21.11 -35.30 14.63
N ILE B 1179 20.31 -34.61 13.83
CA ILE B 1179 18.88 -34.43 14.09
C ILE B 1179 18.10 -35.13 12.99
N LYS B 1180 17.40 -36.19 13.36
CA LYS B 1180 16.63 -36.97 12.36
C LYS B 1180 15.18 -36.53 12.50
N LYS B 1181 14.43 -36.39 11.40
CA LYS B 1181 13.05 -35.87 11.50
C LYS B 1181 12.17 -36.87 12.25
N TYR B 1182 11.02 -36.44 12.76
CA TYR B 1182 10.07 -37.39 13.40
C TYR B 1182 8.69 -37.10 12.90
N ALA B 1183 8.26 -35.83 12.95
CA ALA B 1183 6.89 -35.49 12.61
C ALA B 1183 6.80 -34.20 11.82
N SER B 1184 7.88 -33.76 11.19
CA SER B 1184 7.86 -32.54 10.40
C SER B 1184 7.30 -32.83 9.01
N GLY B 1185 6.15 -32.23 8.68
CA GLY B 1185 5.55 -32.43 7.38
C GLY B 1185 6.21 -31.67 6.26
N ASN B 1186 7.02 -30.66 6.59
CA ASN B 1186 7.72 -29.90 5.56
C ASN B 1186 8.77 -30.79 4.89
N LYS B 1187 8.82 -30.72 3.56
CA LYS B 1187 9.74 -31.57 2.81
C LYS B 1187 11.18 -31.09 2.84
N ASP B 1188 11.42 -29.83 3.19
CA ASP B 1188 12.79 -29.35 3.32
C ASP B 1188 13.39 -29.81 4.64
N ASN B 1189 14.73 -29.81 4.69
CA ASN B 1189 15.46 -30.29 5.84
C ASN B 1189 15.72 -29.19 6.88
N ILE B 1190 15.05 -28.05 6.76
CA ILE B 1190 15.21 -26.95 7.70
C ILE B 1190 14.31 -27.20 8.91
N VAL B 1191 14.90 -27.14 10.09
CA VAL B 1191 14.15 -27.31 11.33
C VAL B 1191 13.61 -25.95 11.77
N ARG B 1192 12.47 -25.96 12.44
CA ARG B 1192 11.81 -24.74 12.89
C ARG B 1192 11.41 -24.89 14.35
N ASN B 1193 10.84 -23.81 14.90
CA ASN B 1193 10.46 -23.79 16.31
C ASN B 1193 9.38 -24.83 16.60
N ASN B 1194 9.47 -25.38 17.82
CA ASN B 1194 8.49 -26.37 18.32
C ASN B 1194 8.43 -27.63 17.45
N ASP B 1195 9.44 -27.86 16.60
CA ASP B 1195 9.46 -29.13 15.83
C ASP B 1195 9.70 -30.28 16.81
N ARG B 1196 9.27 -31.49 16.46
CA ARG B 1196 9.60 -32.65 17.32
C ARG B 1196 10.68 -33.41 16.56
N VAL B 1197 11.77 -33.81 17.20
CA VAL B 1197 12.87 -34.42 16.41
C VAL B 1197 13.53 -35.54 17.18
N TYR B 1198 14.22 -36.44 16.48
CA TYR B 1198 15.05 -37.41 17.17
C TYR B 1198 16.50 -36.94 17.15
N ILE B 1199 17.26 -37.33 18.17
CA ILE B 1199 18.67 -36.96 18.28
C ILE B 1199 19.50 -38.22 18.23
N ASN B 1200 20.51 -38.24 17.36
CA ASN B 1200 21.45 -39.34 17.27
C ASN B 1200 22.84 -38.85 17.63
N VAL B 1201 23.58 -39.64 18.38
CA VAL B 1201 24.96 -39.35 18.73
C VAL B 1201 25.85 -40.36 18.02
N VAL B 1202 26.96 -39.88 17.47
CA VAL B 1202 27.88 -40.73 16.73
C VAL B 1202 29.02 -41.14 17.64
N VAL B 1203 29.23 -42.46 17.75
CA VAL B 1203 30.36 -43.03 18.46
C VAL B 1203 30.99 -44.07 17.54
N LYS B 1204 32.28 -43.92 17.27
CA LYS B 1204 33.01 -44.81 16.38
C LYS B 1204 32.31 -44.95 15.03
N ASN B 1205 31.89 -43.80 14.49
CA ASN B 1205 31.17 -43.73 13.21
C ASN B 1205 29.93 -44.64 13.21
N LYS B 1206 29.28 -44.77 14.36
CA LYS B 1206 28.03 -45.52 14.45
C LYS B 1206 27.04 -44.70 15.26
N GLU B 1207 25.78 -44.72 14.83
CA GLU B 1207 24.76 -43.85 15.39
C GLU B 1207 24.01 -44.54 16.52
N TYR B 1208 23.78 -43.80 17.60
CA TYR B 1208 23.02 -44.28 18.75
C TYR B 1208 21.94 -43.27 19.08
N ARG B 1209 20.71 -43.76 19.27
CA ARG B 1209 19.61 -42.89 19.62
C ARG B 1209 19.79 -42.34 21.03
N LEU B 1210 19.44 -41.08 21.21
CA LEU B 1210 19.61 -40.35 22.47
C LEU B 1210 18.38 -40.54 23.33
N ALA B 1211 18.42 -41.50 24.25
CA ALA B 1211 17.23 -41.86 24.99
C ALA B 1211 17.56 -42.04 26.46
N THR B 1212 16.52 -42.16 27.27
CA THR B 1212 16.67 -42.34 28.71
C THR B 1212 15.45 -43.06 29.26
N ASN B 1213 15.61 -43.62 30.44
CA ASN B 1213 14.51 -44.24 31.18
C ASN B 1213 14.07 -43.28 32.28
N ALA B 1214 12.81 -42.88 32.26
CA ALA B 1214 12.33 -41.83 33.15
C ALA B 1214 11.83 -42.34 34.50
N SER B 1215 11.94 -43.64 34.76
CA SER B 1215 11.43 -44.21 36.00
C SER B 1215 12.45 -44.20 37.13
N GLN B 1216 13.70 -43.84 36.85
CA GLN B 1216 14.71 -43.83 37.90
C GLN B 1216 14.41 -42.75 38.93
N ALA B 1217 14.79 -43.03 40.18
CA ALA B 1217 14.47 -42.14 41.28
C ALA B 1217 15.18 -40.81 41.14
N GLY B 1218 14.57 -39.77 41.71
CA GLY B 1218 15.11 -38.43 41.65
C GLY B 1218 14.62 -37.67 40.43
N VAL B 1219 14.68 -36.34 40.54
CA VAL B 1219 14.23 -35.49 39.45
C VAL B 1219 15.15 -35.65 38.24
N GLU B 1220 16.45 -35.85 38.48
CA GLU B 1220 17.41 -35.95 37.40
C GLU B 1220 17.22 -37.24 36.62
N LYS B 1221 17.18 -37.13 35.29
CA LYS B 1221 17.05 -38.26 34.39
C LYS B 1221 18.28 -38.28 33.50
N ILE B 1222 19.27 -39.09 33.84
CA ILE B 1222 20.53 -39.12 33.11
C ILE B 1222 20.31 -39.66 31.71
N LEU B 1223 20.83 -38.96 30.72
CA LEU B 1223 20.68 -39.38 29.33
C LEU B 1223 21.65 -40.50 28.99
N SER B 1224 21.31 -41.24 27.93
CA SER B 1224 22.10 -42.38 27.50
C SER B 1224 21.99 -42.52 25.98
N ALA B 1225 22.91 -43.28 25.42
CA ALA B 1225 22.92 -43.61 24.00
C ALA B 1225 22.64 -45.09 23.82
N LEU B 1226 21.63 -45.41 23.03
CA LEU B 1226 21.22 -46.81 22.85
C LEU B 1226 21.20 -47.15 21.37
N GLU B 1227 21.49 -48.42 21.06
CA GLU B 1227 21.45 -48.88 19.69
C GLU B 1227 20.07 -48.66 19.09
N ILE B 1228 20.03 -48.16 17.87
CA ILE B 1228 18.80 -47.70 17.22
C ILE B 1228 17.70 -48.76 17.29
N PRO B 1229 18.00 -50.06 17.10
CA PRO B 1229 17.01 -51.07 17.46
C PRO B 1229 16.86 -51.23 18.97
N ASP B 1230 16.43 -50.17 19.64
CA ASP B 1230 16.22 -50.15 21.08
C ASP B 1230 14.75 -50.43 21.39
N VAL B 1231 14.38 -50.23 22.65
CA VAL B 1231 13.00 -50.37 23.09
C VAL B 1231 12.32 -49.01 22.97
N GLY B 1232 11.19 -48.97 22.24
CA GLY B 1232 10.47 -47.73 22.08
C GLY B 1232 9.83 -47.19 23.34
N ASN B 1233 9.79 -47.99 24.41
CA ASN B 1233 9.23 -47.53 25.68
C ASN B 1233 10.04 -46.42 26.31
N LEU B 1234 11.31 -46.27 25.93
CA LEU B 1234 12.16 -45.25 26.52
C LEU B 1234 11.92 -43.90 25.86
N SER B 1235 11.88 -42.84 26.68
CA SER B 1235 11.60 -41.51 26.20
C SER B 1235 12.72 -41.04 25.28
N GLN B 1236 12.40 -40.72 24.03
CA GLN B 1236 13.40 -40.31 23.07
C GLN B 1236 13.02 -39.10 22.23
N VAL B 1237 11.74 -38.79 22.07
CA VAL B 1237 11.32 -37.69 21.20
C VAL B 1237 11.68 -36.36 21.85
N VAL B 1238 12.36 -35.50 21.10
CA VAL B 1238 12.87 -34.23 21.61
C VAL B 1238 12.19 -33.11 20.85
N VAL B 1239 11.56 -32.19 21.57
CA VAL B 1239 10.96 -31.01 20.95
C VAL B 1239 11.96 -29.87 21.06
N MET B 1240 12.32 -29.29 19.91
CA MET B 1240 13.27 -28.21 19.84
C MET B 1240 12.53 -26.87 19.88
N LYS B 1241 13.03 -25.96 20.71
CA LYS B 1241 12.45 -24.64 20.87
C LYS B 1241 13.53 -23.58 20.76
N SER B 1242 13.15 -22.40 20.27
CA SER B 1242 14.04 -21.26 20.18
C SER B 1242 13.42 -19.98 20.71
N LYS B 1243 12.23 -20.06 21.30
CA LYS B 1243 11.55 -18.89 21.85
C LYS B 1243 10.99 -19.22 23.23
N ASN B 1244 10.81 -18.18 24.04
CA ASN B 1244 10.27 -18.34 25.38
C ASN B 1244 8.75 -18.22 25.38
N ILE B 1248 10.77 -13.27 23.15
CA ILE B 1248 12.16 -13.30 23.56
C ILE B 1248 12.76 -14.67 23.24
N THR B 1249 13.94 -14.67 22.62
CA THR B 1249 14.59 -15.88 22.15
C THR B 1249 15.82 -16.18 23.01
N ASN B 1250 15.96 -17.43 23.42
CA ASN B 1250 17.09 -17.87 24.23
C ASN B 1250 17.75 -19.05 23.54
N LYS B 1251 18.67 -18.75 22.61
CA LYS B 1251 19.48 -19.75 21.91
C LYS B 1251 18.63 -20.88 21.34
N CYS B 1252 19.13 -22.12 21.47
CA CYS B 1252 18.45 -23.30 20.95
C CYS B 1252 18.38 -24.33 22.04
N LYS B 1253 17.16 -24.66 22.48
CA LYS B 1253 16.97 -25.56 23.60
C LYS B 1253 16.22 -26.81 23.17
N MET B 1254 16.55 -27.93 23.82
CA MET B 1254 15.92 -29.20 23.57
C MET B 1254 15.12 -29.61 24.78
N ASN B 1255 13.94 -30.18 24.56
CA ASN B 1255 13.06 -30.60 25.64
C ASN B 1255 12.69 -32.06 25.40
N LEU B 1256 13.19 -32.94 26.25
CA LEU B 1256 12.82 -34.34 26.20
C LEU B 1256 11.38 -34.50 26.65
N GLN B 1257 10.60 -35.24 25.85
CA GLN B 1257 9.20 -35.53 26.13
C GLN B 1257 9.00 -37.03 26.23
N ASP B 1258 8.08 -37.43 27.10
CA ASP B 1258 7.69 -38.82 27.18
C ASP B 1258 6.86 -39.20 25.95
N ASN B 1259 6.65 -40.51 25.78
CA ASN B 1259 5.85 -40.98 24.66
C ASN B 1259 4.38 -40.60 24.80
N ASN B 1260 3.93 -40.27 26.01
CA ASN B 1260 2.53 -39.95 26.26
C ASN B 1260 2.25 -38.46 26.28
N GLY B 1261 3.24 -37.63 25.92
CA GLY B 1261 3.07 -36.20 25.90
C GLY B 1261 3.51 -35.49 27.16
N ASN B 1262 3.78 -36.22 28.24
CA ASN B 1262 4.31 -35.60 29.44
C ASN B 1262 5.72 -35.09 29.19
N ASP B 1263 6.04 -33.93 29.79
CA ASP B 1263 7.32 -33.28 29.58
C ASP B 1263 8.34 -33.84 30.56
N ILE B 1264 9.30 -34.62 30.05
CA ILE B 1264 10.41 -35.05 30.90
C ILE B 1264 11.24 -33.86 31.34
N GLY B 1265 11.52 -32.94 30.41
CA GLY B 1265 12.15 -31.70 30.80
C GLY B 1265 13.24 -31.22 29.86
N PHE B 1266 13.84 -30.08 30.16
CA PHE B 1266 14.87 -29.54 29.28
C PHE B 1266 16.15 -30.33 29.41
N ILE B 1267 16.83 -30.52 28.28
CA ILE B 1267 18.14 -31.14 28.31
C ILE B 1267 19.15 -30.18 28.96
N GLY B 1268 20.18 -30.77 29.57
CA GLY B 1268 21.17 -29.98 30.27
C GLY B 1268 22.15 -30.91 30.96
N PHE B 1269 22.94 -30.35 31.86
CA PHE B 1269 23.95 -31.15 32.54
C PHE B 1269 23.83 -30.97 34.05
N HIS B 1270 23.97 -32.06 34.80
CA HIS B 1270 23.99 -32.04 36.25
C HIS B 1270 25.29 -32.68 36.72
N GLN B 1271 25.91 -32.08 37.74
CA GLN B 1271 27.14 -32.61 38.30
C GLN B 1271 26.86 -33.82 39.18
N PHE B 1272 26.21 -34.84 38.60
CA PHE B 1272 25.89 -36.06 39.35
C PHE B 1272 27.18 -36.70 39.84
N ASN B 1273 27.47 -36.56 41.13
CA ASN B 1273 28.76 -36.91 41.68
C ASN B 1273 29.88 -36.24 40.87
N ASN B 1274 31.10 -36.77 40.97
CA ASN B 1274 32.27 -36.22 40.28
C ASN B 1274 32.03 -36.01 38.79
N ILE B 1275 31.47 -37.00 38.11
CA ILE B 1275 31.30 -36.95 36.66
C ILE B 1275 30.09 -36.06 36.35
N ALA B 1276 30.25 -35.03 35.53
CA ALA B 1276 29.17 -34.12 35.17
C ALA B 1276 28.38 -34.72 34.02
N LYS B 1277 27.30 -35.42 34.34
CA LYS B 1277 26.52 -36.15 33.35
C LYS B 1277 25.52 -35.23 32.67
N LEU B 1278 24.93 -35.73 31.58
CA LEU B 1278 23.85 -35.05 30.90
C LEU B 1278 22.52 -35.59 31.40
N VAL B 1279 21.58 -34.69 31.67
CA VAL B 1279 20.29 -35.05 32.24
C VAL B 1279 19.19 -34.26 31.56
N ALA B 1280 18.00 -34.84 31.53
CA ALA B 1280 16.78 -34.15 31.15
C ALA B 1280 16.10 -33.74 32.46
N SER B 1281 16.24 -32.48 32.83
CA SER B 1281 15.80 -31.99 34.13
C SER B 1281 14.59 -31.08 33.96
N ASN B 1282 13.66 -31.18 34.92
CA ASN B 1282 12.51 -30.28 34.95
C ASN B 1282 12.78 -29.01 35.74
N TRP B 1283 13.93 -28.93 36.42
CA TRP B 1283 14.32 -27.67 37.05
C TRP B 1283 14.53 -26.59 35.99
N TYR B 1284 15.16 -26.94 34.87
CA TYR B 1284 15.38 -25.98 33.80
C TYR B 1284 14.07 -25.50 33.20
N ASN B 1285 12.99 -26.28 33.32
CA ASN B 1285 11.69 -25.83 32.85
C ASN B 1285 11.08 -24.76 33.74
N ARG B 1286 11.66 -24.48 34.89
CA ARG B 1286 11.13 -23.53 35.86
C ARG B 1286 11.92 -22.22 35.87
N GLN B 1287 12.31 -21.76 34.68
CA GLN B 1287 13.04 -20.50 34.54
C GLN B 1287 12.32 -19.33 35.22
N LEU B 1295 20.85 -21.33 34.03
CA LEU B 1295 21.34 -21.69 32.70
C LEU B 1295 21.72 -23.16 32.64
N GLY B 1296 22.50 -23.53 31.63
CA GLY B 1296 22.84 -24.90 31.37
C GLY B 1296 21.89 -25.62 30.44
N CYS B 1297 20.76 -25.00 30.07
CA CYS B 1297 19.83 -25.57 29.12
C CYS B 1297 19.94 -24.92 27.74
N SER B 1298 20.97 -24.12 27.51
CA SER B 1298 21.21 -23.48 26.23
C SER B 1298 22.42 -24.13 25.56
N TRP B 1299 22.27 -24.49 24.30
CA TRP B 1299 23.29 -25.23 23.58
C TRP B 1299 23.63 -24.53 22.28
N GLU B 1300 24.77 -24.89 21.71
CA GLU B 1300 25.23 -24.36 20.44
C GLU B 1300 25.67 -25.51 19.57
N PHE B 1301 25.23 -25.50 18.31
CA PHE B 1301 25.57 -26.52 17.33
C PHE B 1301 26.66 -25.96 16.42
N ILE B 1302 27.82 -26.60 16.41
CA ILE B 1302 28.96 -26.16 15.62
C ILE B 1302 29.15 -27.15 14.47
N PRO B 1303 28.79 -26.80 13.24
CA PRO B 1303 29.09 -27.66 12.10
C PRO B 1303 30.45 -27.32 11.50
N VAL B 1304 30.98 -28.29 10.76
CA VAL B 1304 32.27 -28.11 10.11
C VAL B 1304 32.14 -27.04 9.04
N ASP B 1305 32.90 -25.95 9.17
CA ASP B 1305 32.83 -24.83 8.25
C ASP B 1305 34.21 -24.54 7.68
N ASP B 1306 34.24 -24.05 6.45
CA ASP B 1306 35.48 -23.76 5.75
C ASP B 1306 36.02 -22.37 6.07
N GLY B 1307 35.35 -21.62 6.93
CA GLY B 1307 35.86 -20.31 7.33
C GLY B 1307 36.55 -20.36 8.68
N TRP B 1308 36.43 -21.48 9.38
CA TRP B 1308 37.06 -21.62 10.69
C TRP B 1308 38.49 -22.13 10.58
N GLY B 1309 38.75 -23.06 9.67
CA GLY B 1309 40.11 -23.49 9.39
C GLY B 1309 40.70 -24.52 10.32
N GLU B 1310 39.93 -25.01 11.29
CA GLU B 1310 40.40 -26.08 12.15
C GLU B 1310 40.20 -27.43 11.45
N ARG B 1311 41.21 -28.30 11.57
CA ARG B 1311 41.14 -29.62 10.95
C ARG B 1311 40.53 -30.61 11.94
N PRO B 1312 39.40 -31.23 11.61
CA PRO B 1312 38.77 -32.21 12.51
C PRO B 1312 39.53 -33.54 12.54
N LEU B 1313 40.51 -33.62 13.43
CA LEU B 1313 41.32 -34.82 13.57
C LEU B 1313 40.47 -36.03 13.96
#